data_2GSV
# 
_entry.id   2GSV 
# 
_audit_conform.dict_name       mmcif_pdbx.dic 
_audit_conform.dict_version    5.398 
_audit_conform.dict_location   http://mmcif.pdb.org/dictionaries/ascii/mmcif_pdbx.dic 
# 
loop_
_database_2.database_id 
_database_2.database_code 
_database_2.pdbx_database_accession 
_database_2.pdbx_DOI 
PDB   2GSV         pdb_00002gsv 10.2210/pdb2gsv/pdb 
RCSB  RCSB037507   ?            ?                   
WWPDB D_1000037507 ?            ?                   
# 
loop_
_pdbx_audit_revision_history.ordinal 
_pdbx_audit_revision_history.data_content_type 
_pdbx_audit_revision_history.major_revision 
_pdbx_audit_revision_history.minor_revision 
_pdbx_audit_revision_history.revision_date 
1 'Structure model' 1 0 2006-05-09 
2 'Structure model' 1 1 2008-05-01 
3 'Structure model' 1 2 2011-07-13 
4 'Structure model' 1 3 2017-10-18 
5 'Structure model' 1 4 2024-11-06 
# 
_pdbx_audit_revision_details.ordinal             1 
_pdbx_audit_revision_details.revision_ordinal    1 
_pdbx_audit_revision_details.data_content_type   'Structure model' 
_pdbx_audit_revision_details.provider            repository 
_pdbx_audit_revision_details.type                'Initial release' 
_pdbx_audit_revision_details.description         ? 
_pdbx_audit_revision_details.details             ? 
# 
loop_
_pdbx_audit_revision_group.ordinal 
_pdbx_audit_revision_group.revision_ordinal 
_pdbx_audit_revision_group.data_content_type 
_pdbx_audit_revision_group.group 
1 2 'Structure model' 'Version format compliance' 
2 3 'Structure model' 'Version format compliance' 
3 4 'Structure model' 'Refinement description'    
4 5 'Structure model' 'Data collection'           
5 5 'Structure model' 'Database references'       
6 5 'Structure model' 'Derived calculations'      
7 5 'Structure model' 'Structure summary'         
# 
loop_
_pdbx_audit_revision_category.ordinal 
_pdbx_audit_revision_category.revision_ordinal 
_pdbx_audit_revision_category.data_content_type 
_pdbx_audit_revision_category.category 
1 4 'Structure model' software                  
2 5 'Structure model' chem_comp_atom            
3 5 'Structure model' chem_comp_bond            
4 5 'Structure model' database_2                
5 5 'Structure model' pdbx_entry_details        
6 5 'Structure model' pdbx_modification_feature 
7 5 'Structure model' struct_conn               
8 5 'Structure model' struct_ref_seq_dif        
9 5 'Structure model' struct_site               
# 
loop_
_pdbx_audit_revision_item.ordinal 
_pdbx_audit_revision_item.revision_ordinal 
_pdbx_audit_revision_item.data_content_type 
_pdbx_audit_revision_item.item 
1 4 'Structure model' '_software.name'                      
2 5 'Structure model' '_database_2.pdbx_DOI'                
3 5 'Structure model' '_database_2.pdbx_database_accession' 
4 5 'Structure model' '_struct_conn.pdbx_leaving_atom_flag' 
5 5 'Structure model' '_struct_ref_seq_dif.details'         
6 5 'Structure model' '_struct_site.pdbx_auth_asym_id'      
7 5 'Structure model' '_struct_site.pdbx_auth_comp_id'      
8 5 'Structure model' '_struct_site.pdbx_auth_seq_id'       
# 
_pdbx_database_status.status_code                     REL 
_pdbx_database_status.entry_id                        2GSV 
_pdbx_database_status.recvd_initial_deposition_date   2006-04-26 
_pdbx_database_status.deposit_site                    RCSB 
_pdbx_database_status.process_site                    RCSB 
_pdbx_database_status.status_code_sf                  REL 
_pdbx_database_status.status_code_mr                  ? 
_pdbx_database_status.SG_entry                        Y 
_pdbx_database_status.pdb_format_compatible           Y 
_pdbx_database_status.status_code_cs                  ? 
_pdbx_database_status.methods_development_category    ? 
_pdbx_database_status.status_code_nmr_data            ? 
# 
_pdbx_database_related.db_name        TargetDB 
_pdbx_database_related.db_id          SR478 
_pdbx_database_related.details        . 
_pdbx_database_related.content_type   unspecified 
# 
loop_
_audit_author.name 
_audit_author.pdbx_ordinal 
'Forouhar, F.'                                    1  
'Su, M.'                                          2  
'Jayaraman, S.'                                   3  
'Wang, D.'                                        4  
'Fang, Y.'                                        5  
'Cunningham, K.'                                  6  
'Conover, K.'                                     7  
'Ma, L.-C.'                                       8  
'Xiao, R.'                                        9  
'Acton, T.B.'                                     10 
'Montelione, G.T.'                                11 
'Tong, L.'                                        12 
'Hunt, J.F.'                                      13 
'Northeast Structural Genomics Consortium (NESG)' 14 
# 
_citation.id                        primary 
_citation.title                     
'Crystal Structure of the Hypothetical Protein YvfG from Bacillus subtilis, Northeast Structural Genomics Target SR478' 
_citation.journal_abbrev            'To be Published' 
_citation.journal_volume            ? 
_citation.page_first                ? 
_citation.page_last                 ? 
_citation.year                      ? 
_citation.journal_id_ASTM           ? 
_citation.country                   ? 
_citation.journal_id_ISSN           ? 
_citation.journal_id_CSD            0353 
_citation.book_publisher            ? 
_citation.pdbx_database_id_PubMed   ? 
_citation.pdbx_database_id_DOI      ? 
# 
loop_
_citation_author.citation_id 
_citation_author.name 
_citation_author.ordinal 
_citation_author.identifier_ORCID 
primary 'Forouhar, F.'     1  ? 
primary 'Su, M.'           2  ? 
primary 'Jayaraman, S.'    3  ? 
primary 'Wang, D.'         4  ? 
primary 'Fang, Y.'         5  ? 
primary 'Cunningham, K.'   6  ? 
primary 'Conover, K.'      7  ? 
primary 'Ma, L.-C.'        8  ? 
primary 'Xiao, R.'         9  ? 
primary 'Acton, T.B.'      10 ? 
primary 'Montelione, G.T.' 11 ? 
primary 'Tong, L.'         12 ? 
primary 'Hunt, J.F.'       13 ? 
# 
loop_
_entity.id 
_entity.type 
_entity.src_method 
_entity.pdbx_description 
_entity.formula_weight 
_entity.pdbx_number_of_molecules 
_entity.pdbx_ec 
_entity.pdbx_mutation 
_entity.pdbx_fragment 
_entity.details 
1 polymer     man 'Hypothetical protein yvfG' 9696.514 2  ? ? ? ? 
2 non-polymer syn 'SULFATE ION'               96.063   2  ? ? ? ? 
3 water       nat water                       18.015   75 ? ? ? ? 
# 
_entity_poly.entity_id                      1 
_entity_poly.type                           'polypeptide(L)' 
_entity_poly.nstd_linkage                   no 
_entity_poly.nstd_monomer                   yes 
_entity_poly.pdbx_seq_one_letter_code       
;(MSE)SELFSVPYFIENLKQHIE(MSE)NQSEDKIHA(MSE)NSYYRSVVSTLVQDQLTKNAVVLKRIQHLDEAYNKVKR
GESKLEHHHHHH
;
_entity_poly.pdbx_seq_one_letter_code_can   MSELFSVPYFIENLKQHIEMNQSEDKIHAMNSYYRSVVSTLVQDQLTKNAVVLKRIQHLDEAYNKVKRGESKLEHHHHHH 
_entity_poly.pdbx_strand_id                 A,B 
_entity_poly.pdbx_target_identifier         SR478 
# 
loop_
_pdbx_entity_nonpoly.entity_id 
_pdbx_entity_nonpoly.name 
_pdbx_entity_nonpoly.comp_id 
2 'SULFATE ION' SO4 
3 water         HOH 
# 
loop_
_entity_poly_seq.entity_id 
_entity_poly_seq.num 
_entity_poly_seq.mon_id 
_entity_poly_seq.hetero 
1 1  MSE n 
1 2  SER n 
1 3  GLU n 
1 4  LEU n 
1 5  PHE n 
1 6  SER n 
1 7  VAL n 
1 8  PRO n 
1 9  TYR n 
1 10 PHE n 
1 11 ILE n 
1 12 GLU n 
1 13 ASN n 
1 14 LEU n 
1 15 LYS n 
1 16 GLN n 
1 17 HIS n 
1 18 ILE n 
1 19 GLU n 
1 20 MSE n 
1 21 ASN n 
1 22 GLN n 
1 23 SER n 
1 24 GLU n 
1 25 ASP n 
1 26 LYS n 
1 27 ILE n 
1 28 HIS n 
1 29 ALA n 
1 30 MSE n 
1 31 ASN n 
1 32 SER n 
1 33 TYR n 
1 34 TYR n 
1 35 ARG n 
1 36 SER n 
1 37 VAL n 
1 38 VAL n 
1 39 SER n 
1 40 THR n 
1 41 LEU n 
1 42 VAL n 
1 43 GLN n 
1 44 ASP n 
1 45 GLN n 
1 46 LEU n 
1 47 THR n 
1 48 LYS n 
1 49 ASN n 
1 50 ALA n 
1 51 VAL n 
1 52 VAL n 
1 53 LEU n 
1 54 LYS n 
1 55 ARG n 
1 56 ILE n 
1 57 GLN n 
1 58 HIS n 
1 59 LEU n 
1 60 ASP n 
1 61 GLU n 
1 62 ALA n 
1 63 TYR n 
1 64 ASN n 
1 65 LYS n 
1 66 VAL n 
1 67 LYS n 
1 68 ARG n 
1 69 GLY n 
1 70 GLU n 
1 71 SER n 
1 72 LYS n 
1 73 LEU n 
1 74 GLU n 
1 75 HIS n 
1 76 HIS n 
1 77 HIS n 
1 78 HIS n 
1 79 HIS n 
1 80 HIS n 
# 
_entity_src_gen.entity_id                          1 
_entity_src_gen.pdbx_src_id                        1 
_entity_src_gen.pdbx_alt_source_flag               sample 
_entity_src_gen.pdbx_seq_type                      ? 
_entity_src_gen.pdbx_beg_seq_num                   ? 
_entity_src_gen.pdbx_end_seq_num                   ? 
_entity_src_gen.gene_src_common_name               ? 
_entity_src_gen.gene_src_genus                     Bacillus 
_entity_src_gen.pdbx_gene_src_gene                 yvfG 
_entity_src_gen.gene_src_species                   ? 
_entity_src_gen.gene_src_strain                    168 
_entity_src_gen.gene_src_tissue                    ? 
_entity_src_gen.gene_src_tissue_fraction           ? 
_entity_src_gen.gene_src_details                   ? 
_entity_src_gen.pdbx_gene_src_fragment             ? 
_entity_src_gen.pdbx_gene_src_scientific_name      'Bacillus subtilis' 
_entity_src_gen.pdbx_gene_src_ncbi_taxonomy_id     1423 
_entity_src_gen.pdbx_gene_src_variant              ? 
_entity_src_gen.pdbx_gene_src_cell_line            ? 
_entity_src_gen.pdbx_gene_src_atcc                 ? 
_entity_src_gen.pdbx_gene_src_organ                ? 
_entity_src_gen.pdbx_gene_src_organelle            ? 
_entity_src_gen.pdbx_gene_src_cell                 ? 
_entity_src_gen.pdbx_gene_src_cellular_location    ? 
_entity_src_gen.host_org_common_name               ? 
_entity_src_gen.pdbx_host_org_scientific_name      'Escherichia coli' 
_entity_src_gen.pdbx_host_org_ncbi_taxonomy_id     562 
_entity_src_gen.host_org_genus                     Escherichia 
_entity_src_gen.pdbx_host_org_gene                 ? 
_entity_src_gen.pdbx_host_org_organ                ? 
_entity_src_gen.host_org_species                   ? 
_entity_src_gen.pdbx_host_org_tissue               ? 
_entity_src_gen.pdbx_host_org_tissue_fraction      ? 
_entity_src_gen.pdbx_host_org_strain               'BL21(DE3)+ Magic' 
_entity_src_gen.pdbx_host_org_variant              ? 
_entity_src_gen.pdbx_host_org_cell_line            ? 
_entity_src_gen.pdbx_host_org_atcc                 ? 
_entity_src_gen.pdbx_host_org_culture_collection   ? 
_entity_src_gen.pdbx_host_org_cell                 ? 
_entity_src_gen.pdbx_host_org_organelle            ? 
_entity_src_gen.pdbx_host_org_cellular_location    ? 
_entity_src_gen.pdbx_host_org_vector_type          PLASMID 
_entity_src_gen.pdbx_host_org_vector               ? 
_entity_src_gen.host_org_details                   ? 
_entity_src_gen.expression_system_id               ? 
_entity_src_gen.plasmid_name                       pET21 
_entity_src_gen.plasmid_details                    ? 
_entity_src_gen.pdbx_description                   ? 
# 
loop_
_chem_comp.id 
_chem_comp.type 
_chem_comp.mon_nstd_flag 
_chem_comp.name 
_chem_comp.pdbx_synonyms 
_chem_comp.formula 
_chem_comp.formula_weight 
ALA 'L-peptide linking' y ALANINE          ? 'C3 H7 N O2'     89.093  
ARG 'L-peptide linking' y ARGININE         ? 'C6 H15 N4 O2 1' 175.209 
ASN 'L-peptide linking' y ASPARAGINE       ? 'C4 H8 N2 O3'    132.118 
ASP 'L-peptide linking' y 'ASPARTIC ACID'  ? 'C4 H7 N O4'     133.103 
GLN 'L-peptide linking' y GLUTAMINE        ? 'C5 H10 N2 O3'   146.144 
GLU 'L-peptide linking' y 'GLUTAMIC ACID'  ? 'C5 H9 N O4'     147.129 
GLY 'peptide linking'   y GLYCINE          ? 'C2 H5 N O2'     75.067  
HIS 'L-peptide linking' y HISTIDINE        ? 'C6 H10 N3 O2 1' 156.162 
HOH non-polymer         . WATER            ? 'H2 O'           18.015  
ILE 'L-peptide linking' y ISOLEUCINE       ? 'C6 H13 N O2'    131.173 
LEU 'L-peptide linking' y LEUCINE          ? 'C6 H13 N O2'    131.173 
LYS 'L-peptide linking' y LYSINE           ? 'C6 H15 N2 O2 1' 147.195 
MET 'L-peptide linking' y METHIONINE       ? 'C5 H11 N O2 S'  149.211 
MSE 'L-peptide linking' n SELENOMETHIONINE ? 'C5 H11 N O2 Se' 196.106 
PHE 'L-peptide linking' y PHENYLALANINE    ? 'C9 H11 N O2'    165.189 
PRO 'L-peptide linking' y PROLINE          ? 'C5 H9 N O2'     115.130 
SER 'L-peptide linking' y SERINE           ? 'C3 H7 N O3'     105.093 
SO4 non-polymer         . 'SULFATE ION'    ? 'O4 S -2'        96.063  
THR 'L-peptide linking' y THREONINE        ? 'C4 H9 N O3'     119.119 
TYR 'L-peptide linking' y TYROSINE         ? 'C9 H11 N O3'    181.189 
VAL 'L-peptide linking' y VALINE           ? 'C5 H11 N O2'    117.146 
# 
loop_
_pdbx_poly_seq_scheme.asym_id 
_pdbx_poly_seq_scheme.entity_id 
_pdbx_poly_seq_scheme.seq_id 
_pdbx_poly_seq_scheme.mon_id 
_pdbx_poly_seq_scheme.ndb_seq_num 
_pdbx_poly_seq_scheme.pdb_seq_num 
_pdbx_poly_seq_scheme.auth_seq_num 
_pdbx_poly_seq_scheme.pdb_mon_id 
_pdbx_poly_seq_scheme.auth_mon_id 
_pdbx_poly_seq_scheme.pdb_strand_id 
_pdbx_poly_seq_scheme.pdb_ins_code 
_pdbx_poly_seq_scheme.hetero 
A 1 1  MSE 1  1  ?  ?   ?   A . n 
A 1 2  SER 2  2  ?  ?   ?   A . n 
A 1 3  GLU 3  3  3  GLU GLU A . n 
A 1 4  LEU 4  4  4  LEU LEU A . n 
A 1 5  PHE 5  5  5  PHE PHE A . n 
A 1 6  SER 6  6  6  SER SER A . n 
A 1 7  VAL 7  7  7  VAL VAL A . n 
A 1 8  PRO 8  8  8  PRO PRO A . n 
A 1 9  TYR 9  9  9  TYR TYR A . n 
A 1 10 PHE 10 10 10 PHE PHE A . n 
A 1 11 ILE 11 11 11 ILE ILE A . n 
A 1 12 GLU 12 12 12 GLU GLU A . n 
A 1 13 ASN 13 13 13 ASN ASN A . n 
A 1 14 LEU 14 14 14 LEU LEU A . n 
A 1 15 LYS 15 15 15 LYS LYS A . n 
A 1 16 GLN 16 16 16 GLN GLN A . n 
A 1 17 HIS 17 17 17 HIS HIS A . n 
A 1 18 ILE 18 18 18 ILE ILE A . n 
A 1 19 GLU 19 19 19 GLU GLU A . n 
A 1 20 MSE 20 20 20 MSE MSE A . n 
A 1 21 ASN 21 21 21 ASN ASN A . n 
A 1 22 GLN 22 22 22 GLN GLN A . n 
A 1 23 SER 23 23 23 SER SER A . n 
A 1 24 GLU 24 24 24 GLU GLU A . n 
A 1 25 ASP 25 25 25 ASP ASP A . n 
A 1 26 LYS 26 26 26 LYS LYS A . n 
A 1 27 ILE 27 27 27 ILE ILE A . n 
A 1 28 HIS 28 28 28 HIS HIS A . n 
A 1 29 ALA 29 29 29 ALA ALA A . n 
A 1 30 MSE 30 30 30 MSE MSE A . n 
A 1 31 ASN 31 31 31 ASN ASN A . n 
A 1 32 SER 32 32 32 SER SER A . n 
A 1 33 TYR 33 33 33 TYR TYR A . n 
A 1 34 TYR 34 34 34 TYR TYR A . n 
A 1 35 ARG 35 35 35 ARG ARG A . n 
A 1 36 SER 36 36 36 SER SER A . n 
A 1 37 VAL 37 37 37 VAL VAL A . n 
A 1 38 VAL 38 38 38 VAL VAL A . n 
A 1 39 SER 39 39 39 SER SER A . n 
A 1 40 THR 40 40 40 THR THR A . n 
A 1 41 LEU 41 41 41 LEU LEU A . n 
A 1 42 VAL 42 42 42 VAL VAL A . n 
A 1 43 GLN 43 43 43 GLN GLN A . n 
A 1 44 ASP 44 44 44 ASP ASP A . n 
A 1 45 GLN 45 45 45 GLN GLN A . n 
A 1 46 LEU 46 46 46 LEU LEU A . n 
A 1 47 THR 47 47 47 THR THR A . n 
A 1 48 LYS 48 48 48 LYS LYS A . n 
A 1 49 ASN 49 49 49 ASN ASN A . n 
A 1 50 ALA 50 50 50 ALA ALA A . n 
A 1 51 VAL 51 51 51 VAL VAL A . n 
A 1 52 VAL 52 52 52 VAL VAL A . n 
A 1 53 LEU 53 53 53 LEU LEU A . n 
A 1 54 LYS 54 54 54 LYS LYS A . n 
A 1 55 ARG 55 55 55 ARG ARG A . n 
A 1 56 ILE 56 56 56 ILE ILE A . n 
A 1 57 GLN 57 57 57 GLN GLN A . n 
A 1 58 HIS 58 58 58 HIS HIS A . n 
A 1 59 LEU 59 59 59 LEU LEU A . n 
A 1 60 ASP 60 60 60 ASP ASP A . n 
A 1 61 GLU 61 61 61 GLU GLU A . n 
A 1 62 ALA 62 62 62 ALA ALA A . n 
A 1 63 TYR 63 63 63 TYR TYR A . n 
A 1 64 ASN 64 64 64 ASN ASN A . n 
A 1 65 LYS 65 65 65 LYS LYS A . n 
A 1 66 VAL 66 66 66 VAL VAL A . n 
A 1 67 LYS 67 67 67 LYS LYS A . n 
A 1 68 ARG 68 68 68 ARG ARG A . n 
A 1 69 GLY 69 69 69 GLY GLY A . n 
A 1 70 GLU 70 70 ?  ?   ?   A . n 
A 1 71 SER 71 71 ?  ?   ?   A . n 
A 1 72 LYS 72 72 ?  ?   ?   A . n 
A 1 73 LEU 73 73 ?  ?   ?   A . n 
A 1 74 GLU 74 74 ?  ?   ?   A . n 
A 1 75 HIS 75 75 ?  ?   ?   A . n 
A 1 76 HIS 76 76 ?  ?   ?   A . n 
A 1 77 HIS 77 77 ?  ?   ?   A . n 
A 1 78 HIS 78 78 ?  ?   ?   A . n 
A 1 79 HIS 79 79 ?  ?   ?   A . n 
A 1 80 HIS 80 80 ?  ?   ?   A . n 
B 1 1  MSE 1  1  ?  ?   ?   B . n 
B 1 2  SER 2  2  2  SER SER B . n 
B 1 3  GLU 3  3  3  GLU GLU B . n 
B 1 4  LEU 4  4  4  LEU LEU B . n 
B 1 5  PHE 5  5  5  PHE PHE B . n 
B 1 6  SER 6  6  6  SER SER B . n 
B 1 7  VAL 7  7  7  VAL VAL B . n 
B 1 8  PRO 8  8  8  PRO PRO B . n 
B 1 9  TYR 9  9  9  TYR TYR B . n 
B 1 10 PHE 10 10 10 PHE PHE B . n 
B 1 11 ILE 11 11 11 ILE ILE B . n 
B 1 12 GLU 12 12 12 GLU GLU B . n 
B 1 13 ASN 13 13 13 ASN ASN B . n 
B 1 14 LEU 14 14 14 LEU LEU B . n 
B 1 15 LYS 15 15 15 LYS LYS B . n 
B 1 16 GLN 16 16 16 GLN GLN B . n 
B 1 17 HIS 17 17 17 HIS HIS B . n 
B 1 18 ILE 18 18 18 ILE ILE B . n 
B 1 19 GLU 19 19 19 GLU GLU B . n 
B 1 20 MSE 20 20 20 MSE MSE B . n 
B 1 21 ASN 21 21 21 ASN ASN B . n 
B 1 22 GLN 22 22 22 GLN GLN B . n 
B 1 23 SER 23 23 23 SER SER B . n 
B 1 24 GLU 24 24 24 GLU GLU B . n 
B 1 25 ASP 25 25 25 ASP ASP B . n 
B 1 26 LYS 26 26 26 LYS LYS B . n 
B 1 27 ILE 27 27 27 ILE ILE B . n 
B 1 28 HIS 28 28 28 HIS HIS B . n 
B 1 29 ALA 29 29 29 ALA ALA B . n 
B 1 30 MSE 30 30 30 MSE MSE B . n 
B 1 31 ASN 31 31 31 ASN ASN B . n 
B 1 32 SER 32 32 32 SER SER B . n 
B 1 33 TYR 33 33 33 TYR TYR B . n 
B 1 34 TYR 34 34 34 TYR TYR B . n 
B 1 35 ARG 35 35 35 ARG ARG B . n 
B 1 36 SER 36 36 36 SER SER B . n 
B 1 37 VAL 37 37 37 VAL VAL B . n 
B 1 38 VAL 38 38 38 VAL VAL B . n 
B 1 39 SER 39 39 39 SER SER B . n 
B 1 40 THR 40 40 40 THR THR B . n 
B 1 41 LEU 41 41 41 LEU LEU B . n 
B 1 42 VAL 42 42 42 VAL VAL B . n 
B 1 43 GLN 43 43 43 GLN GLN B . n 
B 1 44 ASP 44 44 44 ASP ASP B . n 
B 1 45 GLN 45 45 45 GLN GLN B . n 
B 1 46 LEU 46 46 46 LEU LEU B . n 
B 1 47 THR 47 47 47 THR THR B . n 
B 1 48 LYS 48 48 48 LYS LYS B . n 
B 1 49 ASN 49 49 49 ASN ASN B . n 
B 1 50 ALA 50 50 50 ALA ALA B . n 
B 1 51 VAL 51 51 51 VAL VAL B . n 
B 1 52 VAL 52 52 52 VAL VAL B . n 
B 1 53 LEU 53 53 53 LEU LEU B . n 
B 1 54 LYS 54 54 54 LYS LYS B . n 
B 1 55 ARG 55 55 55 ARG ARG B . n 
B 1 56 ILE 56 56 56 ILE ILE B . n 
B 1 57 GLN 57 57 57 GLN GLN B . n 
B 1 58 HIS 58 58 58 HIS HIS B . n 
B 1 59 LEU 59 59 59 LEU LEU B . n 
B 1 60 ASP 60 60 60 ASP ASP B . n 
B 1 61 GLU 61 61 61 GLU GLU B . n 
B 1 62 ALA 62 62 62 ALA ALA B . n 
B 1 63 TYR 63 63 63 TYR TYR B . n 
B 1 64 ASN 64 64 64 ASN ASN B . n 
B 1 65 LYS 65 65 65 LYS LYS B . n 
B 1 66 VAL 66 66 66 VAL VAL B . n 
B 1 67 LYS 67 67 67 LYS LYS B . n 
B 1 68 ARG 68 68 68 ARG ARG B . n 
B 1 69 GLY 69 69 69 GLY GLY B . n 
B 1 70 GLU 70 70 ?  ?   ?   B . n 
B 1 71 SER 71 71 ?  ?   ?   B . n 
B 1 72 LYS 72 72 ?  ?   ?   B . n 
B 1 73 LEU 73 73 ?  ?   ?   B . n 
B 1 74 GLU 74 74 ?  ?   ?   B . n 
B 1 75 HIS 75 75 ?  ?   ?   B . n 
B 1 76 HIS 76 76 ?  ?   ?   B . n 
B 1 77 HIS 77 77 ?  ?   ?   B . n 
B 1 78 HIS 78 78 ?  ?   ?   B . n 
B 1 79 HIS 79 79 ?  ?   ?   B . n 
B 1 80 HIS 80 80 ?  ?   ?   B . n 
# 
loop_
_pdbx_nonpoly_scheme.asym_id 
_pdbx_nonpoly_scheme.entity_id 
_pdbx_nonpoly_scheme.mon_id 
_pdbx_nonpoly_scheme.ndb_seq_num 
_pdbx_nonpoly_scheme.pdb_seq_num 
_pdbx_nonpoly_scheme.auth_seq_num 
_pdbx_nonpoly_scheme.pdb_mon_id 
_pdbx_nonpoly_scheme.auth_mon_id 
_pdbx_nonpoly_scheme.pdb_strand_id 
_pdbx_nonpoly_scheme.pdb_ins_code 
C 2 SO4 1  101 101 SO4 SO4 A . 
D 2 SO4 1  102 102 SO4 SO4 B . 
E 3 HOH 1  102 1   HOH HOH A . 
E 3 HOH 2  103 3   HOH HOH A . 
E 3 HOH 3  104 4   HOH HOH A . 
E 3 HOH 4  105 5   HOH HOH A . 
E 3 HOH 5  106 6   HOH HOH A . 
E 3 HOH 6  107 8   HOH HOH A . 
E 3 HOH 7  108 9   HOH HOH A . 
E 3 HOH 8  109 11  HOH HOH A . 
E 3 HOH 9  110 12  HOH HOH A . 
E 3 HOH 10 111 13  HOH HOH A . 
E 3 HOH 11 112 15  HOH HOH A . 
E 3 HOH 12 113 16  HOH HOH A . 
E 3 HOH 13 114 21  HOH HOH A . 
E 3 HOH 14 115 23  HOH HOH A . 
E 3 HOH 15 116 24  HOH HOH A . 
E 3 HOH 16 117 25  HOH HOH A . 
E 3 HOH 17 118 26  HOH HOH A . 
E 3 HOH 18 119 32  HOH HOH A . 
E 3 HOH 19 120 33  HOH HOH A . 
E 3 HOH 20 121 34  HOH HOH A . 
E 3 HOH 21 122 38  HOH HOH A . 
E 3 HOH 22 123 39  HOH HOH A . 
E 3 HOH 23 124 40  HOH HOH A . 
E 3 HOH 24 125 41  HOH HOH A . 
E 3 HOH 25 126 42  HOH HOH A . 
E 3 HOH 26 127 43  HOH HOH A . 
E 3 HOH 27 128 44  HOH HOH A . 
E 3 HOH 28 129 46  HOH HOH A . 
E 3 HOH 29 130 47  HOH HOH A . 
E 3 HOH 30 131 48  HOH HOH A . 
E 3 HOH 31 132 49  HOH HOH A . 
E 3 HOH 32 133 50  HOH HOH A . 
E 3 HOH 33 134 51  HOH HOH A . 
E 3 HOH 34 135 52  HOH HOH A . 
E 3 HOH 35 136 53  HOH HOH A . 
E 3 HOH 36 137 64  HOH HOH A . 
E 3 HOH 37 138 65  HOH HOH A . 
E 3 HOH 38 139 69  HOH HOH A . 
F 3 HOH 1  103 2   HOH HOH B . 
F 3 HOH 2  104 7   HOH HOH B . 
F 3 HOH 3  105 10  HOH HOH B . 
F 3 HOH 4  106 14  HOH HOH B . 
F 3 HOH 5  107 18  HOH HOH B . 
F 3 HOH 6  108 19  HOH HOH B . 
F 3 HOH 7  109 20  HOH HOH B . 
F 3 HOH 8  110 22  HOH HOH B . 
F 3 HOH 9  111 27  HOH HOH B . 
F 3 HOH 10 112 28  HOH HOH B . 
F 3 HOH 11 113 29  HOH HOH B . 
F 3 HOH 12 114 30  HOH HOH B . 
F 3 HOH 13 115 31  HOH HOH B . 
F 3 HOH 14 116 35  HOH HOH B . 
F 3 HOH 15 117 36  HOH HOH B . 
F 3 HOH 16 118 37  HOH HOH B . 
F 3 HOH 17 119 45  HOH HOH B . 
F 3 HOH 18 120 54  HOH HOH B . 
F 3 HOH 19 121 55  HOH HOH B . 
F 3 HOH 20 122 56  HOH HOH B . 
F 3 HOH 21 123 57  HOH HOH B . 
F 3 HOH 22 124 58  HOH HOH B . 
F 3 HOH 23 125 59  HOH HOH B . 
F 3 HOH 24 126 60  HOH HOH B . 
F 3 HOH 25 127 61  HOH HOH B . 
F 3 HOH 26 128 62  HOH HOH B . 
F 3 HOH 27 129 63  HOH HOH B . 
F 3 HOH 28 130 66  HOH HOH B . 
F 3 HOH 29 131 67  HOH HOH B . 
F 3 HOH 30 132 68  HOH HOH B . 
F 3 HOH 31 133 70  HOH HOH B . 
F 3 HOH 32 134 71  HOH HOH B . 
F 3 HOH 33 135 72  HOH HOH B . 
F 3 HOH 34 136 73  HOH HOH B . 
F 3 HOH 35 137 74  HOH HOH B . 
F 3 HOH 36 138 75  HOH HOH B . 
F 3 HOH 37 139 76  HOH HOH B . 
# 
loop_
_software.name 
_software.classification 
_software.version 
_software.citation_id 
_software.pdbx_ordinal 
CNS       refinement        1.1 ? 1 
ADSC      'data collection' .   ? 2 
DENZO     'data reduction'  .   ? 3 
SCALEPACK 'data scaling'    .   ? 4 
SnB       phasing           .   ? 5 
SOLVE     phasing           .   ? 6 
RESOLVE   phasing           .   ? 7 
XTALVIEW  refinement        .   ? 8 
# 
_cell.entry_id           2GSV 
_cell.length_a           51.048 
_cell.length_b           31.645 
_cell.length_c           53.357 
_cell.angle_alpha        90.00 
_cell.angle_beta         94.63 
_cell.angle_gamma        90.00 
_cell.Z_PDB              4 
_cell.pdbx_unique_axis   ? 
_cell.length_a_esd       ? 
_cell.length_b_esd       ? 
_cell.length_c_esd       ? 
_cell.angle_alpha_esd    ? 
_cell.angle_beta_esd     ? 
_cell.angle_gamma_esd    ? 
# 
_symmetry.entry_id                         2GSV 
_symmetry.space_group_name_H-M             'P 1 2 1' 
_symmetry.pdbx_full_space_group_name_H-M   ? 
_symmetry.cell_setting                     ? 
_symmetry.Int_Tables_number                3 
_symmetry.space_group_name_Hall            ? 
# 
_exptl.entry_id          2GSV 
_exptl.method            'X-RAY DIFFRACTION' 
_exptl.crystals_number   1 
# 
_exptl_crystal.id                    1 
_exptl_crystal.density_meas          ? 
_exptl_crystal.density_Matthews      2.21 
_exptl_crystal.density_percent_sol   44.46 
_exptl_crystal.description           ? 
_exptl_crystal.F_000                 ? 
_exptl_crystal.preparation           ? 
# 
_exptl_crystal_grow.crystal_id      1 
_exptl_crystal_grow.method          'VAPOR DIFFUSION, HANGING DROP' 
_exptl_crystal_grow.temp            293 
_exptl_crystal_grow.temp_details    ? 
_exptl_crystal_grow.pH              7.5 
_exptl_crystal_grow.pdbx_details    
'10mM Tris, 16% PEG3350, 180mM ammonium sulfate, 5mM DTT, pH 7.5, VAPOR DIFFUSION, HANGING DROP, temperature 293K' 
_exptl_crystal_grow.pdbx_pH_range   . 
# 
_diffrn.id                     1 
_diffrn.ambient_temp           100 
_diffrn.ambient_temp_details   ? 
_diffrn.crystal_id             1 
# 
_diffrn_detector.diffrn_id              1 
_diffrn_detector.detector               CCD 
_diffrn_detector.type                   'ADSC QUANTUM 4' 
_diffrn_detector.pdbx_collection_date   2006-04-06 
_diffrn_detector.details                mirrors 
# 
_diffrn_radiation.diffrn_id                        1 
_diffrn_radiation.wavelength_id                    1 
_diffrn_radiation.pdbx_monochromatic_or_laue_m_l   M 
_diffrn_radiation.monochromator                    'Si 111 CHANNEL' 
_diffrn_radiation.pdbx_diffrn_protocol             'SINGLE WAVELENGTH' 
_diffrn_radiation.pdbx_scattering_type             x-ray 
# 
_diffrn_radiation_wavelength.id           1 
_diffrn_radiation_wavelength.wavelength   0.979 
_diffrn_radiation_wavelength.wt           1.0 
# 
_diffrn_source.diffrn_id                   1 
_diffrn_source.source                      SYNCHROTRON 
_diffrn_source.type                        'NSLS BEAMLINE X4A' 
_diffrn_source.pdbx_synchrotron_site       NSLS 
_diffrn_source.pdbx_synchrotron_beamline   X4A 
_diffrn_source.pdbx_wavelength             ? 
_diffrn_source.pdbx_wavelength_list        0.979 
# 
_reflns.entry_id                     2GSV 
_reflns.observed_criterion_sigma_I   0 
_reflns.observed_criterion_sigma_F   0 
_reflns.d_resolution_low             26.87 
_reflns.d_resolution_high            1.9 
_reflns.number_obs                   25914 
_reflns.number_all                   26175 
_reflns.percent_possible_obs         99.0 
_reflns.pdbx_Rmerge_I_obs            0.084 
_reflns.pdbx_Rsym_value              0.067 
_reflns.pdbx_netI_over_sigmaI        14.98 
_reflns.B_iso_Wilson_estimate        12.1 
_reflns.pdbx_redundancy              3.9 
_reflns.R_free_details               ? 
_reflns.limit_h_max                  ? 
_reflns.limit_h_min                  ? 
_reflns.limit_k_max                  ? 
_reflns.limit_k_min                  ? 
_reflns.limit_l_max                  ? 
_reflns.limit_l_min                  ? 
_reflns.observed_criterion_F_max     ? 
_reflns.observed_criterion_F_min     ? 
_reflns.pdbx_chi_squared             ? 
_reflns.pdbx_scaling_rejects         ? 
_reflns.pdbx_diffrn_id               1 
_reflns.pdbx_ordinal                 1 
# 
_reflns_shell.d_res_high             1.9 
_reflns_shell.d_res_low              1.97 
_reflns_shell.percent_possible_all   98.3 
_reflns_shell.Rmerge_I_obs           0.353 
_reflns_shell.pdbx_Rsym_value        0.284 
_reflns_shell.meanI_over_sigI_obs    3.4 
_reflns_shell.pdbx_redundancy        3.4 
_reflns_shell.percent_possible_obs   ? 
_reflns_shell.number_unique_all      2645 
_reflns_shell.number_measured_all    ? 
_reflns_shell.number_measured_obs    ? 
_reflns_shell.number_unique_obs      ? 
_reflns_shell.pdbx_chi_squared       ? 
_reflns_shell.pdbx_diffrn_id         ? 
_reflns_shell.pdbx_ordinal           1 
# 
_refine.entry_id                                 2GSV 
_refine.ls_number_reflns_obs                     20496 
_refine.ls_number_reflns_all                     26175 
_refine.pdbx_ls_sigma_I                          2.0 
_refine.pdbx_ls_sigma_F                          2.0 
_refine.pdbx_data_cutoff_high_absF               770888.39 
_refine.pdbx_data_cutoff_low_absF                0.000000 
_refine.pdbx_data_cutoff_high_rms_absF           ? 
_refine.ls_d_res_low                             26.87 
_refine.ls_d_res_high                            1.90 
_refine.ls_percent_reflns_obs                    77.9 
_refine.ls_R_factor_obs                          0.229 
_refine.ls_R_factor_all                          0.23 
_refine.ls_R_factor_R_work                       0.229 
_refine.ls_R_factor_R_free                       0.264 
_refine.ls_R_factor_R_free_error                 0.006 
_refine.ls_R_factor_R_free_error_details         ? 
_refine.ls_percent_reflns_R_free                 9.4 
_refine.ls_number_reflns_R_free                  1931 
_refine.ls_number_parameters                     ? 
_refine.ls_number_restraints                     ? 
_refine.occupancy_min                            ? 
_refine.occupancy_max                            ? 
_refine.correlation_coeff_Fo_to_Fc               ? 
_refine.correlation_coeff_Fo_to_Fc_free          ? 
_refine.B_iso_mean                               36.0 
_refine.aniso_B[1][1]                            -0.24 
_refine.aniso_B[2][2]                            -15.85 
_refine.aniso_B[3][3]                            16.09 
_refine.aniso_B[1][2]                            0.00 
_refine.aniso_B[1][3]                            -21.96 
_refine.aniso_B[2][3]                            0.00 
_refine.solvent_model_details                    'FLAT MODEL' 
_refine.solvent_model_param_ksol                 0.349329 
_refine.solvent_model_param_bsol                 39.5435 
_refine.pdbx_solvent_vdw_probe_radii             ? 
_refine.pdbx_solvent_ion_probe_radii             ? 
_refine.pdbx_solvent_shrinkage_radii             ? 
_refine.pdbx_ls_cross_valid_method               THROUGHOUT 
_refine.details                                  ? 
_refine.pdbx_starting_model                      ? 
_refine.pdbx_method_to_determine_struct          SAD 
_refine.pdbx_isotropic_thermal_model             'OVERALL NCS RESTRAINTS. RMS SIGMA/WEIGHT' 
_refine.pdbx_stereochemistry_target_values       'Engh & Huber' 
_refine.pdbx_stereochem_target_val_spec_case     ? 
_refine.pdbx_R_Free_selection_details            RANDOM 
_refine.pdbx_overall_ESU_R                       ? 
_refine.pdbx_overall_ESU_R_Free                  ? 
_refine.overall_SU_ML                            ? 
_refine.overall_SU_B                             ? 
_refine.ls_redundancy_reflns_obs                 ? 
_refine.B_iso_min                                ? 
_refine.B_iso_max                                ? 
_refine.overall_SU_R_Cruickshank_DPI             ? 
_refine.overall_SU_R_free                        ? 
_refine.ls_wR_factor_R_free                      ? 
_refine.ls_wR_factor_R_work                      ? 
_refine.overall_FOM_free_R_set                   ? 
_refine.overall_FOM_work_R_set                   ? 
_refine.pdbx_refine_id                           'X-RAY DIFFRACTION' 
_refine.pdbx_diffrn_id                           1 
_refine.pdbx_TLS_residual_ADP_flag               ? 
_refine.pdbx_overall_phase_error                 ? 
_refine.pdbx_overall_SU_R_free_Cruickshank_DPI   ? 
_refine.pdbx_overall_SU_R_Blow_DPI               ? 
_refine.pdbx_overall_SU_R_free_Blow_DPI          ? 
# 
_refine_analyze.entry_id                        2GSV 
_refine_analyze.Luzzati_coordinate_error_obs    0.26 
_refine_analyze.Luzzati_sigma_a_obs             0.49 
_refine_analyze.Luzzati_d_res_low_obs           5.00 
_refine_analyze.Luzzati_coordinate_error_free   0.32 
_refine_analyze.Luzzati_sigma_a_free            0.43 
_refine_analyze.Luzzati_d_res_low_free          ? 
_refine_analyze.number_disordered_residues      ? 
_refine_analyze.occupancy_sum_hydrogen          ? 
_refine_analyze.occupancy_sum_non_hydrogen      ? 
_refine_analyze.pdbx_Luzzati_d_res_high_obs     ? 
_refine_analyze.pdbx_refine_id                  'X-RAY DIFFRACTION' 
# 
_refine_hist.pdbx_refine_id                   'X-RAY DIFFRACTION' 
_refine_hist.cycle_id                         LAST 
_refine_hist.pdbx_number_atoms_protein        1118 
_refine_hist.pdbx_number_atoms_nucleic_acid   0 
_refine_hist.pdbx_number_atoms_ligand         10 
_refine_hist.number_atoms_solvent             75 
_refine_hist.number_atoms_total               1203 
_refine_hist.d_res_high                       1.90 
_refine_hist.d_res_low                        26.87 
# 
loop_
_refine_ls_restr.type 
_refine_ls_restr.dev_ideal 
_refine_ls_restr.dev_ideal_target 
_refine_ls_restr.weight 
_refine_ls_restr.number 
_refine_ls_restr.pdbx_refine_id 
_refine_ls_restr.pdbx_restraint_function 
c_bond_d           0.005 ? ? ? 'X-RAY DIFFRACTION' ? 
c_angle_deg        0.9   ? ? ? 'X-RAY DIFFRACTION' ? 
c_dihedral_angle_d 17.8  ? ? ? 'X-RAY DIFFRACTION' ? 
c_improper_angle_d 0.71  ? ? ? 'X-RAY DIFFRACTION' ? 
# 
_refine_ls_shell.pdbx_total_number_of_bins_used   6 
_refine_ls_shell.d_res_high                       1.90 
_refine_ls_shell.d_res_low                        2.02 
_refine_ls_shell.number_reflns_R_work             2138 
_refine_ls_shell.R_factor_R_work                  0.414 
_refine_ls_shell.percent_reflns_obs               53.4 
_refine_ls_shell.R_factor_R_free                  0.404 
_refine_ls_shell.R_factor_R_free_error            0.028 
_refine_ls_shell.percent_reflns_R_free            8.9 
_refine_ls_shell.number_reflns_R_free             209 
_refine_ls_shell.number_reflns_all                ? 
_refine_ls_shell.R_factor_all                     ? 
_refine_ls_shell.number_reflns_obs                1931 
_refine_ls_shell.redundancy_reflns_obs            ? 
_refine_ls_shell.pdbx_refine_id                   'X-RAY DIFFRACTION' 
# 
_struct.entry_id                  2GSV 
_struct.title                     
'X-Ray Crystal Structure of Protein YvfG from Bacillus subtilis. Northeast Structural Genomics Consortium Target SR478.' 
_struct.pdbx_model_details        ? 
_struct.pdbx_CASP_flag            ? 
_struct.pdbx_model_type_details   ? 
# 
_struct_keywords.entry_id        2GSV 
_struct_keywords.pdbx_keywords   'STRUCTURAL GENOMICS, UNKNOWN FUNCTION' 
_struct_keywords.text            
;alpha-helical protein, Structural Genomics, PSI, Protein Structure Initiative, Northeast Structural Genomics Consortium, NESG, UNKNOWN FUNCTION
;
# 
loop_
_struct_asym.id 
_struct_asym.pdbx_blank_PDB_chainid_flag 
_struct_asym.pdbx_modified 
_struct_asym.entity_id 
_struct_asym.details 
A N N 1 ? 
B N N 1 ? 
C N N 2 ? 
D N N 2 ? 
E N N 3 ? 
F N N 3 ? 
# 
_struct_ref.id                         1 
_struct_ref.db_name                    UNP 
_struct_ref.db_code                    YVFG_BACSU 
_struct_ref.pdbx_db_accession          P71066 
_struct_ref.entity_id                  1 
_struct_ref.pdbx_align_begin           1 
_struct_ref.pdbx_db_isoform            ? 
_struct_ref.pdbx_seq_one_letter_code   ? 
# 
loop_
_struct_ref_seq.align_id 
_struct_ref_seq.ref_id 
_struct_ref_seq.pdbx_PDB_id_code 
_struct_ref_seq.pdbx_strand_id 
_struct_ref_seq.seq_align_beg 
_struct_ref_seq.pdbx_seq_align_beg_ins_code 
_struct_ref_seq.seq_align_end 
_struct_ref_seq.pdbx_seq_align_end_ins_code 
_struct_ref_seq.pdbx_db_accession 
_struct_ref_seq.db_align_beg 
_struct_ref_seq.pdbx_db_align_beg_ins_code 
_struct_ref_seq.db_align_end 
_struct_ref_seq.pdbx_db_align_end_ins_code 
_struct_ref_seq.pdbx_auth_seq_align_beg 
_struct_ref_seq.pdbx_auth_seq_align_end 
1 1 2GSV A 1 ? 72 ? P71066 1 ? 72 ? 1 72 
2 1 2GSV B 1 ? 72 ? P71066 1 ? 72 ? 1 72 
# 
loop_
_struct_ref_seq_dif.align_id 
_struct_ref_seq_dif.pdbx_pdb_id_code 
_struct_ref_seq_dif.mon_id 
_struct_ref_seq_dif.pdbx_pdb_strand_id 
_struct_ref_seq_dif.seq_num 
_struct_ref_seq_dif.pdbx_pdb_ins_code 
_struct_ref_seq_dif.pdbx_seq_db_name 
_struct_ref_seq_dif.pdbx_seq_db_accession_code 
_struct_ref_seq_dif.db_mon_id 
_struct_ref_seq_dif.pdbx_seq_db_seq_num 
_struct_ref_seq_dif.details 
_struct_ref_seq_dif.pdbx_auth_seq_num 
_struct_ref_seq_dif.pdbx_ordinal 
1 2GSV MSE A 1  ? UNP P71066 MET 1  'modified residue' 1  1  
1 2GSV MSE A 20 ? UNP P71066 MET 20 'modified residue' 20 2  
1 2GSV MSE A 30 ? UNP P71066 MET 30 'modified residue' 30 3  
1 2GSV LEU A 73 ? UNP P71066 ?   ?  'cloning artifact' 73 4  
1 2GSV GLU A 74 ? UNP P71066 ?   ?  'cloning artifact' 74 5  
1 2GSV HIS A 75 ? UNP P71066 ?   ?  'expression tag'   75 6  
1 2GSV HIS A 76 ? UNP P71066 ?   ?  'expression tag'   76 7  
1 2GSV HIS A 77 ? UNP P71066 ?   ?  'expression tag'   77 8  
1 2GSV HIS A 78 ? UNP P71066 ?   ?  'expression tag'   78 9  
1 2GSV HIS A 79 ? UNP P71066 ?   ?  'expression tag'   79 10 
1 2GSV HIS A 80 ? UNP P71066 ?   ?  'expression tag'   80 11 
2 2GSV MSE B 1  ? UNP P71066 MET 1  'modified residue' 1  12 
2 2GSV MSE B 20 ? UNP P71066 MET 20 'modified residue' 20 13 
2 2GSV MSE B 30 ? UNP P71066 MET 30 'modified residue' 30 14 
2 2GSV LEU B 73 ? UNP P71066 ?   ?  'cloning artifact' 73 15 
2 2GSV GLU B 74 ? UNP P71066 ?   ?  'cloning artifact' 74 16 
2 2GSV HIS B 75 ? UNP P71066 ?   ?  'expression tag'   75 17 
2 2GSV HIS B 76 ? UNP P71066 ?   ?  'expression tag'   76 18 
2 2GSV HIS B 77 ? UNP P71066 ?   ?  'expression tag'   77 19 
2 2GSV HIS B 78 ? UNP P71066 ?   ?  'expression tag'   78 20 
2 2GSV HIS B 79 ? UNP P71066 ?   ?  'expression tag'   79 21 
2 2GSV HIS B 80 ? UNP P71066 ?   ?  'expression tag'   80 22 
# 
loop_
_pdbx_struct_assembly.id 
_pdbx_struct_assembly.details 
_pdbx_struct_assembly.method_details 
_pdbx_struct_assembly.oligomeric_details 
_pdbx_struct_assembly.oligomeric_count 
1 author_and_software_defined_assembly PISA dimeric    2 
2 software_defined_assembly            PISA tetrameric 4 
3 software_defined_assembly            PISA tetrameric 4 
# 
loop_
_pdbx_struct_assembly_prop.biol_id 
_pdbx_struct_assembly_prop.type 
_pdbx_struct_assembly_prop.value 
_pdbx_struct_assembly_prop.details 
1 'ABSA (A^2)' 1850  ? 
1 MORE         -20   ? 
1 'SSA (A^2)'  7980  ? 
2 'ABSA (A^2)' 4820  ? 
2 MORE         -81   ? 
2 'SSA (A^2)'  15210 ? 
3 'ABSA (A^2)' 4520  ? 
3 MORE         -81   ? 
3 'SSA (A^2)'  15510 ? 
# 
loop_
_pdbx_struct_assembly_gen.assembly_id 
_pdbx_struct_assembly_gen.oper_expression 
_pdbx_struct_assembly_gen.asym_id_list 
1 1   A,B,C,D,E,F 
2 1,2 A,B,C,D,E,F 
3 1,2 A,C,E       
3 3,4 B,D,F       
# 
loop_
_pdbx_struct_oper_list.id 
_pdbx_struct_oper_list.type 
_pdbx_struct_oper_list.name 
_pdbx_struct_oper_list.symmetry_operation 
_pdbx_struct_oper_list.matrix[1][1] 
_pdbx_struct_oper_list.matrix[1][2] 
_pdbx_struct_oper_list.matrix[1][3] 
_pdbx_struct_oper_list.vector[1] 
_pdbx_struct_oper_list.matrix[2][1] 
_pdbx_struct_oper_list.matrix[2][2] 
_pdbx_struct_oper_list.matrix[2][3] 
_pdbx_struct_oper_list.vector[2] 
_pdbx_struct_oper_list.matrix[3][1] 
_pdbx_struct_oper_list.matrix[3][2] 
_pdbx_struct_oper_list.matrix[3][3] 
_pdbx_struct_oper_list.vector[3] 
1 'identity operation'         1_555 x,y,z         1.0000000000  0.0000000000  0.0000000000 0.0000000000   0.0000000000  1.0000000000  0.0000000000  0.0000000000   0.0000000000 0.0000000000  1.0000000000 0.0000000000  
2 'crystal symmetry operation' 2_657 -x+1,y,-z+2   -0.2496907721 -0.3498307518 0.9029246721 -15.1018406184 -0.3498307518 -0.8368918436 -0.4209875144 -38.0065437716 0.9029246721 -0.4209875144 0.0865826157 -2.1760479790 
3 'crystal symmetry operation' 1_565 x,y+1,z       1.0000000000  0.0000000000  0.0000000000 19.3825202364  0.0000000000  1.0000000000  0.0000000000  -9.0370761474  0.0000000000 0.0000000000  1.0000000000 23.3249906537 
4 'crystal symmetry operation' 2_667 -x+1,y+1,-z+2 -0.2496907721 -0.3498307518 0.9029246721 4.2806796180   -0.3498307518 -0.8368918436 -0.4209875144 -47.0436199190 0.9029246721 -0.4209875144 0.0865826157 21.1489426747 
# 
loop_
_struct_conf.conf_type_id 
_struct_conf.id 
_struct_conf.pdbx_PDB_helix_id 
_struct_conf.beg_label_comp_id 
_struct_conf.beg_label_asym_id 
_struct_conf.beg_label_seq_id 
_struct_conf.pdbx_beg_PDB_ins_code 
_struct_conf.end_label_comp_id 
_struct_conf.end_label_asym_id 
_struct_conf.end_label_seq_id 
_struct_conf.pdbx_end_PDB_ins_code 
_struct_conf.beg_auth_comp_id 
_struct_conf.beg_auth_asym_id 
_struct_conf.beg_auth_seq_id 
_struct_conf.end_auth_comp_id 
_struct_conf.end_auth_asym_id 
_struct_conf.end_auth_seq_id 
_struct_conf.pdbx_PDB_helix_class 
_struct_conf.details 
_struct_conf.pdbx_PDB_helix_length 
HELX_P HELX_P1 1 SER A 6  ? ASN A 21 ? SER A 6  ASN A 21 1 ? 16 
HELX_P HELX_P2 2 ASP A 25 ? ASP A 44 ? ASP A 25 ASP A 44 1 ? 20 
HELX_P HELX_P3 3 LYS A 48 ? GLY A 69 ? LYS A 48 GLY A 69 1 ? 22 
HELX_P HELX_P4 4 SER B 6  ? ASN B 21 ? SER B 6  ASN B 21 1 ? 16 
HELX_P HELX_P5 5 ASP B 25 ? GLN B 43 ? ASP B 25 GLN B 43 1 ? 19 
HELX_P HELX_P6 6 LYS B 48 ? GLY B 69 ? LYS B 48 GLY B 69 1 ? 22 
# 
_struct_conf_type.id          HELX_P 
_struct_conf_type.criteria    ? 
_struct_conf_type.reference   ? 
# 
loop_
_struct_conn.id 
_struct_conn.conn_type_id 
_struct_conn.pdbx_leaving_atom_flag 
_struct_conn.pdbx_PDB_id 
_struct_conn.ptnr1_label_asym_id 
_struct_conn.ptnr1_label_comp_id 
_struct_conn.ptnr1_label_seq_id 
_struct_conn.ptnr1_label_atom_id 
_struct_conn.pdbx_ptnr1_label_alt_id 
_struct_conn.pdbx_ptnr1_PDB_ins_code 
_struct_conn.pdbx_ptnr1_standard_comp_id 
_struct_conn.ptnr1_symmetry 
_struct_conn.ptnr2_label_asym_id 
_struct_conn.ptnr2_label_comp_id 
_struct_conn.ptnr2_label_seq_id 
_struct_conn.ptnr2_label_atom_id 
_struct_conn.pdbx_ptnr2_label_alt_id 
_struct_conn.pdbx_ptnr2_PDB_ins_code 
_struct_conn.ptnr1_auth_asym_id 
_struct_conn.ptnr1_auth_comp_id 
_struct_conn.ptnr1_auth_seq_id 
_struct_conn.ptnr2_auth_asym_id 
_struct_conn.ptnr2_auth_comp_id 
_struct_conn.ptnr2_auth_seq_id 
_struct_conn.ptnr2_symmetry 
_struct_conn.pdbx_ptnr3_label_atom_id 
_struct_conn.pdbx_ptnr3_label_seq_id 
_struct_conn.pdbx_ptnr3_label_comp_id 
_struct_conn.pdbx_ptnr3_label_asym_id 
_struct_conn.pdbx_ptnr3_label_alt_id 
_struct_conn.pdbx_ptnr3_PDB_ins_code 
_struct_conn.details 
_struct_conn.pdbx_dist_value 
_struct_conn.pdbx_value_order 
_struct_conn.pdbx_role 
covale1 covale both ? A GLU 19 C ? ? ? 1_555 A MSE 20 N ? ? A GLU 19 A MSE 20 1_555 ? ? ? ? ? ? ? 1.330 ? ? 
covale2 covale both ? A MSE 20 C ? ? ? 1_555 A ASN 21 N ? ? A MSE 20 A ASN 21 1_555 ? ? ? ? ? ? ? 1.326 ? ? 
covale3 covale both ? A ALA 29 C ? ? ? 1_555 A MSE 30 N ? ? A ALA 29 A MSE 30 1_555 ? ? ? ? ? ? ? 1.327 ? ? 
covale4 covale both ? A MSE 30 C ? ? ? 1_555 A ASN 31 N ? ? A MSE 30 A ASN 31 1_555 ? ? ? ? ? ? ? 1.335 ? ? 
covale5 covale both ? B GLU 19 C ? ? ? 1_555 B MSE 20 N ? ? B GLU 19 B MSE 20 1_555 ? ? ? ? ? ? ? 1.326 ? ? 
covale6 covale both ? B MSE 20 C ? ? ? 1_555 B ASN 21 N ? ? B MSE 20 B ASN 21 1_555 ? ? ? ? ? ? ? 1.329 ? ? 
covale7 covale both ? B ALA 29 C ? ? ? 1_555 B MSE 30 N ? ? B ALA 29 B MSE 30 1_555 ? ? ? ? ? ? ? 1.331 ? ? 
covale8 covale both ? B MSE 30 C ? ? ? 1_555 B ASN 31 N ? ? B MSE 30 B ASN 31 1_555 ? ? ? ? ? ? ? 1.330 ? ? 
# 
_struct_conn_type.id          covale 
_struct_conn_type.criteria    ? 
_struct_conn_type.reference   ? 
# 
loop_
_pdbx_modification_feature.ordinal 
_pdbx_modification_feature.label_comp_id 
_pdbx_modification_feature.label_asym_id 
_pdbx_modification_feature.label_seq_id 
_pdbx_modification_feature.label_alt_id 
_pdbx_modification_feature.modified_residue_label_comp_id 
_pdbx_modification_feature.modified_residue_label_asym_id 
_pdbx_modification_feature.modified_residue_label_seq_id 
_pdbx_modification_feature.modified_residue_label_alt_id 
_pdbx_modification_feature.auth_comp_id 
_pdbx_modification_feature.auth_asym_id 
_pdbx_modification_feature.auth_seq_id 
_pdbx_modification_feature.PDB_ins_code 
_pdbx_modification_feature.symmetry 
_pdbx_modification_feature.modified_residue_auth_comp_id 
_pdbx_modification_feature.modified_residue_auth_asym_id 
_pdbx_modification_feature.modified_residue_auth_seq_id 
_pdbx_modification_feature.modified_residue_PDB_ins_code 
_pdbx_modification_feature.modified_residue_symmetry 
_pdbx_modification_feature.comp_id_linking_atom 
_pdbx_modification_feature.modified_residue_id_linking_atom 
_pdbx_modification_feature.modified_residue_id 
_pdbx_modification_feature.ref_pcm_id 
_pdbx_modification_feature.ref_comp_id 
_pdbx_modification_feature.type 
_pdbx_modification_feature.category 
1 MSE A 20 ? . . . . MSE A 20 ? 1_555 . . . . . . . MET 1 MSE Selenomethionine 'Named protein modification' 
2 MSE A 30 ? . . . . MSE A 30 ? 1_555 . . . . . . . MET 1 MSE Selenomethionine 'Named protein modification' 
3 MSE B 20 ? . . . . MSE B 20 ? 1_555 . . . . . . . MET 1 MSE Selenomethionine 'Named protein modification' 
4 MSE B 30 ? . . . . MSE B 30 ? 1_555 . . . . . . . MET 1 MSE Selenomethionine 'Named protein modification' 
# 
loop_
_struct_site.id 
_struct_site.pdbx_evidence_code 
_struct_site.pdbx_auth_asym_id 
_struct_site.pdbx_auth_comp_id 
_struct_site.pdbx_auth_seq_id 
_struct_site.pdbx_auth_ins_code 
_struct_site.pdbx_num_residues 
_struct_site.details 
AC1 Software A SO4 101 ? 2 'BINDING SITE FOR RESIDUE SO4 A 101' 
AC2 Software B SO4 102 ? 3 'BINDING SITE FOR RESIDUE SO4 B 102' 
# 
loop_
_struct_site_gen.id 
_struct_site_gen.site_id 
_struct_site_gen.pdbx_num_res 
_struct_site_gen.label_comp_id 
_struct_site_gen.label_asym_id 
_struct_site_gen.label_seq_id 
_struct_site_gen.pdbx_auth_ins_code 
_struct_site_gen.auth_comp_id 
_struct_site_gen.auth_asym_id 
_struct_site_gen.auth_seq_id 
_struct_site_gen.label_atom_id 
_struct_site_gen.label_alt_id 
_struct_site_gen.symmetry 
_struct_site_gen.details 
1 AC1 2 LYS A 48 ? LYS A 48 . ? 1_555 ? 
2 AC1 2 ASN A 49 ? ASN A 49 . ? 1_555 ? 
3 AC2 3 GLU B 61 ? GLU B 61 . ? 1_555 ? 
4 AC2 3 ASN B 64 ? ASN B 64 . ? 1_555 ? 
5 AC2 3 ARG B 68 ? ARG B 68 . ? 1_555 ? 
# 
_pdbx_entry_details.entry_id                   2GSV 
_pdbx_entry_details.compound_details           ? 
_pdbx_entry_details.source_details             ? 
_pdbx_entry_details.nonpolymer_details         ? 
_pdbx_entry_details.sequence_details           ? 
_pdbx_entry_details.has_ligand_of_interest     ? 
_pdbx_entry_details.has_protein_modification   Y 
# 
_pdbx_validate_torsion.id              1 
_pdbx_validate_torsion.PDB_model_num   1 
_pdbx_validate_torsion.auth_comp_id    LEU 
_pdbx_validate_torsion.auth_asym_id    A 
_pdbx_validate_torsion.auth_seq_id     46 
_pdbx_validate_torsion.PDB_ins_code    ? 
_pdbx_validate_torsion.label_alt_id    ? 
_pdbx_validate_torsion.phi             -142.23 
_pdbx_validate_torsion.psi             -0.51 
# 
_pdbx_SG_project.id                    1 
_pdbx_SG_project.project_name          'PSI, Protein Structure Initiative' 
_pdbx_SG_project.full_name_of_center   'Northeast Structural Genomics Consortium' 
_pdbx_SG_project.initial_of_center     NESG 
# 
loop_
_pdbx_struct_mod_residue.id 
_pdbx_struct_mod_residue.label_asym_id 
_pdbx_struct_mod_residue.label_comp_id 
_pdbx_struct_mod_residue.label_seq_id 
_pdbx_struct_mod_residue.auth_asym_id 
_pdbx_struct_mod_residue.auth_comp_id 
_pdbx_struct_mod_residue.auth_seq_id 
_pdbx_struct_mod_residue.PDB_ins_code 
_pdbx_struct_mod_residue.parent_comp_id 
_pdbx_struct_mod_residue.details 
1 A MSE 20 A MSE 20 ? MET SELENOMETHIONINE 
2 A MSE 30 A MSE 30 ? MET SELENOMETHIONINE 
3 B MSE 20 B MSE 20 ? MET SELENOMETHIONINE 
4 B MSE 30 B MSE 30 ? MET SELENOMETHIONINE 
# 
loop_
_pdbx_struct_special_symmetry.id 
_pdbx_struct_special_symmetry.PDB_model_num 
_pdbx_struct_special_symmetry.auth_asym_id 
_pdbx_struct_special_symmetry.auth_comp_id 
_pdbx_struct_special_symmetry.auth_seq_id 
_pdbx_struct_special_symmetry.PDB_ins_code 
_pdbx_struct_special_symmetry.label_asym_id 
_pdbx_struct_special_symmetry.label_comp_id 
_pdbx_struct_special_symmetry.label_seq_id 
1 1 A SO4 101 ? C SO4 . 
2 1 A SO4 101 ? C SO4 . 
# 
loop_
_pdbx_unobs_or_zero_occ_residues.id 
_pdbx_unobs_or_zero_occ_residues.PDB_model_num 
_pdbx_unobs_or_zero_occ_residues.polymer_flag 
_pdbx_unobs_or_zero_occ_residues.occupancy_flag 
_pdbx_unobs_or_zero_occ_residues.auth_asym_id 
_pdbx_unobs_or_zero_occ_residues.auth_comp_id 
_pdbx_unobs_or_zero_occ_residues.auth_seq_id 
_pdbx_unobs_or_zero_occ_residues.PDB_ins_code 
_pdbx_unobs_or_zero_occ_residues.label_asym_id 
_pdbx_unobs_or_zero_occ_residues.label_comp_id 
_pdbx_unobs_or_zero_occ_residues.label_seq_id 
1  1 Y 1 A MSE 1  ? A MSE 1  
2  1 Y 1 A SER 2  ? A SER 2  
3  1 Y 1 A GLU 70 ? A GLU 70 
4  1 Y 1 A SER 71 ? A SER 71 
5  1 Y 1 A LYS 72 ? A LYS 72 
6  1 Y 1 A LEU 73 ? A LEU 73 
7  1 Y 1 A GLU 74 ? A GLU 74 
8  1 Y 1 A HIS 75 ? A HIS 75 
9  1 Y 1 A HIS 76 ? A HIS 76 
10 1 Y 1 A HIS 77 ? A HIS 77 
11 1 Y 1 A HIS 78 ? A HIS 78 
12 1 Y 1 A HIS 79 ? A HIS 79 
13 1 Y 1 A HIS 80 ? A HIS 80 
14 1 Y 1 B MSE 1  ? B MSE 1  
15 1 Y 1 B GLU 70 ? B GLU 70 
16 1 Y 1 B SER 71 ? B SER 71 
17 1 Y 1 B LYS 72 ? B LYS 72 
18 1 Y 1 B LEU 73 ? B LEU 73 
19 1 Y 1 B GLU 74 ? B GLU 74 
20 1 Y 1 B HIS 75 ? B HIS 75 
21 1 Y 1 B HIS 76 ? B HIS 76 
22 1 Y 1 B HIS 77 ? B HIS 77 
23 1 Y 1 B HIS 78 ? B HIS 78 
24 1 Y 1 B HIS 79 ? B HIS 79 
25 1 Y 1 B HIS 80 ? B HIS 80 
# 
loop_
_chem_comp_atom.comp_id 
_chem_comp_atom.atom_id 
_chem_comp_atom.type_symbol 
_chem_comp_atom.pdbx_aromatic_flag 
_chem_comp_atom.pdbx_stereo_config 
_chem_comp_atom.pdbx_ordinal 
ALA N    N  N N 1   
ALA CA   C  N S 2   
ALA C    C  N N 3   
ALA O    O  N N 4   
ALA CB   C  N N 5   
ALA OXT  O  N N 6   
ALA H    H  N N 7   
ALA H2   H  N N 8   
ALA HA   H  N N 9   
ALA HB1  H  N N 10  
ALA HB2  H  N N 11  
ALA HB3  H  N N 12  
ALA HXT  H  N N 13  
ARG N    N  N N 14  
ARG CA   C  N S 15  
ARG C    C  N N 16  
ARG O    O  N N 17  
ARG CB   C  N N 18  
ARG CG   C  N N 19  
ARG CD   C  N N 20  
ARG NE   N  N N 21  
ARG CZ   C  N N 22  
ARG NH1  N  N N 23  
ARG NH2  N  N N 24  
ARG OXT  O  N N 25  
ARG H    H  N N 26  
ARG H2   H  N N 27  
ARG HA   H  N N 28  
ARG HB2  H  N N 29  
ARG HB3  H  N N 30  
ARG HG2  H  N N 31  
ARG HG3  H  N N 32  
ARG HD2  H  N N 33  
ARG HD3  H  N N 34  
ARG HE   H  N N 35  
ARG HH11 H  N N 36  
ARG HH12 H  N N 37  
ARG HH21 H  N N 38  
ARG HH22 H  N N 39  
ARG HXT  H  N N 40  
ASN N    N  N N 41  
ASN CA   C  N S 42  
ASN C    C  N N 43  
ASN O    O  N N 44  
ASN CB   C  N N 45  
ASN CG   C  N N 46  
ASN OD1  O  N N 47  
ASN ND2  N  N N 48  
ASN OXT  O  N N 49  
ASN H    H  N N 50  
ASN H2   H  N N 51  
ASN HA   H  N N 52  
ASN HB2  H  N N 53  
ASN HB3  H  N N 54  
ASN HD21 H  N N 55  
ASN HD22 H  N N 56  
ASN HXT  H  N N 57  
ASP N    N  N N 58  
ASP CA   C  N S 59  
ASP C    C  N N 60  
ASP O    O  N N 61  
ASP CB   C  N N 62  
ASP CG   C  N N 63  
ASP OD1  O  N N 64  
ASP OD2  O  N N 65  
ASP OXT  O  N N 66  
ASP H    H  N N 67  
ASP H2   H  N N 68  
ASP HA   H  N N 69  
ASP HB2  H  N N 70  
ASP HB3  H  N N 71  
ASP HD2  H  N N 72  
ASP HXT  H  N N 73  
GLN N    N  N N 74  
GLN CA   C  N S 75  
GLN C    C  N N 76  
GLN O    O  N N 77  
GLN CB   C  N N 78  
GLN CG   C  N N 79  
GLN CD   C  N N 80  
GLN OE1  O  N N 81  
GLN NE2  N  N N 82  
GLN OXT  O  N N 83  
GLN H    H  N N 84  
GLN H2   H  N N 85  
GLN HA   H  N N 86  
GLN HB2  H  N N 87  
GLN HB3  H  N N 88  
GLN HG2  H  N N 89  
GLN HG3  H  N N 90  
GLN HE21 H  N N 91  
GLN HE22 H  N N 92  
GLN HXT  H  N N 93  
GLU N    N  N N 94  
GLU CA   C  N S 95  
GLU C    C  N N 96  
GLU O    O  N N 97  
GLU CB   C  N N 98  
GLU CG   C  N N 99  
GLU CD   C  N N 100 
GLU OE1  O  N N 101 
GLU OE2  O  N N 102 
GLU OXT  O  N N 103 
GLU H    H  N N 104 
GLU H2   H  N N 105 
GLU HA   H  N N 106 
GLU HB2  H  N N 107 
GLU HB3  H  N N 108 
GLU HG2  H  N N 109 
GLU HG3  H  N N 110 
GLU HE2  H  N N 111 
GLU HXT  H  N N 112 
GLY N    N  N N 113 
GLY CA   C  N N 114 
GLY C    C  N N 115 
GLY O    O  N N 116 
GLY OXT  O  N N 117 
GLY H    H  N N 118 
GLY H2   H  N N 119 
GLY HA2  H  N N 120 
GLY HA3  H  N N 121 
GLY HXT  H  N N 122 
HIS N    N  N N 123 
HIS CA   C  N S 124 
HIS C    C  N N 125 
HIS O    O  N N 126 
HIS CB   C  N N 127 
HIS CG   C  Y N 128 
HIS ND1  N  Y N 129 
HIS CD2  C  Y N 130 
HIS CE1  C  Y N 131 
HIS NE2  N  Y N 132 
HIS OXT  O  N N 133 
HIS H    H  N N 134 
HIS H2   H  N N 135 
HIS HA   H  N N 136 
HIS HB2  H  N N 137 
HIS HB3  H  N N 138 
HIS HD1  H  N N 139 
HIS HD2  H  N N 140 
HIS HE1  H  N N 141 
HIS HE2  H  N N 142 
HIS HXT  H  N N 143 
HOH O    O  N N 144 
HOH H1   H  N N 145 
HOH H2   H  N N 146 
ILE N    N  N N 147 
ILE CA   C  N S 148 
ILE C    C  N N 149 
ILE O    O  N N 150 
ILE CB   C  N S 151 
ILE CG1  C  N N 152 
ILE CG2  C  N N 153 
ILE CD1  C  N N 154 
ILE OXT  O  N N 155 
ILE H    H  N N 156 
ILE H2   H  N N 157 
ILE HA   H  N N 158 
ILE HB   H  N N 159 
ILE HG12 H  N N 160 
ILE HG13 H  N N 161 
ILE HG21 H  N N 162 
ILE HG22 H  N N 163 
ILE HG23 H  N N 164 
ILE HD11 H  N N 165 
ILE HD12 H  N N 166 
ILE HD13 H  N N 167 
ILE HXT  H  N N 168 
LEU N    N  N N 169 
LEU CA   C  N S 170 
LEU C    C  N N 171 
LEU O    O  N N 172 
LEU CB   C  N N 173 
LEU CG   C  N N 174 
LEU CD1  C  N N 175 
LEU CD2  C  N N 176 
LEU OXT  O  N N 177 
LEU H    H  N N 178 
LEU H2   H  N N 179 
LEU HA   H  N N 180 
LEU HB2  H  N N 181 
LEU HB3  H  N N 182 
LEU HG   H  N N 183 
LEU HD11 H  N N 184 
LEU HD12 H  N N 185 
LEU HD13 H  N N 186 
LEU HD21 H  N N 187 
LEU HD22 H  N N 188 
LEU HD23 H  N N 189 
LEU HXT  H  N N 190 
LYS N    N  N N 191 
LYS CA   C  N S 192 
LYS C    C  N N 193 
LYS O    O  N N 194 
LYS CB   C  N N 195 
LYS CG   C  N N 196 
LYS CD   C  N N 197 
LYS CE   C  N N 198 
LYS NZ   N  N N 199 
LYS OXT  O  N N 200 
LYS H    H  N N 201 
LYS H2   H  N N 202 
LYS HA   H  N N 203 
LYS HB2  H  N N 204 
LYS HB3  H  N N 205 
LYS HG2  H  N N 206 
LYS HG3  H  N N 207 
LYS HD2  H  N N 208 
LYS HD3  H  N N 209 
LYS HE2  H  N N 210 
LYS HE3  H  N N 211 
LYS HZ1  H  N N 212 
LYS HZ2  H  N N 213 
LYS HZ3  H  N N 214 
LYS HXT  H  N N 215 
MET N    N  N N 216 
MET CA   C  N S 217 
MET C    C  N N 218 
MET O    O  N N 219 
MET CB   C  N N 220 
MET CG   C  N N 221 
MET SD   S  N N 222 
MET CE   C  N N 223 
MET OXT  O  N N 224 
MET H    H  N N 225 
MET H2   H  N N 226 
MET HA   H  N N 227 
MET HB2  H  N N 228 
MET HB3  H  N N 229 
MET HG2  H  N N 230 
MET HG3  H  N N 231 
MET HE1  H  N N 232 
MET HE2  H  N N 233 
MET HE3  H  N N 234 
MET HXT  H  N N 235 
MSE N    N  N N 236 
MSE CA   C  N S 237 
MSE C    C  N N 238 
MSE O    O  N N 239 
MSE OXT  O  N N 240 
MSE CB   C  N N 241 
MSE CG   C  N N 242 
MSE SE   SE N N 243 
MSE CE   C  N N 244 
MSE H    H  N N 245 
MSE H2   H  N N 246 
MSE HA   H  N N 247 
MSE HXT  H  N N 248 
MSE HB2  H  N N 249 
MSE HB3  H  N N 250 
MSE HG2  H  N N 251 
MSE HG3  H  N N 252 
MSE HE1  H  N N 253 
MSE HE2  H  N N 254 
MSE HE3  H  N N 255 
PHE N    N  N N 256 
PHE CA   C  N S 257 
PHE C    C  N N 258 
PHE O    O  N N 259 
PHE CB   C  N N 260 
PHE CG   C  Y N 261 
PHE CD1  C  Y N 262 
PHE CD2  C  Y N 263 
PHE CE1  C  Y N 264 
PHE CE2  C  Y N 265 
PHE CZ   C  Y N 266 
PHE OXT  O  N N 267 
PHE H    H  N N 268 
PHE H2   H  N N 269 
PHE HA   H  N N 270 
PHE HB2  H  N N 271 
PHE HB3  H  N N 272 
PHE HD1  H  N N 273 
PHE HD2  H  N N 274 
PHE HE1  H  N N 275 
PHE HE2  H  N N 276 
PHE HZ   H  N N 277 
PHE HXT  H  N N 278 
PRO N    N  N N 279 
PRO CA   C  N S 280 
PRO C    C  N N 281 
PRO O    O  N N 282 
PRO CB   C  N N 283 
PRO CG   C  N N 284 
PRO CD   C  N N 285 
PRO OXT  O  N N 286 
PRO H    H  N N 287 
PRO HA   H  N N 288 
PRO HB2  H  N N 289 
PRO HB3  H  N N 290 
PRO HG2  H  N N 291 
PRO HG3  H  N N 292 
PRO HD2  H  N N 293 
PRO HD3  H  N N 294 
PRO HXT  H  N N 295 
SER N    N  N N 296 
SER CA   C  N S 297 
SER C    C  N N 298 
SER O    O  N N 299 
SER CB   C  N N 300 
SER OG   O  N N 301 
SER OXT  O  N N 302 
SER H    H  N N 303 
SER H2   H  N N 304 
SER HA   H  N N 305 
SER HB2  H  N N 306 
SER HB3  H  N N 307 
SER HG   H  N N 308 
SER HXT  H  N N 309 
SO4 S    S  N N 310 
SO4 O1   O  N N 311 
SO4 O2   O  N N 312 
SO4 O3   O  N N 313 
SO4 O4   O  N N 314 
THR N    N  N N 315 
THR CA   C  N S 316 
THR C    C  N N 317 
THR O    O  N N 318 
THR CB   C  N R 319 
THR OG1  O  N N 320 
THR CG2  C  N N 321 
THR OXT  O  N N 322 
THR H    H  N N 323 
THR H2   H  N N 324 
THR HA   H  N N 325 
THR HB   H  N N 326 
THR HG1  H  N N 327 
THR HG21 H  N N 328 
THR HG22 H  N N 329 
THR HG23 H  N N 330 
THR HXT  H  N N 331 
TYR N    N  N N 332 
TYR CA   C  N S 333 
TYR C    C  N N 334 
TYR O    O  N N 335 
TYR CB   C  N N 336 
TYR CG   C  Y N 337 
TYR CD1  C  Y N 338 
TYR CD2  C  Y N 339 
TYR CE1  C  Y N 340 
TYR CE2  C  Y N 341 
TYR CZ   C  Y N 342 
TYR OH   O  N N 343 
TYR OXT  O  N N 344 
TYR H    H  N N 345 
TYR H2   H  N N 346 
TYR HA   H  N N 347 
TYR HB2  H  N N 348 
TYR HB3  H  N N 349 
TYR HD1  H  N N 350 
TYR HD2  H  N N 351 
TYR HE1  H  N N 352 
TYR HE2  H  N N 353 
TYR HH   H  N N 354 
TYR HXT  H  N N 355 
VAL N    N  N N 356 
VAL CA   C  N S 357 
VAL C    C  N N 358 
VAL O    O  N N 359 
VAL CB   C  N N 360 
VAL CG1  C  N N 361 
VAL CG2  C  N N 362 
VAL OXT  O  N N 363 
VAL H    H  N N 364 
VAL H2   H  N N 365 
VAL HA   H  N N 366 
VAL HB   H  N N 367 
VAL HG11 H  N N 368 
VAL HG12 H  N N 369 
VAL HG13 H  N N 370 
VAL HG21 H  N N 371 
VAL HG22 H  N N 372 
VAL HG23 H  N N 373 
VAL HXT  H  N N 374 
# 
loop_
_chem_comp_bond.comp_id 
_chem_comp_bond.atom_id_1 
_chem_comp_bond.atom_id_2 
_chem_comp_bond.value_order 
_chem_comp_bond.pdbx_aromatic_flag 
_chem_comp_bond.pdbx_stereo_config 
_chem_comp_bond.pdbx_ordinal 
ALA N   CA   sing N N 1   
ALA N   H    sing N N 2   
ALA N   H2   sing N N 3   
ALA CA  C    sing N N 4   
ALA CA  CB   sing N N 5   
ALA CA  HA   sing N N 6   
ALA C   O    doub N N 7   
ALA C   OXT  sing N N 8   
ALA CB  HB1  sing N N 9   
ALA CB  HB2  sing N N 10  
ALA CB  HB3  sing N N 11  
ALA OXT HXT  sing N N 12  
ARG N   CA   sing N N 13  
ARG N   H    sing N N 14  
ARG N   H2   sing N N 15  
ARG CA  C    sing N N 16  
ARG CA  CB   sing N N 17  
ARG CA  HA   sing N N 18  
ARG C   O    doub N N 19  
ARG C   OXT  sing N N 20  
ARG CB  CG   sing N N 21  
ARG CB  HB2  sing N N 22  
ARG CB  HB3  sing N N 23  
ARG CG  CD   sing N N 24  
ARG CG  HG2  sing N N 25  
ARG CG  HG3  sing N N 26  
ARG CD  NE   sing N N 27  
ARG CD  HD2  sing N N 28  
ARG CD  HD3  sing N N 29  
ARG NE  CZ   sing N N 30  
ARG NE  HE   sing N N 31  
ARG CZ  NH1  sing N N 32  
ARG CZ  NH2  doub N N 33  
ARG NH1 HH11 sing N N 34  
ARG NH1 HH12 sing N N 35  
ARG NH2 HH21 sing N N 36  
ARG NH2 HH22 sing N N 37  
ARG OXT HXT  sing N N 38  
ASN N   CA   sing N N 39  
ASN N   H    sing N N 40  
ASN N   H2   sing N N 41  
ASN CA  C    sing N N 42  
ASN CA  CB   sing N N 43  
ASN CA  HA   sing N N 44  
ASN C   O    doub N N 45  
ASN C   OXT  sing N N 46  
ASN CB  CG   sing N N 47  
ASN CB  HB2  sing N N 48  
ASN CB  HB3  sing N N 49  
ASN CG  OD1  doub N N 50  
ASN CG  ND2  sing N N 51  
ASN ND2 HD21 sing N N 52  
ASN ND2 HD22 sing N N 53  
ASN OXT HXT  sing N N 54  
ASP N   CA   sing N N 55  
ASP N   H    sing N N 56  
ASP N   H2   sing N N 57  
ASP CA  C    sing N N 58  
ASP CA  CB   sing N N 59  
ASP CA  HA   sing N N 60  
ASP C   O    doub N N 61  
ASP C   OXT  sing N N 62  
ASP CB  CG   sing N N 63  
ASP CB  HB2  sing N N 64  
ASP CB  HB3  sing N N 65  
ASP CG  OD1  doub N N 66  
ASP CG  OD2  sing N N 67  
ASP OD2 HD2  sing N N 68  
ASP OXT HXT  sing N N 69  
GLN N   CA   sing N N 70  
GLN N   H    sing N N 71  
GLN N   H2   sing N N 72  
GLN CA  C    sing N N 73  
GLN CA  CB   sing N N 74  
GLN CA  HA   sing N N 75  
GLN C   O    doub N N 76  
GLN C   OXT  sing N N 77  
GLN CB  CG   sing N N 78  
GLN CB  HB2  sing N N 79  
GLN CB  HB3  sing N N 80  
GLN CG  CD   sing N N 81  
GLN CG  HG2  sing N N 82  
GLN CG  HG3  sing N N 83  
GLN CD  OE1  doub N N 84  
GLN CD  NE2  sing N N 85  
GLN NE2 HE21 sing N N 86  
GLN NE2 HE22 sing N N 87  
GLN OXT HXT  sing N N 88  
GLU N   CA   sing N N 89  
GLU N   H    sing N N 90  
GLU N   H2   sing N N 91  
GLU CA  C    sing N N 92  
GLU CA  CB   sing N N 93  
GLU CA  HA   sing N N 94  
GLU C   O    doub N N 95  
GLU C   OXT  sing N N 96  
GLU CB  CG   sing N N 97  
GLU CB  HB2  sing N N 98  
GLU CB  HB3  sing N N 99  
GLU CG  CD   sing N N 100 
GLU CG  HG2  sing N N 101 
GLU CG  HG3  sing N N 102 
GLU CD  OE1  doub N N 103 
GLU CD  OE2  sing N N 104 
GLU OE2 HE2  sing N N 105 
GLU OXT HXT  sing N N 106 
GLY N   CA   sing N N 107 
GLY N   H    sing N N 108 
GLY N   H2   sing N N 109 
GLY CA  C    sing N N 110 
GLY CA  HA2  sing N N 111 
GLY CA  HA3  sing N N 112 
GLY C   O    doub N N 113 
GLY C   OXT  sing N N 114 
GLY OXT HXT  sing N N 115 
HIS N   CA   sing N N 116 
HIS N   H    sing N N 117 
HIS N   H2   sing N N 118 
HIS CA  C    sing N N 119 
HIS CA  CB   sing N N 120 
HIS CA  HA   sing N N 121 
HIS C   O    doub N N 122 
HIS C   OXT  sing N N 123 
HIS CB  CG   sing N N 124 
HIS CB  HB2  sing N N 125 
HIS CB  HB3  sing N N 126 
HIS CG  ND1  sing Y N 127 
HIS CG  CD2  doub Y N 128 
HIS ND1 CE1  doub Y N 129 
HIS ND1 HD1  sing N N 130 
HIS CD2 NE2  sing Y N 131 
HIS CD2 HD2  sing N N 132 
HIS CE1 NE2  sing Y N 133 
HIS CE1 HE1  sing N N 134 
HIS NE2 HE2  sing N N 135 
HIS OXT HXT  sing N N 136 
HOH O   H1   sing N N 137 
HOH O   H2   sing N N 138 
ILE N   CA   sing N N 139 
ILE N   H    sing N N 140 
ILE N   H2   sing N N 141 
ILE CA  C    sing N N 142 
ILE CA  CB   sing N N 143 
ILE CA  HA   sing N N 144 
ILE C   O    doub N N 145 
ILE C   OXT  sing N N 146 
ILE CB  CG1  sing N N 147 
ILE CB  CG2  sing N N 148 
ILE CB  HB   sing N N 149 
ILE CG1 CD1  sing N N 150 
ILE CG1 HG12 sing N N 151 
ILE CG1 HG13 sing N N 152 
ILE CG2 HG21 sing N N 153 
ILE CG2 HG22 sing N N 154 
ILE CG2 HG23 sing N N 155 
ILE CD1 HD11 sing N N 156 
ILE CD1 HD12 sing N N 157 
ILE CD1 HD13 sing N N 158 
ILE OXT HXT  sing N N 159 
LEU N   CA   sing N N 160 
LEU N   H    sing N N 161 
LEU N   H2   sing N N 162 
LEU CA  C    sing N N 163 
LEU CA  CB   sing N N 164 
LEU CA  HA   sing N N 165 
LEU C   O    doub N N 166 
LEU C   OXT  sing N N 167 
LEU CB  CG   sing N N 168 
LEU CB  HB2  sing N N 169 
LEU CB  HB3  sing N N 170 
LEU CG  CD1  sing N N 171 
LEU CG  CD2  sing N N 172 
LEU CG  HG   sing N N 173 
LEU CD1 HD11 sing N N 174 
LEU CD1 HD12 sing N N 175 
LEU CD1 HD13 sing N N 176 
LEU CD2 HD21 sing N N 177 
LEU CD2 HD22 sing N N 178 
LEU CD2 HD23 sing N N 179 
LEU OXT HXT  sing N N 180 
LYS N   CA   sing N N 181 
LYS N   H    sing N N 182 
LYS N   H2   sing N N 183 
LYS CA  C    sing N N 184 
LYS CA  CB   sing N N 185 
LYS CA  HA   sing N N 186 
LYS C   O    doub N N 187 
LYS C   OXT  sing N N 188 
LYS CB  CG   sing N N 189 
LYS CB  HB2  sing N N 190 
LYS CB  HB3  sing N N 191 
LYS CG  CD   sing N N 192 
LYS CG  HG2  sing N N 193 
LYS CG  HG3  sing N N 194 
LYS CD  CE   sing N N 195 
LYS CD  HD2  sing N N 196 
LYS CD  HD3  sing N N 197 
LYS CE  NZ   sing N N 198 
LYS CE  HE2  sing N N 199 
LYS CE  HE3  sing N N 200 
LYS NZ  HZ1  sing N N 201 
LYS NZ  HZ2  sing N N 202 
LYS NZ  HZ3  sing N N 203 
LYS OXT HXT  sing N N 204 
MET N   CA   sing N N 205 
MET N   H    sing N N 206 
MET N   H2   sing N N 207 
MET CA  C    sing N N 208 
MET CA  CB   sing N N 209 
MET CA  HA   sing N N 210 
MET C   O    doub N N 211 
MET C   OXT  sing N N 212 
MET CB  CG   sing N N 213 
MET CB  HB2  sing N N 214 
MET CB  HB3  sing N N 215 
MET CG  SD   sing N N 216 
MET CG  HG2  sing N N 217 
MET CG  HG3  sing N N 218 
MET SD  CE   sing N N 219 
MET CE  HE1  sing N N 220 
MET CE  HE2  sing N N 221 
MET CE  HE3  sing N N 222 
MET OXT HXT  sing N N 223 
MSE N   CA   sing N N 224 
MSE N   H    sing N N 225 
MSE N   H2   sing N N 226 
MSE CA  C    sing N N 227 
MSE CA  CB   sing N N 228 
MSE CA  HA   sing N N 229 
MSE C   O    doub N N 230 
MSE C   OXT  sing N N 231 
MSE OXT HXT  sing N N 232 
MSE CB  CG   sing N N 233 
MSE CB  HB2  sing N N 234 
MSE CB  HB3  sing N N 235 
MSE CG  SE   sing N N 236 
MSE CG  HG2  sing N N 237 
MSE CG  HG3  sing N N 238 
MSE SE  CE   sing N N 239 
MSE CE  HE1  sing N N 240 
MSE CE  HE2  sing N N 241 
MSE CE  HE3  sing N N 242 
PHE N   CA   sing N N 243 
PHE N   H    sing N N 244 
PHE N   H2   sing N N 245 
PHE CA  C    sing N N 246 
PHE CA  CB   sing N N 247 
PHE CA  HA   sing N N 248 
PHE C   O    doub N N 249 
PHE C   OXT  sing N N 250 
PHE CB  CG   sing N N 251 
PHE CB  HB2  sing N N 252 
PHE CB  HB3  sing N N 253 
PHE CG  CD1  doub Y N 254 
PHE CG  CD2  sing Y N 255 
PHE CD1 CE1  sing Y N 256 
PHE CD1 HD1  sing N N 257 
PHE CD2 CE2  doub Y N 258 
PHE CD2 HD2  sing N N 259 
PHE CE1 CZ   doub Y N 260 
PHE CE1 HE1  sing N N 261 
PHE CE2 CZ   sing Y N 262 
PHE CE2 HE2  sing N N 263 
PHE CZ  HZ   sing N N 264 
PHE OXT HXT  sing N N 265 
PRO N   CA   sing N N 266 
PRO N   CD   sing N N 267 
PRO N   H    sing N N 268 
PRO CA  C    sing N N 269 
PRO CA  CB   sing N N 270 
PRO CA  HA   sing N N 271 
PRO C   O    doub N N 272 
PRO C   OXT  sing N N 273 
PRO CB  CG   sing N N 274 
PRO CB  HB2  sing N N 275 
PRO CB  HB3  sing N N 276 
PRO CG  CD   sing N N 277 
PRO CG  HG2  sing N N 278 
PRO CG  HG3  sing N N 279 
PRO CD  HD2  sing N N 280 
PRO CD  HD3  sing N N 281 
PRO OXT HXT  sing N N 282 
SER N   CA   sing N N 283 
SER N   H    sing N N 284 
SER N   H2   sing N N 285 
SER CA  C    sing N N 286 
SER CA  CB   sing N N 287 
SER CA  HA   sing N N 288 
SER C   O    doub N N 289 
SER C   OXT  sing N N 290 
SER CB  OG   sing N N 291 
SER CB  HB2  sing N N 292 
SER CB  HB3  sing N N 293 
SER OG  HG   sing N N 294 
SER OXT HXT  sing N N 295 
SO4 S   O1   doub N N 296 
SO4 S   O2   doub N N 297 
SO4 S   O3   sing N N 298 
SO4 S   O4   sing N N 299 
THR N   CA   sing N N 300 
THR N   H    sing N N 301 
THR N   H2   sing N N 302 
THR CA  C    sing N N 303 
THR CA  CB   sing N N 304 
THR CA  HA   sing N N 305 
THR C   O    doub N N 306 
THR C   OXT  sing N N 307 
THR CB  OG1  sing N N 308 
THR CB  CG2  sing N N 309 
THR CB  HB   sing N N 310 
THR OG1 HG1  sing N N 311 
THR CG2 HG21 sing N N 312 
THR CG2 HG22 sing N N 313 
THR CG2 HG23 sing N N 314 
THR OXT HXT  sing N N 315 
TYR N   CA   sing N N 316 
TYR N   H    sing N N 317 
TYR N   H2   sing N N 318 
TYR CA  C    sing N N 319 
TYR CA  CB   sing N N 320 
TYR CA  HA   sing N N 321 
TYR C   O    doub N N 322 
TYR C   OXT  sing N N 323 
TYR CB  CG   sing N N 324 
TYR CB  HB2  sing N N 325 
TYR CB  HB3  sing N N 326 
TYR CG  CD1  doub Y N 327 
TYR CG  CD2  sing Y N 328 
TYR CD1 CE1  sing Y N 329 
TYR CD1 HD1  sing N N 330 
TYR CD2 CE2  doub Y N 331 
TYR CD2 HD2  sing N N 332 
TYR CE1 CZ   doub Y N 333 
TYR CE1 HE1  sing N N 334 
TYR CE2 CZ   sing Y N 335 
TYR CE2 HE2  sing N N 336 
TYR CZ  OH   sing N N 337 
TYR OH  HH   sing N N 338 
TYR OXT HXT  sing N N 339 
VAL N   CA   sing N N 340 
VAL N   H    sing N N 341 
VAL N   H2   sing N N 342 
VAL CA  C    sing N N 343 
VAL CA  CB   sing N N 344 
VAL CA  HA   sing N N 345 
VAL C   O    doub N N 346 
VAL C   OXT  sing N N 347 
VAL CB  CG1  sing N N 348 
VAL CB  CG2  sing N N 349 
VAL CB  HB   sing N N 350 
VAL CG1 HG11 sing N N 351 
VAL CG1 HG12 sing N N 352 
VAL CG1 HG13 sing N N 353 
VAL CG2 HG21 sing N N 354 
VAL CG2 HG22 sing N N 355 
VAL CG2 HG23 sing N N 356 
VAL OXT HXT  sing N N 357 
# 
_atom_sites.entry_id                    2GSV 
_atom_sites.fract_transf_matrix[1][1]   0.00457954 
_atom_sites.fract_transf_matrix[1][2]   -0.01622943 
_atom_sites.fract_transf_matrix[1][3]   -0.01009345 
_atom_sites.fract_transf_matrix[2][1]   0.01935557 
_atom_sites.fract_transf_matrix[2][2]   -0.00902451 
_atom_sites.fract_transf_matrix[2][3]   0.02329256 
_atom_sites.fract_transf_matrix[3][1]   -0.01380287 
_atom_sites.fract_transf_matrix[3][2]   -0.01036754 
_atom_sites.fract_transf_matrix[3][3]   0.00745304 
_atom_sites.fract_transf_vector[1]      0.215153 
_atom_sites.fract_transf_vector[2]      0.646282 
_atom_sites.fract_transf_vector[3]      0.706865 
# 
loop_
_atom_type.symbol 
C  
N  
O  
S  
SE 
# 
loop_
_atom_site.group_PDB 
_atom_site.id 
_atom_site.type_symbol 
_atom_site.label_atom_id 
_atom_site.label_alt_id 
_atom_site.label_comp_id 
_atom_site.label_asym_id 
_atom_site.label_entity_id 
_atom_site.label_seq_id 
_atom_site.pdbx_PDB_ins_code 
_atom_site.Cartn_x 
_atom_site.Cartn_y 
_atom_site.Cartn_z 
_atom_site.occupancy 
_atom_site.B_iso_or_equiv 
_atom_site.pdbx_formal_charge 
_atom_site.auth_seq_id 
_atom_site.auth_comp_id 
_atom_site.auth_asym_id 
_atom_site.auth_atom_id 
_atom_site.pdbx_PDB_model_num 
ATOM   1    N  N   . GLU A 1 3  ? -6.173  -13.977 14.831  1.00 57.40 ? 3   GLU A N   1 
ATOM   2    C  CA  . GLU A 1 3  ? -5.084  -13.153 15.438  1.00 57.73 ? 3   GLU A CA  1 
ATOM   3    C  C   . GLU A 1 3  ? -4.110  -12.654 14.372  1.00 56.00 ? 3   GLU A C   1 
ATOM   4    O  O   . GLU A 1 3  ? -3.686  -11.497 14.398  1.00 55.54 ? 3   GLU A O   1 
ATOM   5    C  CB  . GLU A 1 3  ? -4.318  -13.976 16.480  1.00 59.12 ? 3   GLU A CB  1 
ATOM   6    C  CG  . GLU A 1 3  ? -3.199  -13.213 17.182  1.00 61.66 ? 3   GLU A CG  1 
ATOM   7    C  CD  . GLU A 1 3  ? -2.478  -14.054 18.223  1.00 63.26 ? 3   GLU A CD  1 
ATOM   8    O  OE1 . GLU A 1 3  ? -1.804  -15.036 17.844  1.00 64.96 ? 3   GLU A OE1 1 
ATOM   9    O  OE2 . GLU A 1 3  ? -2.592  -13.739 19.426  1.00 65.03 ? 3   GLU A OE2 1 
ATOM   10   N  N   . LEU A 1 4  ? -3.764  -13.533 13.436  1.00 53.30 ? 4   LEU A N   1 
ATOM   11   C  CA  . LEU A 1 4  ? -2.834  -13.192 12.365  1.00 49.94 ? 4   LEU A CA  1 
ATOM   12   C  C   . LEU A 1 4  ? -3.461  -12.270 11.330  1.00 46.39 ? 4   LEU A C   1 
ATOM   13   O  O   . LEU A 1 4  ? -4.566  -12.513 10.848  1.00 45.87 ? 4   LEU A O   1 
ATOM   14   C  CB  . LEU A 1 4  ? -2.333  -14.464 11.674  1.00 51.17 ? 4   LEU A CB  1 
ATOM   15   C  CG  . LEU A 1 4  ? -0.849  -14.800 11.842  1.00 50.72 ? 4   LEU A CG  1 
ATOM   16   C  CD1 . LEU A 1 4  ? -0.562  -16.141 11.186  1.00 51.23 ? 4   LEU A CD1 1 
ATOM   17   C  CD2 . LEU A 1 4  ? 0.004   -13.701 11.222  1.00 50.66 ? 4   LEU A CD2 1 
ATOM   18   N  N   . PHE A 1 5  ? -2.742  -11.210 10.990  1.00 43.46 ? 5   PHE A N   1 
ATOM   19   C  CA  . PHE A 1 5  ? -3.212  -10.249 10.011  1.00 39.67 ? 5   PHE A CA  1 
ATOM   20   C  C   . PHE A 1 5  ? -4.467  -9.524  10.487  1.00 37.82 ? 5   PHE A C   1 
ATOM   21   O  O   . PHE A 1 5  ? -5.283  -9.082  9.686   1.00 38.78 ? 5   PHE A O   1 
ATOM   22   C  CB  . PHE A 1 5  ? -3.469  -10.949 8.673   1.00 39.70 ? 5   PHE A CB  1 
ATOM   23   C  CG  . PHE A 1 5  ? -2.248  -11.626 8.092   1.00 39.93 ? 5   PHE A CG  1 
ATOM   24   C  CD1 . PHE A 1 5  ? -2.259  -12.987 7.800   1.00 40.43 ? 5   PHE A CD1 1 
ATOM   25   C  CD2 . PHE A 1 5  ? -1.095  -10.898 7.818   1.00 41.03 ? 5   PHE A CD2 1 
ATOM   26   C  CE1 . PHE A 1 5  ? -1.141  -13.612 7.241   1.00 39.98 ? 5   PHE A CE1 1 
ATOM   27   C  CE2 . PHE A 1 5  ? 0.027   -11.516 7.258   1.00 39.25 ? 5   PHE A CE2 1 
ATOM   28   C  CZ  . PHE A 1 5  ? 0.000   -12.875 6.969   1.00 38.57 ? 5   PHE A CZ  1 
ATOM   29   N  N   . SER A 1 6  ? -4.611  -9.401  11.801  1.00 36.07 ? 6   SER A N   1 
ATOM   30   C  CA  . SER A 1 6  ? -5.748  -8.695  12.391  1.00 35.63 ? 6   SER A CA  1 
ATOM   31   C  C   . SER A 1 6  ? -5.293  -7.266  12.633  1.00 33.83 ? 6   SER A C   1 
ATOM   32   O  O   . SER A 1 6  ? -4.102  -6.969  12.541  1.00 33.26 ? 6   SER A O   1 
ATOM   33   C  CB  . SER A 1 6  ? -6.140  -9.325  13.726  1.00 32.73 ? 6   SER A CB  1 
ATOM   34   O  OG  . SER A 1 6  ? -5.100  -9.152  14.674  1.00 33.54 ? 6   SER A OG  1 
ATOM   35   N  N   . VAL A 1 7  ? -6.238  -6.390  12.953  1.00 34.66 ? 7   VAL A N   1 
ATOM   36   C  CA  . VAL A 1 7  ? -5.929  -4.987  13.208  1.00 35.23 ? 7   VAL A CA  1 
ATOM   37   C  C   . VAL A 1 7  ? -4.881  -4.836  14.311  1.00 37.15 ? 7   VAL A C   1 
ATOM   38   O  O   . VAL A 1 7  ? -3.841  -4.201  14.107  1.00 35.17 ? 7   VAL A O   1 
ATOM   39   C  CB  . VAL A 1 7  ? -7.198  -4.200  13.603  1.00 33.77 ? 7   VAL A CB  1 
ATOM   40   C  CG1 . VAL A 1 7  ? -6.834  -2.793  14.050  1.00 31.14 ? 7   VAL A CG1 1 
ATOM   41   C  CG2 . VAL A 1 7  ? -8.159  -4.158  12.427  1.00 32.22 ? 7   VAL A CG2 1 
ATOM   42   N  N   . PRO A 1 8  ? -5.140  -5.414  15.499  1.00 38.16 ? 8   PRO A N   1 
ATOM   43   C  CA  . PRO A 1 8  ? -4.156  -5.291  16.579  1.00 38.09 ? 8   PRO A CA  1 
ATOM   44   C  C   . PRO A 1 8  ? -2.791  -5.822  16.146  1.00 37.11 ? 8   PRO A C   1 
ATOM   45   O  O   . PRO A 1 8  ? -1.752  -5.322  16.573  1.00 39.69 ? 8   PRO A O   1 
ATOM   46   C  CB  . PRO A 1 8  ? -4.784  -6.106  17.713  1.00 37.09 ? 8   PRO A CB  1 
ATOM   47   C  CG  . PRO A 1 8  ? -5.612  -7.124  16.979  1.00 41.28 ? 8   PRO A CG  1 
ATOM   48   C  CD  . PRO A 1 8  ? -6.250  -6.298  15.898  1.00 37.64 ? 8   PRO A CD  1 
ATOM   49   N  N   . TYR A 1 9  ? -2.801  -6.838  15.292  1.00 36.78 ? 9   TYR A N   1 
ATOM   50   C  CA  . TYR A 1 9  ? -1.558  -7.415  14.788  1.00 34.69 ? 9   TYR A CA  1 
ATOM   51   C  C   . TYR A 1 9  ? -0.744  -6.366  14.020  1.00 34.01 ? 9   TYR A C   1 
ATOM   52   O  O   . TYR A 1 9  ? 0.450   -6.174  14.279  1.00 32.59 ? 9   TYR A O   1 
ATOM   53   C  CB  . TYR A 1 9  ? -1.856  -8.587  13.857  1.00 34.83 ? 9   TYR A CB  1 
ATOM   54   C  CG  . TYR A 1 9  ? -0.636  -9.092  13.123  1.00 33.74 ? 9   TYR A CG  1 
ATOM   55   C  CD1 . TYR A 1 9  ? 0.288   -9.910  13.754  1.00 33.76 ? 9   TYR A CD1 1 
ATOM   56   C  CD2 . TYR A 1 9  ? -0.393  -8.723  11.799  1.00 35.07 ? 9   TYR A CD2 1 
ATOM   57   C  CE1 . TYR A 1 9  ? 1.429   -10.353 13.090  1.00 35.06 ? 9   TYR A CE1 1 
ATOM   58   C  CE2 . TYR A 1 9  ? 0.749   -9.158  11.123  1.00 33.97 ? 9   TYR A CE2 1 
ATOM   59   C  CZ  . TYR A 1 9  ? 1.651   -9.974  11.783  1.00 33.75 ? 9   TYR A CZ  1 
ATOM   60   O  OH  . TYR A 1 9  ? 2.777   -10.420 11.143  1.00 33.81 ? 9   TYR A OH  1 
ATOM   61   N  N   . PHE A 1 10 ? -1.390  -5.691  13.069  1.00 32.28 ? 10  PHE A N   1 
ATOM   62   C  CA  . PHE A 1 10 ? -0.710  -4.674  12.267  1.00 30.08 ? 10  PHE A CA  1 
ATOM   63   C  C   . PHE A 1 10 ? -0.332  -3.433  13.062  1.00 30.74 ? 10  PHE A C   1 
ATOM   64   O  O   . PHE A 1 10 ? 0.647   -2.757  12.738  1.00 29.80 ? 10  PHE A O   1 
ATOM   65   C  CB  . PHE A 1 10 ? -1.562  -4.281  11.062  1.00 28.61 ? 10  PHE A CB  1 
ATOM   66   C  CG  . PHE A 1 10 ? -1.609  -5.328  9.992   1.00 26.96 ? 10  PHE A CG  1 
ATOM   67   C  CD1 . PHE A 1 10 ? -0.437  -5.806  9.416   1.00 25.48 ? 10  PHE A CD1 1 
ATOM   68   C  CD2 . PHE A 1 10 ? -2.827  -5.844  9.561   1.00 25.46 ? 10  PHE A CD2 1 
ATOM   69   C  CE1 . PHE A 1 10 ? -0.484  -6.783  8.423   1.00 26.50 ? 10  PHE A CE1 1 
ATOM   70   C  CE2 . PHE A 1 10 ? -2.881  -6.816  8.574   1.00 25.34 ? 10  PHE A CE2 1 
ATOM   71   C  CZ  . PHE A 1 10 ? -1.700  -7.289  8.001   1.00 25.69 ? 10  PHE A CZ  1 
ATOM   72   N  N   . ILE A 1 11 ? -1.111  -3.121  14.092  1.00 28.39 ? 11  ILE A N   1 
ATOM   73   C  CA  . ILE A 1 11 ? -0.802  -1.974  14.923  1.00 28.93 ? 11  ILE A CA  1 
ATOM   74   C  C   . ILE A 1 11 ? 0.530   -2.250  15.619  1.00 29.85 ? 11  ILE A C   1 
ATOM   75   O  O   . ILE A 1 11 ? 1.417   -1.402  15.639  1.00 30.26 ? 11  ILE A O   1 
ATOM   76   C  CB  . ILE A 1 11 ? -1.909  -1.748  15.969  1.00 30.43 ? 11  ILE A CB  1 
ATOM   77   C  CG1 . ILE A 1 11 ? -3.184  -1.265  15.268  1.00 32.48 ? 11  ILE A CG1 1 
ATOM   78   C  CG2 . ILE A 1 11 ? -1.439  -0.752  17.029  1.00 30.85 ? 11  ILE A CG2 1 
ATOM   79   C  CD1 . ILE A 1 11 ? -4.369  -1.064  16.196  1.00 32.81 ? 11  ILE A CD1 1 
ATOM   80   N  N   . GLU A 1 12 ? 0.659   -3.454  16.173  1.00 30.95 ? 12  GLU A N   1 
ATOM   81   C  CA  . GLU A 1 12 ? 1.866   -3.883  16.870  1.00 32.66 ? 12  GLU A CA  1 
ATOM   82   C  C   . GLU A 1 12 ? 3.089   -3.891  15.956  1.00 32.05 ? 12  GLU A C   1 
ATOM   83   O  O   . GLU A 1 12 ? 4.131   -3.357  16.316  1.00 30.72 ? 12  GLU A O   1 
ATOM   84   C  CB  . GLU A 1 12 ? 1.644   -5.284  17.461  1.00 37.48 ? 12  GLU A CB  1 
ATOM   85   C  CG  . GLU A 1 12 ? 2.859   -5.950  18.121  1.00 41.07 ? 12  GLU A CG  1 
ATOM   86   C  CD  . GLU A 1 12 ? 3.452   -5.146  19.272  1.00 45.48 ? 12  GLU A CD  1 
ATOM   87   O  OE1 . GLU A 1 12 ? 2.678   -4.533  20.039  1.00 46.08 ? 12  GLU A OE1 1 
ATOM   88   O  OE2 . GLU A 1 12 ? 4.697   -5.142  19.422  1.00 48.19 ? 12  GLU A OE2 1 
ATOM   89   N  N   . ASN A 1 13 ? 2.955   -4.489  14.774  1.00 30.52 ? 13  ASN A N   1 
ATOM   90   C  CA  . ASN A 1 13 ? 4.063   -4.560  13.828  1.00 30.34 ? 13  ASN A CA  1 
ATOM   91   C  C   . ASN A 1 13 ? 4.444   -3.208  13.242  1.00 30.95 ? 13  ASN A C   1 
ATOM   92   O  O   . ASN A 1 13 ? 5.619   -2.961  12.961  1.00 30.21 ? 13  ASN A O   1 
ATOM   93   C  CB  . ASN A 1 13 ? 3.738   -5.559  12.723  1.00 32.10 ? 13  ASN A CB  1 
ATOM   94   C  CG  . ASN A 1 13 ? 4.096   -6.975  13.108  1.00 33.89 ? 13  ASN A CG  1 
ATOM   95   O  OD1 . ASN A 1 13 ? 5.202   -7.437  12.837  1.00 37.10 ? 13  ASN A OD1 1 
ATOM   96   N  ND2 . ASN A 1 13 ? 3.176   -7.664  13.776  1.00 34.20 ? 13  ASN A ND2 1 
ATOM   97   N  N   . LEU A 1 14 ? 3.455   -2.333  13.062  1.00 31.65 ? 14  LEU A N   1 
ATOM   98   C  CA  . LEU A 1 14 ? 3.713   -0.989  12.556  1.00 31.32 ? 14  LEU A CA  1 
ATOM   99   C  C   . LEU A 1 14 ? 4.594   -0.287  13.579  1.00 32.19 ? 14  LEU A C   1 
ATOM   100  O  O   . LEU A 1 14 ? 5.624   0.291   13.234  1.00 31.75 ? 14  LEU A O   1 
ATOM   101  C  CB  . LEU A 1 14 ? 2.397   -0.217  12.387  1.00 31.45 ? 14  LEU A CB  1 
ATOM   102  C  CG  . LEU A 1 14 ? 1.771   -0.249  10.991  1.00 32.65 ? 14  LEU A CG  1 
ATOM   103  C  CD1 . LEU A 1 14 ? 0.299   0.150   11.047  1.00 30.81 ? 14  LEU A CD1 1 
ATOM   104  C  CD2 . LEU A 1 14 ? 2.556   0.696   10.086  1.00 29.77 ? 14  LEU A CD2 1 
ATOM   105  N  N   . LYS A 1 15 ? 4.192   -0.354  14.843  1.00 31.27 ? 15  LYS A N   1 
ATOM   106  C  CA  . LYS A 1 15 ? 4.952   0.279   15.908  1.00 31.85 ? 15  LYS A CA  1 
ATOM   107  C  C   . LYS A 1 15 ? 6.367   -0.273  16.022  1.00 32.21 ? 15  LYS A C   1 
ATOM   108  O  O   . LYS A 1 15 ? 7.300   0.480   16.284  1.00 32.85 ? 15  LYS A O   1 
ATOM   109  C  CB  . LYS A 1 15 ? 4.209   0.144   17.237  1.00 33.34 ? 15  LYS A CB  1 
ATOM   110  C  CG  . LYS A 1 15 ? 2.936   0.983   17.289  1.00 38.44 ? 15  LYS A CG  1 
ATOM   111  C  CD  . LYS A 1 15 ? 2.241   0.876   18.633  1.00 40.76 ? 15  LYS A CD  1 
ATOM   112  C  CE  . LYS A 1 15 ? 0.943   1.663   18.641  1.00 43.78 ? 15  LYS A CE  1 
ATOM   113  N  NZ  . LYS A 1 15 ? 0.281   1.613   19.978  1.00 46.18 ? 15  LYS A NZ  1 
ATOM   114  N  N   . GLN A 1 16 ? 6.533   -1.580  15.816  1.00 32.68 ? 16  GLN A N   1 
ATOM   115  C  CA  . GLN A 1 16 ? 7.858   -2.186  15.889  1.00 31.60 ? 16  GLN A CA  1 
ATOM   116  C  C   . GLN A 1 16 ? 8.763   -1.666  14.776  1.00 30.90 ? 16  GLN A C   1 
ATOM   117  O  O   . GLN A 1 16 ? 9.941   -1.392  15.006  1.00 31.01 ? 16  GLN A O   1 
ATOM   118  C  CB  . GLN A 1 16 ? 7.772   -3.710  15.796  1.00 32.77 ? 16  GLN A CB  1 
ATOM   119  C  CG  . GLN A 1 16 ? 7.171   -4.372  17.017  1.00 37.54 ? 16  GLN A CG  1 
ATOM   120  C  CD  . GLN A 1 16 ? 7.189   -5.889  16.931  1.00 40.43 ? 16  GLN A CD  1 
ATOM   121  O  OE1 . GLN A 1 16 ? 6.817   -6.579  17.882  1.00 45.39 ? 16  GLN A OE1 1 
ATOM   122  N  NE2 . GLN A 1 16 ? 7.619   -6.414  15.793  1.00 39.24 ? 16  GLN A NE2 1 
ATOM   123  N  N   . HIS A 1 17 ? 8.221   -1.532  13.569  1.00 27.40 ? 17  HIS A N   1 
ATOM   124  C  CA  . HIS A 1 17 ? 9.020   -1.037  12.456  1.00 27.56 ? 17  HIS A CA  1 
ATOM   125  C  C   . HIS A 1 17 ? 9.387   0.429   12.664  1.00 27.61 ? 17  HIS A C   1 
ATOM   126  O  O   . HIS A 1 17 ? 10.515  0.842   12.396  1.00 27.45 ? 17  HIS A O   1 
ATOM   127  C  CB  . HIS A 1 17 ? 8.277   -1.220  11.125  1.00 25.84 ? 17  HIS A CB  1 
ATOM   128  C  CG  . HIS A 1 17 ? 8.980   -0.608  9.951   1.00 28.11 ? 17  HIS A CG  1 
ATOM   129  N  ND1 . HIS A 1 17 ? 10.254  -0.977  9.566   1.00 28.63 ? 17  HIS A ND1 1 
ATOM   130  C  CD2 . HIS A 1 17 ? 8.585   0.338   9.070   1.00 28.04 ? 17  HIS A CD2 1 
ATOM   131  C  CE1 . HIS A 1 17 ? 10.608  -0.284  8.499   1.00 28.96 ? 17  HIS A CE1 1 
ATOM   132  N  NE2 . HIS A 1 17 ? 9.611   0.521   8.177   1.00 28.78 ? 17  HIS A NE2 1 
ATOM   133  N  N   . ILE A 1 18 ? 8.431   1.216   13.144  1.00 26.59 ? 18  ILE A N   1 
ATOM   134  C  CA  . ILE A 1 18 ? 8.680   2.631   13.407  1.00 24.75 ? 18  ILE A CA  1 
ATOM   135  C  C   . ILE A 1 18 ? 9.857   2.809   14.367  1.00 25.54 ? 18  ILE A C   1 
ATOM   136  O  O   . ILE A 1 18 ? 10.737  3.646   14.147  1.00 24.04 ? 18  ILE A O   1 
ATOM   137  C  CB  . ILE A 1 18 ? 7.452   3.304   14.050  1.00 24.62 ? 18  ILE A CB  1 
ATOM   138  C  CG1 . ILE A 1 18 ? 6.270   3.258   13.083  1.00 23.62 ? 18  ILE A CG1 1 
ATOM   139  C  CG2 . ILE A 1 18 ? 7.795   4.736   14.449  1.00 26.13 ? 18  ILE A CG2 1 
ATOM   140  C  CD1 . ILE A 1 18 ? 4.981   3.730   13.685  1.00 24.33 ? 18  ILE A CD1 1 
ATOM   141  N  N   . GLU A 1 19 ? 9.866   2.014   15.431  1.00 26.69 ? 19  GLU A N   1 
ATOM   142  C  CA  . GLU A 1 19 ? 10.922  2.083   16.439  1.00 30.03 ? 19  GLU A CA  1 
ATOM   143  C  C   . GLU A 1 19 ? 12.265  1.482   16.030  1.00 29.24 ? 19  GLU A C   1 
ATOM   144  O  O   . GLU A 1 19 ? 13.308  2.024   16.376  1.00 29.05 ? 19  GLU A O   1 
ATOM   145  C  CB  . GLU A 1 19 ? 10.470  1.394   17.725  1.00 35.97 ? 19  GLU A CB  1 
ATOM   146  C  CG  . GLU A 1 19 ? 9.181   1.930   18.315  1.00 45.54 ? 19  GLU A CG  1 
ATOM   147  C  CD  . GLU A 1 19 ? 8.894   1.353   19.690  1.00 51.57 ? 19  GLU A CD  1 
ATOM   148  O  OE1 . GLU A 1 19 ? 7.790   1.604   20.220  1.00 55.03 ? 19  GLU A OE1 1 
ATOM   149  O  OE2 . GLU A 1 19 ? 9.779   0.659   20.248  1.00 54.87 ? 19  GLU A OE2 1 
HETATM 150  N  N   . MSE A 1 20 ? 12.238  0.359   15.319  1.00 28.89 ? 20  MSE A N   1 
HETATM 151  C  CA  . MSE A 1 20 ? 13.465  -0.318  14.896  1.00 31.61 ? 20  MSE A CA  1 
HETATM 152  C  C   . MSE A 1 20 ? 14.157  0.360   13.723  1.00 33.58 ? 20  MSE A C   1 
HETATM 153  O  O   . MSE A 1 20 ? 15.375  0.261   13.561  1.00 35.21 ? 20  MSE A O   1 
HETATM 154  C  CB  . MSE A 1 20 ? 13.160  -1.772  14.533  1.00 32.41 ? 20  MSE A CB  1 
HETATM 155  C  CG  . MSE A 1 20 ? 12.939  -2.687  15.735  1.00 35.91 ? 20  MSE A CG  1 
HETATM 156  SE SE  . MSE A 1 20 ? 11.998  -4.340  15.311  1.00 45.14 ? 20  MSE A SE  1 
HETATM 157  C  CE  . MSE A 1 20 ? 11.174  -4.681  17.040  1.00 40.10 ? 20  MSE A CE  1 
ATOM   158  N  N   . ASN A 1 21 ? 13.370  1.037   12.900  1.00 34.53 ? 21  ASN A N   1 
ATOM   159  C  CA  . ASN A 1 21 ? 13.884  1.750   11.741  1.00 34.15 ? 21  ASN A CA  1 
ATOM   160  C  C   . ASN A 1 21 ? 14.796  2.864   12.251  1.00 33.06 ? 21  ASN A C   1 
ATOM   161  O  O   . ASN A 1 21 ? 14.455  3.556   13.209  1.00 33.13 ? 21  ASN A O   1 
ATOM   162  C  CB  . ASN A 1 21 ? 12.706  2.341   10.964  1.00 35.61 ? 21  ASN A CB  1 
ATOM   163  C  CG  . ASN A 1 21 ? 13.113  2.905   9.636   1.00 35.82 ? 21  ASN A CG  1 
ATOM   164  O  OD1 . ASN A 1 21 ? 14.007  3.735   9.560   1.00 39.66 ? 21  ASN A OD1 1 
ATOM   165  N  ND2 . ASN A 1 21 ? 12.457  2.453   8.571   1.00 40.38 ? 21  ASN A ND2 1 
ATOM   166  N  N   . GLN A 1 22 ? 15.947  3.041   11.612  1.00 32.62 ? 22  GLN A N   1 
ATOM   167  C  CA  . GLN A 1 22 ? 16.898  4.076   12.021  1.00 31.76 ? 22  GLN A CA  1 
ATOM   168  C  C   . GLN A 1 22 ? 17.080  5.205   11.001  1.00 31.10 ? 22  GLN A C   1 
ATOM   169  O  O   . GLN A 1 22 ? 17.857  6.126   11.239  1.00 32.95 ? 22  GLN A O   1 
ATOM   170  C  CB  . GLN A 1 22 ? 18.262  3.447   12.310  1.00 31.77 ? 22  GLN A CB  1 
ATOM   171  C  CG  . GLN A 1 22 ? 18.254  2.441   13.428  1.00 32.59 ? 22  GLN A CG  1 
ATOM   172  C  CD  . GLN A 1 22 ? 17.943  3.073   14.762  1.00 34.79 ? 22  GLN A CD  1 
ATOM   173  O  OE1 . GLN A 1 22 ? 16.872  2.859   15.333  1.00 36.19 ? 22  GLN A OE1 1 
ATOM   174  N  NE2 . GLN A 1 22 ? 18.880  3.864   15.270  1.00 36.15 ? 22  GLN A NE2 1 
ATOM   175  N  N   . SER A 1 23 ? 16.373  5.146   9.874   1.00 28.32 ? 23  SER A N   1 
ATOM   176  C  CA  . SER A 1 23 ? 16.501  6.194   8.863   1.00 28.71 ? 23  SER A CA  1 
ATOM   177  C  C   . SER A 1 23 ? 15.194  6.873   8.458   1.00 27.22 ? 23  SER A C   1 
ATOM   178  O  O   . SER A 1 23 ? 15.212  7.868   7.739   1.00 27.03 ? 23  SER A O   1 
ATOM   179  C  CB  . SER A 1 23 ? 17.197  5.643   7.605   1.00 27.47 ? 23  SER A CB  1 
ATOM   180  O  OG  . SER A 1 23 ? 16.484  4.555   7.042   1.00 29.87 ? 23  SER A OG  1 
ATOM   181  N  N   . GLU A 1 24 ? 14.057  6.349   8.907   1.00 28.54 ? 24  GLU A N   1 
ATOM   182  C  CA  . GLU A 1 24 ? 12.771  6.948   8.540   1.00 26.38 ? 24  GLU A CA  1 
ATOM   183  C  C   . GLU A 1 24 ? 11.970  7.342   9.775   1.00 27.08 ? 24  GLU A C   1 
ATOM   184  O  O   . GLU A 1 24 ? 11.934  6.591   10.751  1.00 25.71 ? 24  GLU A O   1 
ATOM   185  C  CB  . GLU A 1 24 ? 11.946  5.966   7.693   1.00 28.64 ? 24  GLU A CB  1 
ATOM   186  C  CG  . GLU A 1 24 ? 12.647  5.460   6.444   1.00 30.84 ? 24  GLU A CG  1 
ATOM   187  C  CD  . GLU A 1 24 ? 11.815  4.450   5.675   1.00 35.52 ? 24  GLU A CD  1 
ATOM   188  O  OE1 . GLU A 1 24 ? 11.372  3.442   6.267   1.00 40.66 ? 24  GLU A OE1 1 
ATOM   189  O  OE2 . GLU A 1 24 ? 11.605  4.649   4.466   1.00 38.48 ? 24  GLU A OE2 1 
ATOM   190  N  N   . ASP A 1 25 ? 11.341  8.517   9.745   1.00 26.48 ? 25  ASP A N   1 
ATOM   191  C  CA  . ASP A 1 25 ? 10.538  8.940   10.883  1.00 27.67 ? 25  ASP A CA  1 
ATOM   192  C  C   . ASP A 1 25 ? 9.180   8.233   10.838  1.00 26.60 ? 25  ASP A C   1 
ATOM   193  O  O   . ASP A 1 25 ? 8.900   7.482   9.903   1.00 25.28 ? 25  ASP A O   1 
ATOM   194  C  CB  . ASP A 1 25 ? 10.402  10.477  10.944  1.00 27.06 ? 25  ASP A CB  1 
ATOM   195  C  CG  . ASP A 1 25 ? 9.901   11.096  9.648   1.00 29.68 ? 25  ASP A CG  1 
ATOM   196  O  OD1 . ASP A 1 25 ? 10.278  12.256  9.386   1.00 30.37 ? 25  ASP A OD1 1 
ATOM   197  O  OD2 . ASP A 1 25 ? 9.134   10.457  8.907   1.00 26.07 ? 25  ASP A OD2 1 
ATOM   198  N  N   . LYS A 1 26 ? 8.354   8.457   11.856  1.00 28.39 ? 26  LYS A N   1 
ATOM   199  C  CA  . LYS A 1 26 ? 7.058   7.796   11.988  1.00 27.83 ? 26  LYS A CA  1 
ATOM   200  C  C   . LYS A 1 26 ? 6.273   7.562   10.708  1.00 27.61 ? 26  LYS A C   1 
ATOM   201  O  O   . LYS A 1 26 ? 6.118   6.420   10.270  1.00 28.41 ? 26  LYS A O   1 
ATOM   202  C  CB  . LYS A 1 26 ? 6.179   8.567   12.972  1.00 30.62 ? 26  LYS A CB  1 
ATOM   203  C  CG  . LYS A 1 26 ? 4.878   7.864   13.358  1.00 36.53 ? 26  LYS A CG  1 
ATOM   204  C  CD  . LYS A 1 26 ? 3.924   8.850   14.047  1.00 40.62 ? 26  LYS A CD  1 
ATOM   205  C  CE  . LYS A 1 26 ? 2.704   8.162   14.648  1.00 42.63 ? 26  LYS A CE  1 
ATOM   206  N  NZ  . LYS A 1 26 ? 3.096   7.235   15.747  1.00 43.30 ? 26  LYS A NZ  1 
ATOM   207  N  N   . ILE A 1 27 ? 5.780   8.642   10.111  1.00 27.15 ? 27  ILE A N   1 
ATOM   208  C  CA  . ILE A 1 27 ? 4.970   8.539   8.907   1.00 26.17 ? 27  ILE A CA  1 
ATOM   209  C  C   . ILE A 1 27 ? 5.657   7.860   7.722   1.00 25.48 ? 27  ILE A C   1 
ATOM   210  O  O   . ILE A 1 27 ? 5.033   7.047   7.031   1.00 22.91 ? 27  ILE A O   1 
ATOM   211  C  CB  . ILE A 1 27 ? 4.440   9.934   8.489   1.00 26.82 ? 27  ILE A CB  1 
ATOM   212  C  CG1 . ILE A 1 27 ? 3.113   9.781   7.758   1.00 28.96 ? 27  ILE A CG1 1 
ATOM   213  C  CG2 . ILE A 1 27 ? 5.450   10.660  7.607   1.00 26.76 ? 27  ILE A CG2 1 
ATOM   214  C  CD1 . ILE A 1 27 ? 3.193   9.074   6.446   1.00 34.30 ? 27  ILE A CD1 1 
ATOM   215  N  N   . HIS A 1 28 ? 6.924   8.184   7.474   1.00 24.77 ? 28  HIS A N   1 
ATOM   216  C  CA  . HIS A 1 28 ? 7.629   7.565   6.361   1.00 23.17 ? 28  HIS A CA  1 
ATOM   217  C  C   . HIS A 1 28 ? 7.761   6.058   6.597   1.00 24.27 ? 28  HIS A C   1 
ATOM   218  O  O   . HIS A 1 28 ? 7.585   5.267   5.669   1.00 24.72 ? 28  HIS A O   1 
ATOM   219  C  CB  . HIS A 1 28 ? 9.029   8.182   6.172   1.00 23.42 ? 28  HIS A CB  1 
ATOM   220  C  CG  . HIS A 1 28 ? 9.034   9.475   5.409   1.00 21.80 ? 28  HIS A CG  1 
ATOM   221  N  ND1 . HIS A 1 28 ? 8.073   9.793   4.473   1.00 24.33 ? 28  HIS A ND1 1 
ATOM   222  C  CD2 . HIS A 1 28 ? 9.926   10.494  5.387   1.00 23.93 ? 28  HIS A CD2 1 
ATOM   223  C  CE1 . HIS A 1 28 ? 8.374   10.949  3.909   1.00 23.48 ? 28  HIS A CE1 1 
ATOM   224  N  NE2 . HIS A 1 28 ? 9.496   11.395  4.444   1.00 24.06 ? 28  HIS A NE2 1 
ATOM   225  N  N   . ALA A 1 29 ? 8.067   5.666   7.833   1.00 24.90 ? 29  ALA A N   1 
ATOM   226  C  CA  . ALA A 1 29 ? 8.224   4.255   8.181   1.00 24.18 ? 29  ALA A CA  1 
ATOM   227  C  C   . ALA A 1 29 ? 6.915   3.503   7.979   1.00 25.70 ? 29  ALA A C   1 
ATOM   228  O  O   . ALA A 1 29 ? 6.898   2.394   7.435   1.00 24.82 ? 29  ALA A O   1 
ATOM   229  C  CB  . ALA A 1 29 ? 8.694   4.110   9.627   1.00 24.30 ? 29  ALA A CB  1 
HETATM 230  N  N   . MSE A 1 30 ? 5.813   4.107   8.403   1.00 25.73 ? 30  MSE A N   1 
HETATM 231  C  CA  . MSE A 1 30 ? 4.510   3.469   8.238   1.00 26.76 ? 30  MSE A CA  1 
HETATM 232  C  C   . MSE A 1 30 ? 4.212   3.203   6.758   1.00 27.09 ? 30  MSE A C   1 
HETATM 233  O  O   . MSE A 1 30 ? 3.756   2.117   6.404   1.00 26.00 ? 30  MSE A O   1 
HETATM 234  C  CB  . MSE A 1 30 ? 3.409   4.349   8.833   1.00 30.69 ? 30  MSE A CB  1 
HETATM 235  C  CG  . MSE A 1 30 ? 3.440   4.449   10.342  1.00 34.47 ? 30  MSE A CG  1 
HETATM 236  SE SE  . MSE A 1 30 ? 2.221   5.813   10.945  1.00 46.13 ? 30  MSE A SE  1 
HETATM 237  C  CE  . MSE A 1 30 ? 0.572   4.946   10.445  1.00 36.97 ? 30  MSE A CE  1 
ATOM   238  N  N   . ASN A 1 31 ? 4.471   4.193   5.901   1.00 25.66 ? 31  ASN A N   1 
ATOM   239  C  CA  . ASN A 1 31 ? 4.232   4.044   4.470   1.00 25.96 ? 31  ASN A CA  1 
ATOM   240  C  C   . ASN A 1 31 ? 5.112   2.951   3.861   1.00 26.62 ? 31  ASN A C   1 
ATOM   241  O  O   . ASN A 1 31 ? 4.651   2.171   3.028   1.00 26.34 ? 31  ASN A O   1 
ATOM   242  C  CB  . ASN A 1 31 ? 4.486   5.364   3.724   1.00 24.19 ? 31  ASN A CB  1 
ATOM   243  C  CG  . ASN A 1 31 ? 3.432   6.437   4.014   1.00 26.43 ? 31  ASN A CG  1 
ATOM   244  O  OD1 . ASN A 1 31 ? 3.618   7.600   3.649   1.00 25.05 ? 31  ASN A OD1 1 
ATOM   245  N  ND2 . ASN A 1 31 ? 2.322   6.051   4.653   1.00 23.15 ? 31  ASN A ND2 1 
ATOM   246  N  N   . SER A 1 32 ? 6.379   2.892   4.264   1.00 27.10 ? 32  SER A N   1 
ATOM   247  C  CA  . SER A 1 32 ? 7.279   1.875   3.724   1.00 27.74 ? 32  SER A CA  1 
ATOM   248  C  C   . SER A 1 32 ? 6.869   0.475   4.199   1.00 25.57 ? 32  SER A C   1 
ATOM   249  O  O   . SER A 1 32 ? 6.914   -0.489  3.433   1.00 26.56 ? 32  SER A O   1 
ATOM   250  C  CB  . SER A 1 32 ? 8.739   2.183   4.105   1.00 24.20 ? 32  SER A CB  1 
ATOM   251  O  OG  . SER A 1 32 ? 8.973   2.077   5.502   1.00 34.59 ? 32  SER A OG  1 
ATOM   252  N  N   . TYR A 1 33 ? 6.470   0.366   5.462   1.00 24.73 ? 33  TYR A N   1 
ATOM   253  C  CA  . TYR A 1 33 ? 6.015   -0.905  6.014   1.00 24.46 ? 33  TYR A CA  1 
ATOM   254  C  C   . TYR A 1 33 ? 4.766   -1.350  5.245   1.00 25.95 ? 33  TYR A C   1 
ATOM   255  O  O   . TYR A 1 33 ? 4.659   -2.497  4.799   1.00 25.13 ? 33  TYR A O   1 
ATOM   256  C  CB  . TYR A 1 33 ? 5.656   -0.733  7.494   1.00 25.49 ? 33  TYR A CB  1 
ATOM   257  C  CG  . TYR A 1 33 ? 4.945   -1.925  8.119   1.00 26.14 ? 33  TYR A CG  1 
ATOM   258  C  CD1 . TYR A 1 33 ? 5.659   -2.965  8.703   1.00 26.28 ? 33  TYR A CD1 1 
ATOM   259  C  CD2 . TYR A 1 33 ? 3.554   -2.018  8.093   1.00 26.01 ? 33  TYR A CD2 1 
ATOM   260  C  CE1 . TYR A 1 33 ? 5.008   -4.074  9.246   1.00 28.49 ? 33  TYR A CE1 1 
ATOM   261  C  CE2 . TYR A 1 33 ? 2.895   -3.121  8.628   1.00 28.05 ? 33  TYR A CE2 1 
ATOM   262  C  CZ  . TYR A 1 33 ? 3.625   -4.145  9.198   1.00 27.85 ? 33  TYR A CZ  1 
ATOM   263  O  OH  . TYR A 1 33 ? 2.978   -5.251  9.691   1.00 27.43 ? 33  TYR A OH  1 
ATOM   264  N  N   . TYR A 1 34 ? 3.825   -0.423  5.097   1.00 26.33 ? 34  TYR A N   1 
ATOM   265  C  CA  . TYR A 1 34 ? 2.556   -0.665  4.413   1.00 24.46 ? 34  TYR A CA  1 
ATOM   266  C  C   . TYR A 1 34 ? 2.743   -1.172  2.995   1.00 26.52 ? 34  TYR A C   1 
ATOM   267  O  O   . TYR A 1 34 ? 2.136   -2.162  2.594   1.00 25.69 ? 34  TYR A O   1 
ATOM   268  C  CB  . TYR A 1 34 ? 1.765   0.639   4.387   1.00 24.52 ? 34  TYR A CB  1 
ATOM   269  C  CG  . TYR A 1 34 ? 0.333   0.552   3.904   1.00 24.46 ? 34  TYR A CG  1 
ATOM   270  C  CD1 . TYR A 1 34 ? 0.031   0.418   2.551   1.00 19.75 ? 34  TYR A CD1 1 
ATOM   271  C  CD2 . TYR A 1 34 ? -0.725  0.688   4.805   1.00 22.45 ? 34  TYR A CD2 1 
ATOM   272  C  CE1 . TYR A 1 34 ? -1.293  0.432   2.107   1.00 23.93 ? 34  TYR A CE1 1 
ATOM   273  C  CE2 . TYR A 1 34 ? -2.049  0.705   4.370   1.00 25.30 ? 34  TYR A CE2 1 
ATOM   274  C  CZ  . TYR A 1 34 ? -2.330  0.582   3.030   1.00 25.37 ? 34  TYR A CZ  1 
ATOM   275  O  OH  . TYR A 1 34 ? -3.646  0.637   2.614   1.00 25.76 ? 34  TYR A OH  1 
ATOM   276  N  N   . ARG A 1 35 ? 3.566   -0.462  2.231   1.00 26.87 ? 35  ARG A N   1 
ATOM   277  C  CA  . ARG A 1 35 ? 3.826   -0.838  0.858   1.00 26.93 ? 35  ARG A CA  1 
ATOM   278  C  C   . ARG A 1 35 ? 4.438   -2.247  0.846   1.00 26.45 ? 35  ARG A C   1 
ATOM   279  O  O   . ARG A 1 35 ? 3.984   -3.122  0.111   1.00 26.44 ? 35  ARG A O   1 
ATOM   280  C  CB  . ARG A 1 35 ? 4.776   0.183   0.217   1.00 25.02 ? 35  ARG A CB  1 
ATOM   281  C  CG  . ARG A 1 35 ? 4.816   0.168   -1.319  1.00 28.43 ? 35  ARG A CG  1 
ATOM   282  C  CD  . ARG A 1 35 ? 5.575   -1.037  -1.867  1.00 29.21 ? 35  ARG A CD  1 
ATOM   283  N  NE  . ARG A 1 35 ? 6.832   -1.215  -1.156  1.00 33.59 ? 35  ARG A NE  1 
ATOM   284  C  CZ  . ARG A 1 35 ? 7.719   -2.174  -1.412  1.00 35.38 ? 35  ARG A CZ  1 
ATOM   285  N  NH1 . ARG A 1 35 ? 8.834   -2.252  -0.697  1.00 32.62 ? 35  ARG A NH1 1 
ATOM   286  N  NH2 . ARG A 1 35 ? 7.496   -3.054  -2.385  1.00 35.96 ? 35  ARG A NH2 1 
ATOM   287  N  N   . SER A 1 36 ? 5.447   -2.471  1.682   1.00 27.14 ? 36  SER A N   1 
ATOM   288  C  CA  . SER A 1 36 ? 6.106   -3.779  1.724   1.00 28.26 ? 36  SER A CA  1 
ATOM   289  C  C   . SER A 1 36 ? 5.177   -4.948  2.070   1.00 26.77 ? 36  SER A C   1 
ATOM   290  O  O   . SER A 1 36 ? 5.296   -6.038  1.497   1.00 24.73 ? 36  SER A O   1 
ATOM   291  C  CB  . SER A 1 36 ? 7.276   -3.760  2.708   1.00 28.24 ? 36  SER A CB  1 
ATOM   292  O  OG  . SER A 1 36 ? 7.862   -5.053  2.779   1.00 33.61 ? 36  SER A OG  1 
ATOM   293  N  N   . VAL A 1 37 ? 4.247   -4.717  2.992   1.00 24.77 ? 37  VAL A N   1 
ATOM   294  C  CA  . VAL A 1 37 ? 3.316   -5.754  3.413   1.00 23.92 ? 37  VAL A CA  1 
ATOM   295  C  C   . VAL A 1 37 ? 2.257   -6.040  2.353   1.00 26.63 ? 37  VAL A C   1 
ATOM   296  O  O   . VAL A 1 37 ? 2.022   -7.205  2.002   1.00 26.18 ? 37  VAL A O   1 
ATOM   297  C  CB  . VAL A 1 37 ? 2.626   -5.362  4.736   1.00 24.97 ? 37  VAL A CB  1 
ATOM   298  C  CG1 . VAL A 1 37 ? 1.567   -6.391  5.105   1.00 24.23 ? 37  VAL A CG1 1 
ATOM   299  C  CG2 . VAL A 1 37 ? 3.670   -5.267  5.842   1.00 24.77 ? 37  VAL A CG2 1 
ATOM   300  N  N   . VAL A 1 38 ? 1.619   -4.989  1.841   1.00 25.42 ? 38  VAL A N   1 
ATOM   301  C  CA  . VAL A 1 38 ? 0.595   -5.170  0.815   1.00 26.59 ? 38  VAL A CA  1 
ATOM   302  C  C   . VAL A 1 38 ? 1.171   -5.918  -0.383  1.00 27.74 ? 38  VAL A C   1 
ATOM   303  O  O   . VAL A 1 38 ? 0.497   -6.752  -0.986  1.00 27.20 ? 38  VAL A O   1 
ATOM   304  C  CB  . VAL A 1 38 ? 0.023   -3.823  0.310   1.00 28.32 ? 38  VAL A CB  1 
ATOM   305  C  CG1 . VAL A 1 38 ? -0.880  -4.066  -0.895  1.00 25.64 ? 38  VAL A CG1 1 
ATOM   306  C  CG2 . VAL A 1 38 ? -0.771  -3.138  1.420   1.00 25.94 ? 38  VAL A CG2 1 
ATOM   307  N  N   . SER A 1 39 ? 2.417   -5.614  -0.727  1.00 28.87 ? 39  SER A N   1 
ATOM   308  C  CA  . SER A 1 39 ? 3.059   -6.270  -1.854  1.00 29.50 ? 39  SER A CA  1 
ATOM   309  C  C   . SER A 1 39 ? 3.120   -7.775  -1.613  1.00 30.13 ? 39  SER A C   1 
ATOM   310  O  O   . SER A 1 39 ? 2.814   -8.570  -2.501  1.00 30.94 ? 39  SER A O   1 
ATOM   311  C  CB  . SER A 1 39 ? 4.470   -5.716  -2.056  1.00 31.22 ? 39  SER A CB  1 
ATOM   312  O  OG  . SER A 1 39 ? 5.119   -6.377  -3.128  1.00 34.39 ? 39  SER A OG  1 
ATOM   313  N  N   . THR A 1 40 ? 3.516   -8.155  -0.402  1.00 31.36 ? 40  THR A N   1 
ATOM   314  C  CA  . THR A 1 40 ? 3.619   -9.556  -0.014  1.00 32.23 ? 40  THR A CA  1 
ATOM   315  C  C   . THR A 1 40 ? 2.239   -10.204 -0.053  1.00 33.45 ? 40  THR A C   1 
ATOM   316  O  O   . THR A 1 40 ? 2.045   -11.230 -0.703  1.00 35.00 ? 40  THR A O   1 
ATOM   317  C  CB  . THR A 1 40 ? 4.201   -9.690  1.418   1.00 32.34 ? 40  THR A CB  1 
ATOM   318  O  OG1 . THR A 1 40 ? 5.485   -9.053  1.475   1.00 34.10 ? 40  THR A OG1 1 
ATOM   319  C  CG2 . THR A 1 40 ? 4.348   -11.152 1.804   1.00 32.75 ? 40  THR A CG2 1 
ATOM   320  N  N   . LEU A 1 41 ? 1.283   -9.596  0.640   1.00 32.69 ? 41  LEU A N   1 
ATOM   321  C  CA  . LEU A 1 41 ? -0.087  -10.109 0.699   1.00 34.85 ? 41  LEU A CA  1 
ATOM   322  C  C   . LEU A 1 41 ? -0.701  -10.317 -0.677  1.00 37.10 ? 41  LEU A C   1 
ATOM   323  O  O   . LEU A 1 41 ? -1.477  -11.248 -0.886  1.00 35.75 ? 41  LEU A O   1 
ATOM   324  C  CB  . LEU A 1 41 ? -0.978  -9.144  1.479   1.00 31.19 ? 41  LEU A CB  1 
ATOM   325  C  CG  . LEU A 1 41 ? -0.632  -8.940  2.949   1.00 30.78 ? 41  LEU A CG  1 
ATOM   326  C  CD1 . LEU A 1 41 ? -1.542  -7.871  3.530   1.00 28.43 ? 41  LEU A CD1 1 
ATOM   327  C  CD2 . LEU A 1 41 ? -0.794  -10.260 3.686   1.00 30.56 ? 41  LEU A CD2 1 
ATOM   328  N  N   . VAL A 1 42 ? -0.355  -9.429  -1.604  1.00 40.44 ? 42  VAL A N   1 
ATOM   329  C  CA  . VAL A 1 42 ? -0.863  -9.469  -2.972  1.00 44.41 ? 42  VAL A CA  1 
ATOM   330  C  C   . VAL A 1 42 ? -0.195  -10.560 -3.813  1.00 44.96 ? 42  VAL A C   1 
ATOM   331  O  O   . VAL A 1 42 ? -0.743  -10.998 -4.824  1.00 45.59 ? 42  VAL A O   1 
ATOM   332  C  CB  . VAL A 1 42 ? -0.681  -8.074  -3.652  1.00 44.68 ? 42  VAL A CB  1 
ATOM   333  C  CG1 . VAL A 1 42 ? -0.557  -8.215  -5.150  1.00 46.43 ? 42  VAL A CG1 1 
ATOM   334  C  CG2 . VAL A 1 42 ? -1.857  -7.177  -3.309  1.00 45.53 ? 42  VAL A CG2 1 
ATOM   335  N  N   . GLN A 1 43 ? 0.987   -10.994 -3.391  1.00 47.45 ? 43  GLN A N   1 
ATOM   336  C  CA  . GLN A 1 43 ? 1.725   -12.038 -4.097  1.00 48.22 ? 43  GLN A CA  1 
ATOM   337  C  C   . GLN A 1 43 ? 1.211   -13.408 -3.672  1.00 47.39 ? 43  GLN A C   1 
ATOM   338  O  O   . GLN A 1 43 ? 1.556   -14.424 -4.273  1.00 48.19 ? 43  GLN A O   1 
ATOM   339  C  CB  . GLN A 1 43 ? 3.216   -11.954 -3.760  1.00 50.67 ? 43  GLN A CB  1 
ATOM   340  C  CG  . GLN A 1 43 ? 3.875   -10.629 -4.084  1.00 54.68 ? 43  GLN A CG  1 
ATOM   341  C  CD  . GLN A 1 43 ? 4.123   -10.450 -5.564  1.00 56.28 ? 43  GLN A CD  1 
ATOM   342  O  OE1 . GLN A 1 43 ? 4.892   -11.197 -6.170  1.00 58.63 ? 43  GLN A OE1 1 
ATOM   343  N  NE2 . GLN A 1 43 ? 3.472   -9.458  -6.156  1.00 56.16 ? 43  GLN A NE2 1 
ATOM   344  N  N   . ASP A 1 44 ? 0.398   -13.428 -2.621  1.00 46.76 ? 44  ASP A N   1 
ATOM   345  C  CA  . ASP A 1 44 ? -0.161  -14.666 -2.091  1.00 46.48 ? 44  ASP A CA  1 
ATOM   346  C  C   . ASP A 1 44 ? -0.981  -15.384 -3.163  1.00 47.67 ? 44  ASP A C   1 
ATOM   347  O  O   . ASP A 1 44 ? -1.988  -14.861 -3.647  1.00 46.95 ? 44  ASP A O   1 
ATOM   348  C  CB  . ASP A 1 44 ? -1.048  -14.361 -0.880  1.00 45.47 ? 44  ASP A CB  1 
ATOM   349  C  CG  . ASP A 1 44 ? -1.319  -15.588 -0.031  1.00 44.43 ? 44  ASP A CG  1 
ATOM   350  O  OD1 . ASP A 1 44 ? -1.328  -16.706 -0.583  1.00 44.66 ? 44  ASP A OD1 1 
ATOM   351  O  OD2 . ASP A 1 44 ? -1.535  -15.438 1.186   1.00 44.15 ? 44  ASP A OD2 1 
ATOM   352  N  N   . GLN A 1 45 ? -0.550  -16.586 -3.530  1.00 49.16 ? 45  GLN A N   1 
ATOM   353  C  CA  . GLN A 1 45 ? -1.246  -17.361 -4.549  1.00 51.29 ? 45  GLN A CA  1 
ATOM   354  C  C   . GLN A 1 45 ? -1.961  -18.600 -4.022  1.00 50.36 ? 45  GLN A C   1 
ATOM   355  O  O   . GLN A 1 45 ? -2.188  -19.552 -4.771  1.00 52.19 ? 45  GLN A O   1 
ATOM   356  C  CB  . GLN A 1 45 ? -0.270  -17.768 -5.658  1.00 53.95 ? 45  GLN A CB  1 
ATOM   357  C  CG  . GLN A 1 45 ? 0.068   -16.649 -6.635  1.00 58.52 ? 45  GLN A CG  1 
ATOM   358  C  CD  . GLN A 1 45 ? -1.128  -16.224 -7.480  1.00 61.43 ? 45  GLN A CD  1 
ATOM   359  O  OE1 . GLN A 1 45 ? -1.711  -17.037 -8.205  1.00 62.99 ? 45  GLN A OE1 1 
ATOM   360  N  NE2 . GLN A 1 45 ? -1.497  -14.947 -7.392  1.00 60.68 ? 45  GLN A NE2 1 
ATOM   361  N  N   . LEU A 1 46 ? -2.316  -18.600 -2.742  1.00 47.72 ? 46  LEU A N   1 
ATOM   362  C  CA  . LEU A 1 46 ? -3.015  -19.743 -2.185  1.00 46.55 ? 46  LEU A CA  1 
ATOM   363  C  C   . LEU A 1 46 ? -4.091  -19.355 -1.176  1.00 45.65 ? 46  LEU A C   1 
ATOM   364  O  O   . LEU A 1 46 ? -4.777  -20.219 -0.636  1.00 44.93 ? 46  LEU A O   1 
ATOM   365  C  CB  . LEU A 1 46 ? -2.017  -20.725 -1.569  1.00 47.08 ? 46  LEU A CB  1 
ATOM   366  C  CG  . LEU A 1 46 ? -1.066  -20.240 -0.485  1.00 46.89 ? 46  LEU A CG  1 
ATOM   367  C  CD1 . LEU A 1 46 ? -1.829  -20.031 0.816   1.00 50.19 ? 46  LEU A CD1 1 
ATOM   368  C  CD2 . LEU A 1 46 ? 0.031   -21.278 -0.286  1.00 47.55 ? 46  LEU A CD2 1 
ATOM   369  N  N   . THR A 1 47 ? -4.242  -18.055 -0.932  1.00 43.82 ? 47  THR A N   1 
ATOM   370  C  CA  . THR A 1 47 ? -5.261  -17.558 -0.003  1.00 42.21 ? 47  THR A CA  1 
ATOM   371  C  C   . THR A 1 47 ? -6.423  -16.998 -0.824  1.00 41.39 ? 47  THR A C   1 
ATOM   372  O  O   . THR A 1 47 ? -6.199  -16.328 -1.834  1.00 42.40 ? 47  THR A O   1 
ATOM   373  C  CB  . THR A 1 47 ? -4.699  -16.434 0.903   1.00 41.42 ? 47  THR A CB  1 
ATOM   374  O  OG1 . THR A 1 47 ? -3.552  -16.915 1.609   1.00 41.23 ? 47  THR A OG1 1 
ATOM   375  C  CG2 . THR A 1 47 ? -5.743  -15.983 1.916   1.00 38.77 ? 47  THR A CG2 1 
ATOM   376  N  N   . LYS A 1 48 ? -7.659  -17.273 -0.409  1.00 41.02 ? 48  LYS A N   1 
ATOM   377  C  CA  . LYS A 1 48 ? -8.822  -16.767 -1.144  1.00 40.71 ? 48  LYS A CA  1 
ATOM   378  C  C   . LYS A 1 48 ? -8.760  -15.247 -1.267  1.00 39.10 ? 48  LYS A C   1 
ATOM   379  O  O   . LYS A 1 48 ? -8.389  -14.554 -0.316  1.00 36.46 ? 48  LYS A O   1 
ATOM   380  C  CB  . LYS A 1 48 ? -10.140 -17.165 -0.457  1.00 40.91 ? 48  LYS A CB  1 
ATOM   381  C  CG  . LYS A 1 48 ? -10.491 -18.640 -0.565  1.00 44.40 ? 48  LYS A CG  1 
ATOM   382  C  CD  . LYS A 1 48 ? -11.860 -18.956 0.042   1.00 46.32 ? 48  LYS A CD  1 
ATOM   383  C  CE  . LYS A 1 48 ? -13.016 -18.365 -0.776  1.00 48.77 ? 48  LYS A CE  1 
ATOM   384  N  NZ  . LYS A 1 48 ? -13.169 -18.989 -2.126  1.00 47.00 ? 48  LYS A NZ  1 
ATOM   385  N  N   . ASN A 1 49 ? -9.127  -14.740 -2.443  1.00 37.42 ? 49  ASN A N   1 
ATOM   386  C  CA  . ASN A 1 49 ? -9.115  -13.306 -2.711  1.00 36.18 ? 49  ASN A CA  1 
ATOM   387  C  C   . ASN A 1 49 ? -9.861  -12.512 -1.652  1.00 36.27 ? 49  ASN A C   1 
ATOM   388  O  O   . ASN A 1 49 ? -9.427  -11.436 -1.262  1.00 37.10 ? 49  ASN A O   1 
ATOM   389  C  CB  . ASN A 1 49 ? -9.725  -13.004 -4.084  1.00 36.82 ? 49  ASN A CB  1 
ATOM   390  C  CG  . ASN A 1 49 ? -8.884  -13.530 -5.229  1.00 37.77 ? 49  ASN A CG  1 
ATOM   391  O  OD1 . ASN A 1 49 ? -7.679  -13.735 -5.087  1.00 39.17 ? 49  ASN A OD1 1 
ATOM   392  N  ND2 . ASN A 1 49 ? -9.514  -13.732 -6.378  1.00 38.55 ? 49  ASN A ND2 1 
ATOM   393  N  N   . ALA A 1 50 ? -10.989 -13.031 -1.189  1.00 36.35 ? 50  ALA A N   1 
ATOM   394  C  CA  . ALA A 1 50 ? -11.744 -12.323 -0.166  1.00 35.70 ? 50  ALA A CA  1 
ATOM   395  C  C   . ALA A 1 50 ? -10.894 -12.176 1.093   1.00 35.20 ? 50  ALA A C   1 
ATOM   396  O  O   . ALA A 1 50 ? -10.858 -11.111 1.698   1.00 35.28 ? 50  ALA A O   1 
ATOM   397  C  CB  . ALA A 1 50 ? -13.042 -13.069 0.154   1.00 35.63 ? 50  ALA A CB  1 
ATOM   398  N  N   . VAL A 1 51 ? -10.203 -13.246 1.479   1.00 35.78 ? 51  VAL A N   1 
ATOM   399  C  CA  . VAL A 1 51 ? -9.364  -13.223 2.677   1.00 35.07 ? 51  VAL A CA  1 
ATOM   400  C  C   . VAL A 1 51 ? -8.189  -12.266 2.514   1.00 34.90 ? 51  VAL A C   1 
ATOM   401  O  O   . VAL A 1 51 ? -7.835  -11.547 3.448   1.00 33.32 ? 51  VAL A O   1 
ATOM   402  C  CB  . VAL A 1 51 ? -8.829  -14.640 3.016   1.00 35.72 ? 51  VAL A CB  1 
ATOM   403  C  CG1 . VAL A 1 51 ? -7.873  -14.581 4.207   1.00 33.17 ? 51  VAL A CG1 1 
ATOM   404  C  CG2 . VAL A 1 51 ? -9.991  -15.559 3.332   1.00 33.63 ? 51  VAL A CG2 1 
ATOM   405  N  N   . VAL A 1 52 ? -7.588  -12.258 1.327   1.00 34.66 ? 52  VAL A N   1 
ATOM   406  C  CA  . VAL A 1 52 ? -6.464  -11.369 1.061   1.00 34.93 ? 52  VAL A CA  1 
ATOM   407  C  C   . VAL A 1 52 ? -6.906  -9.917  1.265   1.00 35.61 ? 52  VAL A C   1 
ATOM   408  O  O   . VAL A 1 52 ? -6.262  -9.169  2.002   1.00 36.58 ? 52  VAL A O   1 
ATOM   409  C  CB  . VAL A 1 52 ? -5.940  -11.540 -0.381  1.00 35.86 ? 52  VAL A CB  1 
ATOM   410  C  CG1 . VAL A 1 52 ? -4.802  -10.571 -0.638  1.00 34.33 ? 52  VAL A CG1 1 
ATOM   411  C  CG2 . VAL A 1 52 ? -5.476  -12.973 -0.601  1.00 35.34 ? 52  VAL A CG2 1 
ATOM   412  N  N   . LEU A 1 53 ? -8.009  -9.521  0.628   1.00 35.78 ? 53  LEU A N   1 
ATOM   413  C  CA  . LEU A 1 53 ? -8.505  -8.148  0.767   1.00 36.10 ? 53  LEU A CA  1 
ATOM   414  C  C   . LEU A 1 53 ? -8.792  -7.793  2.217   1.00 33.77 ? 53  LEU A C   1 
ATOM   415  O  O   . LEU A 1 53 ? -8.497  -6.687  2.662   1.00 35.08 ? 53  LEU A O   1 
ATOM   416  C  CB  . LEU A 1 53 ? -9.779  -7.933  -0.066  1.00 38.32 ? 53  LEU A CB  1 
ATOM   417  C  CG  . LEU A 1 53 ? -9.613  -7.486  -1.520  1.00 41.49 ? 53  LEU A CG  1 
ATOM   418  C  CD1 . LEU A 1 53 ? -9.072  -6.063  -1.578  1.00 42.70 ? 53  LEU A CD1 1 
ATOM   419  C  CD2 . LEU A 1 53 ? -8.678  -8.444  -2.232  1.00 43.22 ? 53  LEU A CD2 1 
ATOM   420  N  N   . LYS A 1 54 ? -9.376  -8.734  2.947   1.00 32.77 ? 54  LYS A N   1 
ATOM   421  C  CA  . LYS A 1 54 ? -9.698  -8.516  4.348   1.00 31.25 ? 54  LYS A CA  1 
ATOM   422  C  C   . LYS A 1 54 ? -8.420  -8.261  5.165   1.00 31.28 ? 54  LYS A C   1 
ATOM   423  O  O   . LYS A 1 54 ? -8.428  -7.496  6.132   1.00 30.41 ? 54  LYS A O   1 
ATOM   424  C  CB  . LYS A 1 54 ? -10.477 -9.725  4.879   1.00 34.04 ? 54  LYS A CB  1 
ATOM   425  C  CG  . LYS A 1 54 ? -10.845 -9.672  6.356   1.00 35.80 ? 54  LYS A CG  1 
ATOM   426  C  CD  . LYS A 1 54 ? -9.712  -10.198 7.239   1.00 41.35 ? 54  LYS A CD  1 
ATOM   427  C  CE  . LYS A 1 54 ? -9.428  -11.686 7.013   1.00 41.00 ? 54  LYS A CE  1 
ATOM   428  N  NZ  . LYS A 1 54 ? -8.280  -12.154 7.845   1.00 43.07 ? 54  LYS A NZ  1 
ATOM   429  N  N   . ARG A 1 55 ? -7.318  -8.893  4.776   1.00 30.49 ? 55  ARG A N   1 
ATOM   430  C  CA  . ARG A 1 55 ? -6.066  -8.674  5.483   1.00 30.71 ? 55  ARG A CA  1 
ATOM   431  C  C   . ARG A 1 55 ? -5.593  -7.255  5.171   1.00 29.72 ? 55  ARG A C   1 
ATOM   432  O  O   . ARG A 1 55 ? -5.147  -6.539  6.063   1.00 27.55 ? 55  ARG A O   1 
ATOM   433  C  CB  . ARG A 1 55 ? -5.012  -9.694  5.047   1.00 29.94 ? 55  ARG A CB  1 
ATOM   434  C  CG  . ARG A 1 55 ? -5.347  -11.130 5.421   1.00 31.33 ? 55  ARG A CG  1 
ATOM   435  C  CD  . ARG A 1 55 ? -4.372  -12.102 4.780   1.00 31.31 ? 55  ARG A CD  1 
ATOM   436  N  NE  . ARG A 1 55 ? -4.551  -13.464 5.275   1.00 33.29 ? 55  ARG A NE  1 
ATOM   437  C  CZ  . ARG A 1 55 ? -3.751  -14.481 4.965   1.00 33.18 ? 55  ARG A CZ  1 
ATOM   438  N  NH1 . ARG A 1 55 ? -2.714  -14.296 4.158   1.00 33.49 ? 55  ARG A NH1 1 
ATOM   439  N  NH2 . ARG A 1 55 ? -3.978  -15.683 5.468   1.00 33.95 ? 55  ARG A NH2 1 
ATOM   440  N  N   . ILE A 1 56 ? -5.704  -6.848  3.910   1.00 28.07 ? 56  ILE A N   1 
ATOM   441  C  CA  . ILE A 1 56 ? -5.284  -5.503  3.529   1.00 27.89 ? 56  ILE A CA  1 
ATOM   442  C  C   . ILE A 1 56 ? -6.165  -4.460  4.217   1.00 27.52 ? 56  ILE A C   1 
ATOM   443  O  O   . ILE A 1 56 ? -5.681  -3.404  4.594   1.00 28.75 ? 56  ILE A O   1 
ATOM   444  C  CB  . ILE A 1 56 ? -5.300  -5.324  1.991   1.00 26.73 ? 56  ILE A CB  1 
ATOM   445  C  CG1 . ILE A 1 56 ? -4.230  -6.233  1.369   1.00 28.35 ? 56  ILE A CG1 1 
ATOM   446  C  CG2 . ILE A 1 56 ? -5.022  -3.881  1.619   1.00 26.73 ? 56  ILE A CG2 1 
ATOM   447  C  CD1 . ILE A 1 56 ? -4.258  -6.310  -0.159  1.00 27.80 ? 56  ILE A CD1 1 
ATOM   448  N  N   . GLN A 1 57 ? -7.445  -4.764  4.404   1.00 28.81 ? 57  GLN A N   1 
ATOM   449  C  CA  . GLN A 1 57 ? -8.352  -3.833  5.078   1.00 29.16 ? 57  GLN A CA  1 
ATOM   450  C  C   . GLN A 1 57 ? -7.956  -3.641  6.531   1.00 27.59 ? 57  GLN A C   1 
ATOM   451  O  O   . GLN A 1 57 ? -8.038  -2.531  7.059   1.00 29.39 ? 57  GLN A O   1 
ATOM   452  C  CB  . GLN A 1 57 ? -9.796  -4.342  5.029   1.00 32.42 ? 57  GLN A CB  1 
ATOM   453  C  CG  . GLN A 1 57 ? -10.457 -4.185  3.673   1.00 37.32 ? 57  GLN A CG  1 
ATOM   454  C  CD  . GLN A 1 57 ? -11.883 -4.697  3.650   1.00 39.50 ? 57  GLN A CD  1 
ATOM   455  O  OE1 . GLN A 1 57 ? -12.617 -4.473  2.686   1.00 43.11 ? 57  GLN A OE1 1 
ATOM   456  N  NE2 . GLN A 1 57 ? -12.285 -5.385  4.715   1.00 38.47 ? 57  GLN A NE2 1 
ATOM   457  N  N   . HIS A 1 58 ? -7.552  -4.724  7.192   1.00 26.60 ? 58  HIS A N   1 
ATOM   458  C  CA  . HIS A 1 58 ? -7.144  -4.626  8.585   1.00 26.66 ? 58  HIS A CA  1 
ATOM   459  C  C   . HIS A 1 58 ? -5.888  -3.784  8.681   1.00 25.51 ? 58  HIS A C   1 
ATOM   460  O  O   . HIS A 1 58 ? -5.757  -2.943  9.571   1.00 24.65 ? 58  HIS A O   1 
ATOM   461  C  CB  . HIS A 1 58 ? -6.899  -6.012  9.164   1.00 29.89 ? 58  HIS A CB  1 
ATOM   462  C  CG  . HIS A 1 58 ? -8.159  -6.790  9.377   1.00 32.72 ? 58  HIS A CG  1 
ATOM   463  N  ND1 . HIS A 1 58 ? -8.166  -8.115  9.751   1.00 32.61 ? 58  HIS A ND1 1 
ATOM   464  C  CD2 . HIS A 1 58 ? -9.456  -6.415  9.287   1.00 32.13 ? 58  HIS A CD2 1 
ATOM   465  C  CE1 . HIS A 1 58 ? -9.416  -8.524  9.886   1.00 35.66 ? 58  HIS A CE1 1 
ATOM   466  N  NE2 . HIS A 1 58 ? -10.218 -7.512  9.610   1.00 32.99 ? 58  HIS A NE2 1 
ATOM   467  N  N   . LEU A 1 59 ? -4.963  -4.015  7.756   1.00 23.29 ? 59  LEU A N   1 
ATOM   468  C  CA  . LEU A 1 59 ? -3.738  -3.240  7.731   1.00 23.41 ? 59  LEU A CA  1 
ATOM   469  C  C   . LEU A 1 59 ? -4.058  -1.758  7.561   1.00 25.57 ? 59  LEU A C   1 
ATOM   470  O  O   . LEU A 1 59 ? -3.430  -0.917  8.190   1.00 26.50 ? 59  LEU A O   1 
ATOM   471  C  CB  . LEU A 1 59 ? -2.843  -3.706  6.578   1.00 22.77 ? 59  LEU A CB  1 
ATOM   472  C  CG  . LEU A 1 59 ? -1.723  -2.719  6.247   1.00 24.15 ? 59  LEU A CG  1 
ATOM   473  C  CD1 . LEU A 1 59 ? -0.726  -2.676  7.395   1.00 21.37 ? 59  LEU A CD1 1 
ATOM   474  C  CD2 . LEU A 1 59 ? -1.037  -3.125  4.942   1.00 23.33 ? 59  LEU A CD2 1 
ATOM   475  N  N   . ASP A 1 60 ? -5.030  -1.429  6.711   1.00 27.98 ? 60  ASP A N   1 
ATOM   476  C  CA  . ASP A 1 60 ? -5.360  -0.030  6.502   1.00 28.59 ? 60  ASP A CA  1 
ATOM   477  C  C   . ASP A 1 60 ? -5.985  0.587   7.747   1.00 30.54 ? 60  ASP A C   1 
ATOM   478  O  O   . ASP A 1 60 ? -5.718  1.736   8.072   1.00 28.43 ? 60  ASP A O   1 
ATOM   479  C  CB  . ASP A 1 60 ? -6.297  0.146   5.309   1.00 31.63 ? 60  ASP A CB  1 
ATOM   480  C  CG  . ASP A 1 60 ? -6.303  1.570   4.792   1.00 31.33 ? 60  ASP A CG  1 
ATOM   481  O  OD1 . ASP A 1 60 ? -7.301  2.296   4.983   1.00 32.96 ? 60  ASP A OD1 1 
ATOM   482  O  OD2 . ASP A 1 60 ? -5.287  1.969   4.197   1.00 31.68 ? 60  ASP A OD2 1 
ATOM   483  N  N   . GLU A 1 61 ? -6.807  -0.191  8.443   1.00 31.29 ? 61  GLU A N   1 
ATOM   484  C  CA  . GLU A 1 61 ? -7.461  0.264   9.657   1.00 33.54 ? 61  GLU A CA  1 
ATOM   485  C  C   . GLU A 1 61 ? -6.428  0.479   10.760  1.00 31.95 ? 61  GLU A C   1 
ATOM   486  O  O   . GLU A 1 61 ? -6.539  1.412   11.553  1.00 33.77 ? 61  GLU A O   1 
ATOM   487  C  CB  . GLU A 1 61 ? -8.515  -0.764  10.092  1.00 37.59 ? 61  GLU A CB  1 
ATOM   488  C  CG  . GLU A 1 61 ? -9.638  -0.961  9.073   1.00 41.23 ? 61  GLU A CG  1 
ATOM   489  C  CD  . GLU A 1 61 ? -10.524 -2.165  9.379   1.00 45.43 ? 61  GLU A CD  1 
ATOM   490  O  OE1 . GLU A 1 61 ? -11.518 -2.377  8.650   1.00 46.59 ? 61  GLU A OE1 1 
ATOM   491  O  OE2 . GLU A 1 61 ? -10.225 -2.901  10.341  1.00 48.04 ? 61  GLU A OE2 1 
ATOM   492  N  N   . ALA A 1 62 ? -5.426  -0.390  10.817  1.00 31.23 ? 62  ALA A N   1 
ATOM   493  C  CA  . ALA A 1 62 ? -4.374  -0.258  11.820  1.00 28.08 ? 62  ALA A CA  1 
ATOM   494  C  C   . ALA A 1 62 ? -3.575  0.999   11.496  1.00 27.99 ? 62  ALA A C   1 
ATOM   495  O  O   . ALA A 1 62 ? -3.271  1.799   12.373  1.00 28.76 ? 62  ALA A O   1 
ATOM   496  C  CB  . ALA A 1 62 ? -3.467  -1.489  11.802  1.00 26.51 ? 62  ALA A CB  1 
ATOM   497  N  N   . TYR A 1 63 ? -3.251  1.169   10.220  1.00 28.06 ? 63  TYR A N   1 
ATOM   498  C  CA  . TYR A 1 63 ? -2.513  2.339   9.767   1.00 26.72 ? 63  TYR A CA  1 
ATOM   499  C  C   . TYR A 1 63 ? -3.262  3.610   10.184  1.00 28.30 ? 63  TYR A C   1 
ATOM   500  O  O   . TYR A 1 63 ? -2.696  4.477   10.841  1.00 27.15 ? 63  TYR A O   1 
ATOM   501  C  CB  . TYR A 1 63 ? -2.338  2.274   8.245   1.00 26.62 ? 63  TYR A CB  1 
ATOM   502  C  CG  . TYR A 1 63 ? -1.708  3.495   7.607   1.00 26.50 ? 63  TYR A CG  1 
ATOM   503  C  CD1 . TYR A 1 63 ? -2.425  4.676   7.472   1.00 25.78 ? 63  TYR A CD1 1 
ATOM   504  C  CD2 . TYR A 1 63 ? -0.394  3.465   7.138   1.00 25.55 ? 63  TYR A CD2 1 
ATOM   505  C  CE1 . TYR A 1 63 ? -1.862  5.801   6.894   1.00 26.73 ? 63  TYR A CE1 1 
ATOM   506  C  CE2 . TYR A 1 63 ? 0.184   4.587   6.554   1.00 26.54 ? 63  TYR A CE2 1 
ATOM   507  C  CZ  . TYR A 1 63 ? -0.565  5.757   6.437   1.00 26.84 ? 63  TYR A CZ  1 
ATOM   508  O  OH  . TYR A 1 63 ? -0.020  6.881   5.865   1.00 26.11 ? 63  TYR A OH  1 
ATOM   509  N  N   . ASN A 1 64 ? -4.537  3.715   9.828   1.00 30.48 ? 64  ASN A N   1 
ATOM   510  C  CA  . ASN A 1 64 ? -5.295  4.900   10.195  1.00 31.89 ? 64  ASN A CA  1 
ATOM   511  C  C   . ASN A 1 64 ? -5.314  5.142   11.703  1.00 32.32 ? 64  ASN A C   1 
ATOM   512  O  O   . ASN A 1 64 ? -5.262  6.285   12.146  1.00 32.21 ? 64  ASN A O   1 
ATOM   513  C  CB  . ASN A 1 64 ? -6.722  4.825   9.631   1.00 33.44 ? 64  ASN A CB  1 
ATOM   514  C  CG  . ASN A 1 64 ? -6.747  4.867   8.109   1.00 35.24 ? 64  ASN A CG  1 
ATOM   515  O  OD1 . ASN A 1 64 ? -5.931  5.545   7.486   1.00 34.16 ? 64  ASN A OD1 1 
ATOM   516  N  ND2 . ASN A 1 64 ? -7.698  4.155   7.506   1.00 33.48 ? 64  ASN A ND2 1 
ATOM   517  N  N   . LYS A 1 65 ? -5.368  4.076   12.495  1.00 33.76 ? 65  LYS A N   1 
ATOM   518  C  CA  . LYS A 1 65 ? -5.382  4.227   13.950  1.00 34.61 ? 65  LYS A CA  1 
ATOM   519  C  C   . LYS A 1 65 ? -4.049  4.729   14.489  1.00 34.27 ? 65  LYS A C   1 
ATOM   520  O  O   . LYS A 1 65 ? -4.007  5.672   15.277  1.00 33.85 ? 65  LYS A O   1 
ATOM   521  C  CB  . LYS A 1 65 ? -5.738  2.903   14.626  1.00 36.32 ? 65  LYS A CB  1 
ATOM   522  C  CG  . LYS A 1 65 ? -7.198  2.524   14.495  1.00 41.85 ? 65  LYS A CG  1 
ATOM   523  C  CD  . LYS A 1 65 ? -7.499  1.253   15.271  1.00 44.54 ? 65  LYS A CD  1 
ATOM   524  C  CE  . LYS A 1 65 ? -8.993  1.011   15.348  1.00 46.36 ? 65  LYS A CE  1 
ATOM   525  N  NZ  . LYS A 1 65 ? -9.599  0.956   13.992  1.00 50.03 ? 65  LYS A NZ  1 
ATOM   526  N  N   . VAL A 1 66 ? -2.959  4.103   14.057  1.00 34.33 ? 66  VAL A N   1 
ATOM   527  C  CA  . VAL A 1 66 ? -1.625  4.494   14.508  1.00 34.23 ? 66  VAL A CA  1 
ATOM   528  C  C   . VAL A 1 66 ? -1.262  5.918   14.067  1.00 34.46 ? 66  VAL A C   1 
ATOM   529  O  O   . VAL A 1 66 ? -0.504  6.609   14.750  1.00 34.17 ? 66  VAL A O   1 
ATOM   530  C  CB  . VAL A 1 66 ? -0.541  3.516   13.972  1.00 33.74 ? 66  VAL A CB  1 
ATOM   531  C  CG1 . VAL A 1 66 ? 0.840   3.953   14.434  1.00 34.79 ? 66  VAL A CG1 1 
ATOM   532  C  CG2 . VAL A 1 66 ? -0.827  2.107   14.451  1.00 32.90 ? 66  VAL A CG2 1 
ATOM   533  N  N   . LYS A 1 67 ? -1.807  6.353   12.933  1.00 34.70 ? 67  LYS A N   1 
ATOM   534  C  CA  . LYS A 1 67 ? -1.523  7.686   12.402  1.00 36.88 ? 67  LYS A CA  1 
ATOM   535  C  C   . LYS A 1 67 ? -2.246  8.801   13.144  1.00 39.96 ? 67  LYS A C   1 
ATOM   536  O  O   . LYS A 1 67 ? -1.654  9.842   13.437  1.00 39.20 ? 67  LYS A O   1 
ATOM   537  C  CB  . LYS A 1 67 ? -1.876  7.757   10.908  1.00 36.43 ? 67  LYS A CB  1 
ATOM   538  C  CG  . LYS A 1 67 ? -1.546  9.091   10.232  1.00 34.11 ? 67  LYS A CG  1 
ATOM   539  C  CD  . LYS A 1 67 ? -1.597  8.951   8.709   1.00 35.10 ? 67  LYS A CD  1 
ATOM   540  C  CE  . LYS A 1 67 ? -1.096  10.196  7.977   1.00 35.88 ? 67  LYS A CE  1 
ATOM   541  N  NZ  . LYS A 1 67 ? -1.897  11.429  8.249   1.00 34.99 ? 67  LYS A NZ  1 
ATOM   542  N  N   . ARG A 1 68 ? -3.525  8.603   13.438  1.00 43.75 ? 68  ARG A N   1 
ATOM   543  C  CA  . ARG A 1 68 ? -4.269  9.631   14.153  1.00 49.13 ? 68  ARG A CA  1 
ATOM   544  C  C   . ARG A 1 68 ? -3.994  9.535   15.650  1.00 51.48 ? 68  ARG A C   1 
ATOM   545  O  O   . ARG A 1 68 ? -4.191  10.500  16.388  1.00 52.62 ? 68  ARG A O   1 
ATOM   546  C  CB  . ARG A 1 68 ? -5.772  9.514   13.883  1.00 49.92 ? 68  ARG A CB  1 
ATOM   547  C  CG  . ARG A 1 68 ? -6.397  8.184   14.253  1.00 53.90 ? 68  ARG A CG  1 
ATOM   548  C  CD  . ARG A 1 68 ? -7.919  8.283   14.215  1.00 55.45 ? 68  ARG A CD  1 
ATOM   549  N  NE  . ARG A 1 68 ? -8.583  6.986   14.347  1.00 57.01 ? 68  ARG A NE  1 
ATOM   550  C  CZ  . ARG A 1 68 ? -8.731  6.111   13.354  1.00 57.73 ? 68  ARG A CZ  1 
ATOM   551  N  NH1 . ARG A 1 68 ? -9.350  4.956   13.570  1.00 57.78 ? 68  ARG A NH1 1 
ATOM   552  N  NH2 . ARG A 1 68 ? -8.270  6.392   12.141  1.00 57.99 ? 68  ARG A NH2 1 
ATOM   553  N  N   . GLY A 1 69 ? -3.518  8.375   16.088  1.00 53.58 ? 69  GLY A N   1 
ATOM   554  C  CA  . GLY A 1 69 ? -3.221  8.180   17.497  1.00 55.22 ? 69  GLY A CA  1 
ATOM   555  C  C   . GLY A 1 69 ? -1.835  8.661   17.884  1.00 57.08 ? 69  GLY A C   1 
ATOM   556  O  O   . GLY A 1 69 ? -1.153  9.265   17.027  1.00 57.36 ? 69  GLY A O   1 
ATOM   557  N  N   . SER B 1 2  ? -3.338  3.995   -19.980 1.00 49.38 ? 2   SER B N   1 
ATOM   558  C  CA  . SER B 1 2  ? -4.517  4.190   -20.883 1.00 49.67 ? 2   SER B CA  1 
ATOM   559  C  C   . SER B 1 2  ? -5.759  3.545   -20.278 1.00 47.35 ? 2   SER B C   1 
ATOM   560  O  O   . SER B 1 2  ? -6.718  4.232   -19.919 1.00 47.32 ? 2   SER B O   1 
ATOM   561  C  CB  . SER B 1 2  ? -4.244  3.579   -22.263 1.00 52.41 ? 2   SER B CB  1 
ATOM   562  O  OG  . SER B 1 2  ? -3.188  4.256   -22.923 1.00 56.55 ? 2   SER B OG  1 
ATOM   563  N  N   . GLU B 1 3  ? -5.741  2.221   -20.173 1.00 42.82 ? 3   GLU B N   1 
ATOM   564  C  CA  . GLU B 1 3  ? -6.874  1.511   -19.600 1.00 39.96 ? 3   GLU B CA  1 
ATOM   565  C  C   . GLU B 1 3  ? -7.021  1.884   -18.120 1.00 37.72 ? 3   GLU B C   1 
ATOM   566  O  O   . GLU B 1 3  ? -6.042  1.920   -17.377 1.00 35.00 ? 3   GLU B O   1 
ATOM   567  C  CB  . GLU B 1 3  ? -6.674  0.008   -19.761 1.00 41.14 ? 3   GLU B CB  1 
ATOM   568  C  CG  . GLU B 1 3  ? -7.782  -0.829  -19.166 1.00 43.78 ? 3   GLU B CG  1 
ATOM   569  C  CD  . GLU B 1 3  ? -7.722  -2.265  -19.632 1.00 47.21 ? 3   GLU B CD  1 
ATOM   570  O  OE1 . GLU B 1 3  ? -7.987  -2.508  -20.830 1.00 49.40 ? 3   GLU B OE1 1 
ATOM   571  O  OE2 . GLU B 1 3  ? -7.404  -3.147  -18.807 1.00 46.47 ? 3   GLU B OE2 1 
ATOM   572  N  N   . LEU B 1 4  ? -8.247  2.171   -17.696 1.00 35.19 ? 4   LEU B N   1 
ATOM   573  C  CA  . LEU B 1 4  ? -8.501  2.558   -16.311 1.00 33.81 ? 4   LEU B CA  1 
ATOM   574  C  C   . LEU B 1 4  ? -7.986  1.569   -15.264 1.00 33.11 ? 4   LEU B C   1 
ATOM   575  O  O   . LEU B 1 4  ? -8.292  0.376   -15.321 1.00 31.78 ? 4   LEU B O   1 
ATOM   576  C  CB  . LEU B 1 4  ? -10.004 2.787   -16.097 1.00 32.82 ? 4   LEU B CB  1 
ATOM   577  C  CG  . LEU B 1 4  ? -10.620 4.044   -16.730 1.00 33.65 ? 4   LEU B CG  1 
ATOM   578  C  CD1 . LEU B 1 4  ? -12.134 3.910   -16.763 1.00 33.52 ? 4   LEU B CD1 1 
ATOM   579  C  CD2 . LEU B 1 4  ? -10.203 5.284   -15.944 1.00 33.66 ? 4   LEU B CD2 1 
ATOM   580  N  N   . PHE B 1 5  ? -7.194  2.082   -14.322 1.00 31.36 ? 5   PHE B N   1 
ATOM   581  C  CA  . PHE B 1 5  ? -6.651  1.296   -13.219 1.00 31.91 ? 5   PHE B CA  1 
ATOM   582  C  C   . PHE B 1 5  ? -5.712  0.162   -13.621 1.00 30.66 ? 5   PHE B C   1 
ATOM   583  O  O   . PHE B 1 5  ? -5.604  -0.832  -12.919 1.00 30.58 ? 5   PHE B O   1 
ATOM   584  C  CB  . PHE B 1 5  ? -7.810  0.740   -12.386 1.00 31.53 ? 5   PHE B CB  1 
ATOM   585  C  CG  . PHE B 1 5  ? -8.850  1.771   -12.033 1.00 30.81 ? 5   PHE B CG  1 
ATOM   586  C  CD1 . PHE B 1 5  ? -8.503  2.909   -11.309 1.00 30.83 ? 5   PHE B CD1 1 
ATOM   587  C  CD2 . PHE B 1 5  ? -10.178 1.598   -12.419 1.00 32.51 ? 5   PHE B CD2 1 
ATOM   588  C  CE1 . PHE B 1 5  ? -9.466  3.860   -10.965 1.00 32.18 ? 5   PHE B CE1 1 
ATOM   589  C  CE2 . PHE B 1 5  ? -11.152 2.536   -12.083 1.00 30.11 ? 5   PHE B CE2 1 
ATOM   590  C  CZ  . PHE B 1 5  ? -10.798 3.671   -11.358 1.00 33.20 ? 5   PHE B CZ  1 
ATOM   591  N  N   . SER B 1 6  ? -5.024  0.334   -14.742 1.00 30.86 ? 6   SER B N   1 
ATOM   592  C  CA  . SER B 1 6  ? -4.094  -0.665  -15.252 1.00 28.61 ? 6   SER B CA  1 
ATOM   593  C  C   . SER B 1 6  ? -2.657  -0.321  -14.860 1.00 29.12 ? 6   SER B C   1 
ATOM   594  O  O   . SER B 1 6  ? -2.400  0.744   -14.298 1.00 25.25 ? 6   SER B O   1 
ATOM   595  C  CB  . SER B 1 6  ? -4.205  -0.717  -16.770 1.00 28.07 ? 6   SER B CB  1 
ATOM   596  O  OG  . SER B 1 6  ? -3.845  0.523   -17.314 1.00 27.08 ? 6   SER B OG  1 
ATOM   597  N  N   . VAL B 1 7  ? -1.724  -1.218  -15.175 1.00 28.66 ? 7   VAL B N   1 
ATOM   598  C  CA  . VAL B 1 7  ? -0.311  -0.990  -14.876 1.00 31.81 ? 7   VAL B CA  1 
ATOM   599  C  C   . VAL B 1 7  ? 0.171   0.335   -15.479 1.00 32.31 ? 7   VAL B C   1 
ATOM   600  O  O   . VAL B 1 7  ? 0.674   1.201   -14.758 1.00 33.73 ? 7   VAL B O   1 
ATOM   601  C  CB  . VAL B 1 7  ? 0.576   -2.162  -15.394 1.00 29.44 ? 7   VAL B CB  1 
ATOM   602  C  CG1 . VAL B 1 7  ? 2.055   -1.837  -15.207 1.00 30.80 ? 7   VAL B CG1 1 
ATOM   603  C  CG2 . VAL B 1 7  ? 0.230   -3.443  -14.638 1.00 31.45 ? 7   VAL B CG2 1 
ATOM   604  N  N   . PRO B 1 8  ? 0.020   0.521   -16.806 1.00 33.30 ? 8   PRO B N   1 
ATOM   605  C  CA  . PRO B 1 8  ? 0.477   1.794   -17.381 1.00 32.41 ? 8   PRO B CA  1 
ATOM   606  C  C   . PRO B 1 8  ? -0.251  3.003   -16.786 1.00 31.88 ? 8   PRO B C   1 
ATOM   607  O  O   . PRO B 1 8  ? 0.293   4.106   -16.723 1.00 31.91 ? 8   PRO B O   1 
ATOM   608  C  CB  . PRO B 1 8  ? 0.210   1.616   -18.874 1.00 33.23 ? 8   PRO B CB  1 
ATOM   609  C  CG  . PRO B 1 8  ? -0.920  0.619   -18.911 1.00 36.63 ? 8   PRO B CG  1 
ATOM   610  C  CD  . PRO B 1 8  ? -0.513  -0.368  -17.853 1.00 33.10 ? 8   PRO B CD  1 
ATOM   611  N  N   . TYR B 1 9  ? -1.485  2.790   -16.353 1.00 29.91 ? 9   TYR B N   1 
ATOM   612  C  CA  . TYR B 1 9  ? -2.276  3.852   -15.743 1.00 28.80 ? 9   TYR B CA  1 
ATOM   613  C  C   . TYR B 1 9  ? -1.580  4.300   -14.448 1.00 28.65 ? 9   TYR B C   1 
ATOM   614  O  O   . TYR B 1 9  ? -1.359  5.494   -14.234 1.00 29.95 ? 9   TYR B O   1 
ATOM   615  C  CB  . TYR B 1 9  ? -3.669  3.320   -15.433 1.00 29.83 ? 9   TYR B CB  1 
ATOM   616  C  CG  . TYR B 1 9  ? -4.555  4.251   -14.647 1.00 29.72 ? 9   TYR B CG  1 
ATOM   617  C  CD1 . TYR B 1 9  ? -5.402  5.149   -15.294 1.00 30.89 ? 9   TYR B CD1 1 
ATOM   618  C  CD2 . TYR B 1 9  ? -4.603  4.180   -13.254 1.00 29.17 ? 9   TYR B CD2 1 
ATOM   619  C  CE1 . TYR B 1 9  ? -6.288  5.940   -14.574 1.00 31.69 ? 9   TYR B CE1 1 
ATOM   620  C  CE2 . TYR B 1 9  ? -5.481  4.972   -12.520 1.00 31.54 ? 9   TYR B CE2 1 
ATOM   621  C  CZ  . TYR B 1 9  ? -6.327  5.845   -13.187 1.00 32.70 ? 9   TYR B CZ  1 
ATOM   622  O  OH  . TYR B 1 9  ? -7.241  6.576   -12.466 1.00 32.37 ? 9   TYR B OH  1 
ATOM   623  N  N   . PHE B 1 10 ? -1.241  3.336   -13.595 1.00 27.87 ? 10  PHE B N   1 
ATOM   624  C  CA  . PHE B 1 10 ? -0.561  3.624   -12.335 1.00 29.52 ? 10  PHE B CA  1 
ATOM   625  C  C   . PHE B 1 10 ? 0.896   4.030   -12.536 1.00 31.39 ? 10  PHE B C   1 
ATOM   626  O  O   . PHE B 1 10 ? 1.451   4.788   -11.738 1.00 31.72 ? 10  PHE B O   1 
ATOM   627  C  CB  . PHE B 1 10 ? -0.665  2.431   -11.381 1.00 27.78 ? 10  PHE B CB  1 
ATOM   628  C  CG  . PHE B 1 10 ? -2.026  2.283   -10.757 1.00 25.12 ? 10  PHE B CG  1 
ATOM   629  C  CD1 . PHE B 1 10 ? -2.768  1.127   -10.938 1.00 24.38 ? 10  PHE B CD1 1 
ATOM   630  C  CD2 . PHE B 1 10 ? -2.580  3.323   -10.013 1.00 25.52 ? 10  PHE B CD2 1 
ATOM   631  C  CE1 . PHE B 1 10 ? -4.056  1.004   -10.391 1.00 21.47 ? 10  PHE B CE1 1 
ATOM   632  C  CE2 . PHE B 1 10 ? -3.866  3.208   -9.462  1.00 22.62 ? 10  PHE B CE2 1 
ATOM   633  C  CZ  . PHE B 1 10 ? -4.600  2.041   -9.659  1.00 21.93 ? 10  PHE B CZ  1 
ATOM   634  N  N   . ILE B 1 11 ? 1.525   3.537   -13.597 1.00 31.78 ? 11  ILE B N   1 
ATOM   635  C  CA  . ILE B 1 11 ? 2.899   3.936   -13.860 1.00 30.10 ? 11  ILE B CA  1 
ATOM   636  C  C   . ILE B 1 11 ? 2.870   5.424   -14.162 1.00 30.49 ? 11  ILE B C   1 
ATOM   637  O  O   . ILE B 1 11 ? 3.696   6.187   -13.654 1.00 30.05 ? 11  ILE B O   1 
ATOM   638  C  CB  . ILE B 1 11 ? 3.496   3.199   -15.072 1.00 30.33 ? 11  ILE B CB  1 
ATOM   639  C  CG1 . ILE B 1 11 ? 3.872   1.770   -14.665 1.00 31.26 ? 11  ILE B CG1 1 
ATOM   640  C  CG2 . ILE B 1 11 ? 4.718   3.969   -15.610 1.00 29.33 ? 11  ILE B CG2 1 
ATOM   641  C  CD1 . ILE B 1 11 ? 4.409   0.921   -15.812 1.00 31.27 ? 11  ILE B CD1 1 
ATOM   642  N  N   . GLU B 1 12 ? 1.914   5.838   -14.989 1.00 31.42 ? 12  GLU B N   1 
ATOM   643  C  CA  . GLU B 1 12 ? 1.794   7.247   -15.345 1.00 34.04 ? 12  GLU B CA  1 
ATOM   644  C  C   . GLU B 1 12 ? 1.551   8.118   -14.121 1.00 32.35 ? 12  GLU B C   1 
ATOM   645  O  O   . GLU B 1 12 ? 2.210   9.133   -13.939 1.00 31.65 ? 12  GLU B O   1 
ATOM   646  C  CB  . GLU B 1 12 ? 0.648   7.476   -16.336 1.00 39.55 ? 12  GLU B CB  1 
ATOM   647  C  CG  . GLU B 1 12 ? 0.490   8.952   -16.722 1.00 46.04 ? 12  GLU B CG  1 
ATOM   648  C  CD  . GLU B 1 12 ? -0.901  9.305   -17.222 1.00 52.35 ? 12  GLU B CD  1 
ATOM   649  O  OE1 . GLU B 1 12 ? -1.882  9.087   -16.470 1.00 54.53 ? 12  GLU B OE1 1 
ATOM   650  O  OE2 . GLU B 1 12 ? -1.016  9.814   -18.362 1.00 54.97 ? 12  GLU B OE2 1 
ATOM   651  N  N   . ASN B 1 13 ? 0.593   7.725   -13.289 1.00 32.59 ? 13  ASN B N   1 
ATOM   652  C  CA  . ASN B 1 13 ? 0.263   8.497   -12.090 1.00 33.67 ? 13  ASN B CA  1 
ATOM   653  C  C   . ASN B 1 13 ? 1.414   8.568   -11.093 1.00 32.36 ? 13  ASN B C   1 
ATOM   654  O  O   . ASN B 1 13 ? 1.654   9.619   -10.491 1.00 29.39 ? 13  ASN B O   1 
ATOM   655  C  CB  . ASN B 1 13 ? -0.984  7.927   -11.398 1.00 34.80 ? 13  ASN B CB  1 
ATOM   656  C  CG  . ASN B 1 13 ? -2.250  8.152   -12.206 1.00 37.47 ? 13  ASN B CG  1 
ATOM   657  O  OD1 . ASN B 1 13 ? -2.398  9.176   -12.870 1.00 40.91 ? 13  ASN B OD1 1 
ATOM   658  N  ND2 . ASN B 1 13 ? -3.177  7.206   -12.132 1.00 39.32 ? 13  ASN B ND2 1 
ATOM   659  N  N   . LEU B 1 14 ? 2.113   7.452   -10.912 1.00 30.48 ? 14  LEU B N   1 
ATOM   660  C  CA  . LEU B 1 14 ? 3.252   7.404   -9.996  1.00 33.51 ? 14  LEU B CA  1 
ATOM   661  C  C   . LEU B 1 14 ? 4.346   8.353   -10.473 1.00 33.43 ? 14  LEU B C   1 
ATOM   662  O  O   . LEU B 1 14 ? 4.947   9.072   -9.677  1.00 34.86 ? 14  LEU B O   1 
ATOM   663  C  CB  . LEU B 1 14 ? 3.800   5.974   -9.886  1.00 32.25 ? 14  LEU B CB  1 
ATOM   664  C  CG  . LEU B 1 14 ? 3.112   5.069   -8.853  1.00 34.40 ? 14  LEU B CG  1 
ATOM   665  C  CD1 . LEU B 1 14 ? 3.589   3.620   -8.993  1.00 33.45 ? 14  LEU B CD1 1 
ATOM   666  C  CD2 . LEU B 1 14 ? 3.420   5.588   -7.457  1.00 34.35 ? 14  LEU B CD2 1 
ATOM   667  N  N   . LYS B 1 15 ? 4.591   8.366   -11.778 1.00 34.46 ? 15  LYS B N   1 
ATOM   668  C  CA  . LYS B 1 15 ? 5.603   9.247   -12.343 1.00 36.09 ? 15  LYS B CA  1 
ATOM   669  C  C   . LYS B 1 15 ? 5.214   10.715  -12.171 1.00 36.47 ? 15  LYS B C   1 
ATOM   670  O  O   . LYS B 1 15 ? 6.050   11.542  -11.827 1.00 36.72 ? 15  LYS B O   1 
ATOM   671  C  CB  . LYS B 1 15 ? 5.803   8.947   -13.830 1.00 37.63 ? 15  LYS B CB  1 
ATOM   672  C  CG  . LYS B 1 15 ? 6.648   7.717   -14.120 1.00 38.15 ? 15  LYS B CG  1 
ATOM   673  C  CD  . LYS B 1 15 ? 6.738   7.477   -15.622 1.00 41.71 ? 15  LYS B CD  1 
ATOM   674  C  CE  . LYS B 1 15 ? 8.031   6.776   -16.000 1.00 42.97 ? 15  LYS B CE  1 
ATOM   675  N  NZ  . LYS B 1 15 ? 9.221   7.625   -15.664 1.00 45.80 ? 15  LYS B NZ  1 
ATOM   676  N  N   . GLN B 1 16 ? 3.949   11.042  -12.403 1.00 35.08 ? 16  GLN B N   1 
ATOM   677  C  CA  . GLN B 1 16 ? 3.519   12.422  -12.262 1.00 34.33 ? 16  GLN B CA  1 
ATOM   678  C  C   . GLN B 1 16 ? 3.524   12.879  -10.816 1.00 33.42 ? 16  GLN B C   1 
ATOM   679  O  O   . GLN B 1 16 ? 3.867   14.021  -10.520 1.00 33.37 ? 16  GLN B O   1 
ATOM   680  C  CB  . GLN B 1 16 ? 2.139   12.605  -12.880 1.00 34.87 ? 16  GLN B CB  1 
ATOM   681  C  CG  . GLN B 1 16 ? 2.190   12.591  -14.393 1.00 33.72 ? 16  GLN B CG  1 
ATOM   682  C  CD  . GLN B 1 16 ? 0.862   12.257  -15.026 1.00 33.16 ? 16  GLN B CD  1 
ATOM   683  O  OE1 . GLN B 1 16 ? 0.661   12.485  -16.216 1.00 36.74 ? 16  GLN B OE1 1 
ATOM   684  N  NE2 . GLN B 1 16 ? -0.050  11.698  -14.240 1.00 30.24 ? 16  GLN B NE2 1 
ATOM   685  N  N   . HIS B 1 17 ? 3.148   11.987  -9.914  1.00 31.75 ? 17  HIS B N   1 
ATOM   686  C  CA  . HIS B 1 17 ? 3.128   12.318  -8.502  1.00 31.04 ? 17  HIS B CA  1 
ATOM   687  C  C   . HIS B 1 17 ? 4.550   12.639  -8.048  1.00 30.19 ? 17  HIS B C   1 
ATOM   688  O  O   . HIS B 1 17 ? 4.762   13.550  -7.257  1.00 27.51 ? 17  HIS B O   1 
ATOM   689  C  CB  . HIS B 1 17 ? 2.552   11.151  -7.704  1.00 30.37 ? 17  HIS B CB  1 
ATOM   690  C  CG  . HIS B 1 17 ? 2.267   11.484  -6.277  1.00 30.84 ? 17  HIS B CG  1 
ATOM   691  N  ND1 . HIS B 1 17 ? 3.115   11.137  -5.247  1.00 31.36 ? 17  HIS B ND1 1 
ATOM   692  C  CD2 . HIS B 1 17 ? 1.231   12.144  -5.706  1.00 29.70 ? 17  HIS B CD2 1 
ATOM   693  C  CE1 . HIS B 1 17 ? 2.613   11.565  -4.104  1.00 27.83 ? 17  HIS B CE1 1 
ATOM   694  N  NE2 . HIS B 1 17 ? 1.469   12.180  -4.354  1.00 27.56 ? 17  HIS B NE2 1 
ATOM   695  N  N   . ILE B 1 18 ? 5.524   11.896  -8.565  1.00 30.15 ? 18  ILE B N   1 
ATOM   696  C  CA  . ILE B 1 18 ? 6.924   12.130  -8.222  1.00 32.03 ? 18  ILE B CA  1 
ATOM   697  C  C   . ILE B 1 18 ? 7.365   13.496  -8.731  1.00 33.84 ? 18  ILE B C   1 
ATOM   698  O  O   . ILE B 1 18 ? 8.041   14.246  -8.024  1.00 34.33 ? 18  ILE B O   1 
ATOM   699  C  CB  . ILE B 1 18 ? 7.842   11.063  -8.837  1.00 30.97 ? 18  ILE B CB  1 
ATOM   700  C  CG1 . ILE B 1 18 ? 7.618   9.733   -8.128  1.00 31.07 ? 18  ILE B CG1 1 
ATOM   701  C  CG2 . ILE B 1 18 ? 9.304   11.500  -8.727  1.00 28.59 ? 18  ILE B CG2 1 
ATOM   702  C  CD1 . ILE B 1 18 ? 8.347   8.571   -8.786  1.00 33.44 ? 18  ILE B CD1 1 
ATOM   703  N  N   . GLU B 1 19 ? 6.969   13.815  -9.957  1.00 36.36 ? 19  GLU B N   1 
ATOM   704  C  CA  . GLU B 1 19 ? 7.315   15.094  -10.563 1.00 38.17 ? 19  GLU B CA  1 
ATOM   705  C  C   . GLU B 1 19 ? 6.655   16.277  -9.872  1.00 37.88 ? 19  GLU B C   1 
ATOM   706  O  O   . GLU B 1 19 ? 7.194   17.376  -9.880  1.00 38.30 ? 19  GLU B O   1 
ATOM   707  C  CB  . GLU B 1 19 ? 6.933   15.101  -12.045 1.00 42.00 ? 19  GLU B CB  1 
ATOM   708  C  CG  . GLU B 1 19 ? 7.950   14.443  -12.971 1.00 48.49 ? 19  GLU B CG  1 
ATOM   709  C  CD  . GLU B 1 19 ? 9.307   15.131  -12.929 1.00 53.18 ? 19  GLU B CD  1 
ATOM   710  O  OE1 . GLU B 1 19 ? 10.117  14.802  -12.032 1.00 55.16 ? 19  GLU B OE1 1 
ATOM   711  O  OE2 . GLU B 1 19 ? 9.553   16.013  -13.785 1.00 55.50 ? 19  GLU B OE2 1 
HETATM 712  N  N   . MSE B 1 20 ? 5.489   16.056  -9.280  1.00 38.24 ? 20  MSE B N   1 
HETATM 713  C  CA  . MSE B 1 20 ? 4.770   17.133  -8.608  1.00 41.53 ? 20  MSE B CA  1 
HETATM 714  C  C   . MSE B 1 20 ? 5.202   17.363  -7.164  1.00 39.66 ? 20  MSE B C   1 
HETATM 715  O  O   . MSE B 1 20 ? 4.755   18.320  -6.528  1.00 39.78 ? 20  MSE B O   1 
HETATM 716  C  CB  . MSE B 1 20 ? 3.271   16.852  -8.622  1.00 48.53 ? 20  MSE B CB  1 
HETATM 717  C  CG  . MSE B 1 20 ? 2.658   16.724  -9.999  1.00 59.83 ? 20  MSE B CG  1 
HETATM 718  SE SE  . MSE B 1 20 ? 0.841   16.081  -9.860  1.00 74.85 ? 20  MSE B SE  1 
HETATM 719  C  CE  . MSE B 1 20 ? -0.049  17.786  -9.596  1.00 68.68 ? 20  MSE B CE  1 
ATOM   720  N  N   . ASN B 1 21 ? 6.047   16.485  -6.634  1.00 36.92 ? 21  ASN B N   1 
ATOM   721  C  CA  . ASN B 1 21 ? 6.511   16.628  -5.260  1.00 34.79 ? 21  ASN B CA  1 
ATOM   722  C  C   . ASN B 1 21 ? 8.029   16.638  -5.180  1.00 33.76 ? 21  ASN B C   1 
ATOM   723  O  O   . ASN B 1 21 ? 8.642   15.705  -4.670  1.00 31.46 ? 21  ASN B O   1 
ATOM   724  C  CB  . ASN B 1 21 ? 5.939   15.498  -4.398  1.00 36.24 ? 21  ASN B CB  1 
ATOM   725  C  CG  . ASN B 1 21 ? 4.426   15.507  -4.375  1.00 38.73 ? 21  ASN B CG  1 
ATOM   726  O  OD1 . ASN B 1 21 ? 3.777   15.130  -5.354  1.00 37.53 ? 21  ASN B OD1 1 
ATOM   727  N  ND2 . ASN B 1 21 ? 3.851   15.964  -3.263  1.00 39.23 ? 21  ASN B ND2 1 
ATOM   728  N  N   . GLN B 1 22 ? 8.618   17.718  -5.681  1.00 32.03 ? 22  GLN B N   1 
ATOM   729  C  CA  . GLN B 1 22 ? 10.056  17.897  -5.708  1.00 33.63 ? 22  GLN B CA  1 
ATOM   730  C  C   . GLN B 1 22 ? 10.671  18.192  -4.345  1.00 32.55 ? 22  GLN B C   1 
ATOM   731  O  O   . GLN B 1 22 ? 11.880  18.373  -4.236  1.00 34.27 ? 22  GLN B O   1 
ATOM   732  C  CB  . GLN B 1 22 ? 10.405  19.020  -6.684  1.00 38.19 ? 22  GLN B CB  1 
ATOM   733  C  CG  . GLN B 1 22 ? 10.106  18.677  -8.134  1.00 42.66 ? 22  GLN B CG  1 
ATOM   734  C  CD  . GLN B 1 22 ? 11.027  17.587  -8.662  1.00 45.86 ? 22  GLN B CD  1 
ATOM   735  O  OE1 . GLN B 1 22 ? 12.245  17.769  -8.732  1.00 47.24 ? 22  GLN B OE1 1 
ATOM   736  N  NE2 . GLN B 1 22 ? 10.451  16.448  -9.031  1.00 45.92 ? 22  GLN B NE2 1 
ATOM   737  N  N   . SER B 1 23 ? 9.850   18.259  -3.306  1.00 29.27 ? 23  SER B N   1 
ATOM   738  C  CA  . SER B 1 23 ? 10.381  18.523  -1.978  1.00 28.99 ? 23  SER B CA  1 
ATOM   739  C  C   . SER B 1 23 ? 10.169  17.317  -1.077  1.00 28.00 ? 23  SER B C   1 
ATOM   740  O  O   . SER B 1 23 ? 9.949   17.444  0.123   1.00 26.22 ? 23  SER B O   1 
ATOM   741  C  CB  . SER B 1 23 ? 9.724   19.769  -1.387  1.00 27.39 ? 23  SER B CB  1 
ATOM   742  O  OG  . SER B 1 23 ? 10.132  20.914  -2.116  1.00 27.20 ? 23  SER B OG  1 
ATOM   743  N  N   . GLU B 1 24 ? 10.233  16.141  -1.692  1.00 27.04 ? 24  GLU B N   1 
ATOM   744  C  CA  . GLU B 1 24 ? 10.074  14.877  -0.994  1.00 30.15 ? 24  GLU B CA  1 
ATOM   745  C  C   . GLU B 1 24 ? 10.943  13.871  -1.735  1.00 29.21 ? 24  GLU B C   1 
ATOM   746  O  O   . GLU B 1 24 ? 11.225  14.049  -2.918  1.00 31.47 ? 24  GLU B O   1 
ATOM   747  C  CB  . GLU B 1 24 ? 8.606   14.442  -1.023  1.00 29.58 ? 24  GLU B CB  1 
ATOM   748  C  CG  . GLU B 1 24 ? 8.369   13.049  -0.480  1.00 36.43 ? 24  GLU B CG  1 
ATOM   749  C  CD  . GLU B 1 24 ? 8.701   12.911  0.998   1.00 37.83 ? 24  GLU B CD  1 
ATOM   750  O  OE1 . GLU B 1 24 ? 7.769   12.626  1.785   1.00 38.67 ? 24  GLU B OE1 1 
ATOM   751  O  OE2 . GLU B 1 24 ? 9.886   13.077  1.362   1.00 37.02 ? 24  GLU B OE2 1 
ATOM   752  N  N   . ASP B 1 25 ? 11.390  12.836  -1.039  1.00 30.59 ? 25  ASP B N   1 
ATOM   753  C  CA  . ASP B 1 25 ? 12.216  11.821  -1.678  1.00 32.42 ? 25  ASP B CA  1 
ATOM   754  C  C   . ASP B 1 25 ? 11.342  11.015  -2.626  1.00 31.99 ? 25  ASP B C   1 
ATOM   755  O  O   . ASP B 1 25 ? 10.193  10.688  -2.305  1.00 28.84 ? 25  ASP B O   1 
ATOM   756  C  CB  . ASP B 1 25 ? 12.845  10.901  -0.634  1.00 35.30 ? 25  ASP B CB  1 
ATOM   757  C  CG  . ASP B 1 25 ? 13.856  11.618  0.233   1.00 40.91 ? 25  ASP B CG  1 
ATOM   758  O  OD1 . ASP B 1 25 ? 14.570  12.507  -0.292  1.00 42.74 ? 25  ASP B OD1 1 
ATOM   759  O  OD2 . ASP B 1 25 ? 13.957  11.287  1.434   1.00 43.74 ? 25  ASP B OD2 1 
ATOM   760  N  N   . LYS B 1 26 ? 11.881  10.697  -3.799  1.00 32.28 ? 26  LYS B N   1 
ATOM   761  C  CA  . LYS B 1 26 ? 11.116  9.940   -4.782  1.00 33.82 ? 26  LYS B CA  1 
ATOM   762  C  C   . LYS B 1 26 ? 10.478  8.683   -4.197  1.00 32.37 ? 26  LYS B C   1 
ATOM   763  O  O   . LYS B 1 26 ? 9.279   8.459   -4.359  1.00 31.18 ? 26  LYS B O   1 
ATOM   764  C  CB  . LYS B 1 26 ? 11.993  9.574   -5.986  1.00 38.84 ? 26  LYS B CB  1 
ATOM   765  C  CG  . LYS B 1 26 ? 12.285  10.762  -6.908  1.00 44.71 ? 26  LYS B CG  1 
ATOM   766  C  CD  . LYS B 1 26 ? 12.780  10.338  -8.292  1.00 46.65 ? 26  LYS B CD  1 
ATOM   767  C  CE  . LYS B 1 26 ? 14.153  9.681   -8.242  1.00 48.32 ? 26  LYS B CE  1 
ATOM   768  N  NZ  . LYS B 1 26 ? 14.577  9.220   -9.599  1.00 52.55 ? 26  LYS B NZ  1 
ATOM   769  N  N   . ILE B 1 27 ? 11.264  7.875   -3.498  1.00 30.85 ? 27  ILE B N   1 
ATOM   770  C  CA  . ILE B 1 27 ? 10.723  6.652   -2.934  1.00 30.98 ? 27  ILE B CA  1 
ATOM   771  C  C   . ILE B 1 27 ? 9.598   6.928   -1.922  1.00 29.91 ? 27  ILE B C   1 
ATOM   772  O  O   . ILE B 1 27 ? 8.593   6.214   -1.899  1.00 27.59 ? 27  ILE B O   1 
ATOM   773  C  CB  . ILE B 1 27 ? 11.854  5.797   -2.313  1.00 33.21 ? 27  ILE B CB  1 
ATOM   774  C  CG1 . ILE B 1 27 ? 11.424  4.329   -2.256  1.00 36.60 ? 27  ILE B CG1 1 
ATOM   775  C  CG2 . ILE B 1 27 ? 12.218  6.315   -0.934  1.00 36.38 ? 27  ILE B CG2 1 
ATOM   776  C  CD1 . ILE B 1 27 ? 10.313  4.039   -1.280  1.00 39.23 ? 27  ILE B CD1 1 
ATOM   777  N  N   . HIS B 1 28 ? 9.749   7.970   -1.104  1.00 28.39 ? 28  HIS B N   1 
ATOM   778  C  CA  . HIS B 1 28 ? 8.723   8.313   -0.118  1.00 26.65 ? 28  HIS B CA  1 
ATOM   779  C  C   . HIS B 1 28 ? 7.453   8.843   -0.767  1.00 24.98 ? 28  HIS B C   1 
ATOM   780  O  O   . HIS B 1 28 ? 6.351   8.620   -0.267  1.00 26.31 ? 28  HIS B O   1 
ATOM   781  C  CB  . HIS B 1 28 ? 9.237   9.352   0.891   1.00 26.64 ? 28  HIS B CB  1 
ATOM   782  C  CG  . HIS B 1 28 ? 10.247  8.811   1.857   1.00 29.34 ? 28  HIS B CG  1 
ATOM   783  N  ND1 . HIS B 1 28 ? 10.121  7.571   2.449   1.00 29.71 ? 28  HIS B ND1 1 
ATOM   784  C  CD2 . HIS B 1 28 ? 11.384  9.350   2.354   1.00 29.04 ? 28  HIS B CD2 1 
ATOM   785  C  CE1 . HIS B 1 28 ? 11.136  7.372   3.268   1.00 29.35 ? 28  HIS B CE1 1 
ATOM   786  N  NE2 . HIS B 1 28 ? 11.918  8.437   3.230   1.00 29.99 ? 28  HIS B NE2 1 
ATOM   787  N  N   . ALA B 1 29 ? 7.604   9.563   -1.869  1.00 24.23 ? 29  ALA B N   1 
ATOM   788  C  CA  . ALA B 1 29 ? 6.444   10.116  -2.574  1.00 24.51 ? 29  ALA B CA  1 
ATOM   789  C  C   . ALA B 1 29 ? 5.640   8.956   -3.154  1.00 24.62 ? 29  ALA B C   1 
ATOM   790  O  O   . ALA B 1 29 ? 4.409   8.964   -3.134  1.00 27.50 ? 29  ALA B O   1 
ATOM   791  C  CB  . ALA B 1 29 ? 6.898   11.059  -3.688  1.00 24.72 ? 29  ALA B CB  1 
HETATM 792  N  N   . MSE B 1 30 ? 6.348   7.947   -3.657  1.00 25.77 ? 30  MSE B N   1 
HETATM 793  C  CA  . MSE B 1 30 ? 5.710   6.765   -4.220  1.00 27.36 ? 30  MSE B CA  1 
HETATM 794  C  C   . MSE B 1 30 ? 4.914   6.007   -3.152  1.00 26.94 ? 30  MSE B C   1 
HETATM 795  O  O   . MSE B 1 30 ? 3.773   5.608   -3.387  1.00 26.35 ? 30  MSE B O   1 
HETATM 796  C  CB  . MSE B 1 30 ? 6.768   5.829   -4.819  1.00 31.33 ? 30  MSE B CB  1 
HETATM 797  C  CG  . MSE B 1 30 ? 7.507   6.388   -6.026  1.00 37.24 ? 30  MSE B CG  1 
HETATM 798  SE SE  . MSE B 1 30 ? 8.928   5.216   -6.632  1.00 47.47 ? 30  MSE B SE  1 
HETATM 799  C  CE  . MSE B 1 30 ? 7.838   3.838   -7.444  1.00 44.54 ? 30  MSE B CE  1 
ATOM   800  N  N   . ASN B 1 31 ? 5.521   5.813   -1.984  1.00 24.05 ? 31  ASN B N   1 
ATOM   801  C  CA  . ASN B 1 31 ? 4.873   5.093   -0.884  1.00 25.85 ? 31  ASN B CA  1 
ATOM   802  C  C   . ASN B 1 31 ? 3.621   5.814   -0.363  1.00 26.27 ? 31  ASN B C   1 
ATOM   803  O  O   . ASN B 1 31 ? 2.661   5.169   0.066   1.00 26.01 ? 31  ASN B O   1 
ATOM   804  C  CB  . ASN B 1 31 ? 5.855   4.881   0.280   1.00 23.17 ? 31  ASN B CB  1 
ATOM   805  C  CG  . ASN B 1 31 ? 7.010   3.963   -0.081  1.00 25.61 ? 31  ASN B CG  1 
ATOM   806  O  OD1 . ASN B 1 31 ? 6.957   3.236   -1.074  1.00 27.23 ? 31  ASN B OD1 1 
ATOM   807  N  ND2 . ASN B 1 31 ? 8.054   3.979   0.739   1.00 24.83 ? 31  ASN B ND2 1 
ATOM   808  N  N   . SER B 1 32 ? 3.649   7.145   -0.380  1.00 28.49 ? 32  SER B N   1 
ATOM   809  C  CA  . SER B 1 32 ? 2.510   7.957   0.061   1.00 29.20 ? 32  SER B CA  1 
ATOM   810  C  C   . SER B 1 32 ? 1.349   7.746   -0.908  1.00 27.06 ? 32  SER B C   1 
ATOM   811  O  O   . SER B 1 32 ? 0.211   7.493   -0.497  1.00 27.13 ? 32  SER B O   1 
ATOM   812  C  CB  . SER B 1 32 ? 2.877   9.447   0.077   1.00 27.78 ? 32  SER B CB  1 
ATOM   813  O  OG  . SER B 1 32 ? 3.747   9.747   1.145   1.00 39.55 ? 32  SER B OG  1 
ATOM   814  N  N   . TYR B 1 33 ? 1.648   7.868   -2.196  1.00 25.15 ? 33  TYR B N   1 
ATOM   815  C  CA  . TYR B 1 33 ? 0.645   7.678   -3.245  1.00 26.06 ? 33  TYR B CA  1 
ATOM   816  C  C   . TYR B 1 33 ? 0.090   6.251   -3.171  1.00 26.07 ? 33  TYR B C   1 
ATOM   817  O  O   . TYR B 1 33 ? -1.113  6.026   -3.317  1.00 26.99 ? 33  TYR B O   1 
ATOM   818  C  CB  . TYR B 1 33 ? 1.268   7.930   -4.631  1.00 28.18 ? 33  TYR B CB  1 
ATOM   819  C  CG  . TYR B 1 33 ? 0.302   7.734   -5.790  1.00 28.24 ? 33  TYR B CG  1 
ATOM   820  C  CD1 . TYR B 1 33 ? 0.278   6.544   -6.512  1.00 29.36 ? 33  TYR B CD1 1 
ATOM   821  C  CD2 . TYR B 1 33 ? -0.641  8.708   -6.106  1.00 28.00 ? 33  TYR B CD2 1 
ATOM   822  C  CE1 . TYR B 1 33 ? -0.662  6.326   -7.509  1.00 30.97 ? 33  TYR B CE1 1 
ATOM   823  C  CE2 . TYR B 1 33 ? -1.589  8.497   -7.105  1.00 28.01 ? 33  TYR B CE2 1 
ATOM   824  C  CZ  . TYR B 1 33 ? -1.597  7.308   -7.797  1.00 31.05 ? 33  TYR B CZ  1 
ATOM   825  O  OH  . TYR B 1 33 ? -2.560  7.090   -8.756  1.00 30.93 ? 33  TYR B OH  1 
ATOM   826  N  N   . TYR B 1 34 ? 0.980   5.296   -2.922  1.00 24.61 ? 34  TYR B N   1 
ATOM   827  C  CA  . TYR B 1 34 ? 0.615   3.893   -2.821  1.00 24.78 ? 34  TYR B CA  1 
ATOM   828  C  C   . TYR B 1 34 ? -0.347  3.626   -1.664  1.00 24.44 ? 34  TYR B C   1 
ATOM   829  O  O   . TYR B 1 34 ? -1.356  2.947   -1.839  1.00 24.54 ? 34  TYR B O   1 
ATOM   830  C  CB  . TYR B 1 34 ? 1.888   3.065   -2.648  1.00 24.35 ? 34  TYR B CB  1 
ATOM   831  C  CG  . TYR B 1 34 ? 1.733   1.568   -2.768  1.00 27.53 ? 34  TYR B CG  1 
ATOM   832  C  CD1 . TYR B 1 34 ? 2.268   0.878   -3.858  1.00 24.58 ? 34  TYR B CD1 1 
ATOM   833  C  CD2 . TYR B 1 34 ? 1.131   0.825   -1.748  1.00 23.40 ? 34  TYR B CD2 1 
ATOM   834  C  CE1 . TYR B 1 34 ? 2.222   -0.511  -3.920  1.00 24.20 ? 34  TYR B CE1 1 
ATOM   835  C  CE2 . TYR B 1 34 ? 1.081   -0.551  -1.803  1.00 23.72 ? 34  TYR B CE2 1 
ATOM   836  C  CZ  . TYR B 1 34 ? 1.633   -1.218  -2.889  1.00 26.23 ? 34  TYR B CZ  1 
ATOM   837  O  OH  . TYR B 1 34 ? 1.644   -2.596  -2.898  1.00 25.92 ? 34  TYR B OH  1 
ATOM   838  N  N   . ARG B 1 35 ? -0.026  4.151   -0.484  1.00 23.21 ? 35  ARG B N   1 
ATOM   839  C  CA  . ARG B 1 35 ? -0.867  3.950   0.692   1.00 24.18 ? 35  ARG B CA  1 
ATOM   840  C  C   . ARG B 1 35 ? -2.258  4.538   0.423   1.00 24.69 ? 35  ARG B C   1 
ATOM   841  O  O   . ARG B 1 35 ? -3.269  3.877   0.660   1.00 26.47 ? 35  ARG B O   1 
ATOM   842  C  CB  . ARG B 1 35 ? -0.232  4.624   1.919   1.00 21.36 ? 35  ARG B CB  1 
ATOM   843  C  CG  . ARG B 1 35 ? -0.560  3.959   3.266   1.00 20.35 ? 35  ARG B CG  1 
ATOM   844  C  CD  . ARG B 1 35 ? -2.049  4.052   3.626   1.00 19.60 ? 35  ARG B CD  1 
ATOM   845  N  NE  . ARG B 1 35 ? -2.499  5.444   3.677   1.00 20.23 ? 35  ARG B NE  1 
ATOM   846  C  CZ  . ARG B 1 35 ? -3.697  5.819   4.112   1.00 23.32 ? 35  ARG B CZ  1 
ATOM   847  N  NH1 . ARG B 1 35 ? -4.037  7.106   4.129   1.00 26.59 ? 35  ARG B NH1 1 
ATOM   848  N  NH2 . ARG B 1 35 ? -4.557  4.895   4.532   1.00 22.92 ? 35  ARG B NH2 1 
ATOM   849  N  N   . SER B 1 36 ? -2.310  5.764   -0.092  1.00 25.19 ? 36  SER B N   1 
ATOM   850  C  CA  . SER B 1 36 ? -3.599  6.411   -0.374  1.00 25.63 ? 36  SER B CA  1 
ATOM   851  C  C   . SER B 1 36 ? -4.461  5.679   -1.409  1.00 25.28 ? 36  SER B C   1 
ATOM   852  O  O   . SER B 1 36 ? -5.682  5.629   -1.279  1.00 23.15 ? 36  SER B O   1 
ATOM   853  C  CB  . SER B 1 36 ? -3.389  7.858   -0.827  1.00 23.60 ? 36  SER B CB  1 
ATOM   854  O  OG  . SER B 1 36 ? -2.758  8.627   0.188   1.00 28.60 ? 36  SER B OG  1 
ATOM   855  N  N   . VAL B 1 37 ? -3.835  5.120   -2.439  1.00 23.50 ? 37  VAL B N   1 
ATOM   856  C  CA  . VAL B 1 37 ? -4.592  4.398   -3.461  1.00 25.32 ? 37  VAL B CA  1 
ATOM   857  C  C   . VAL B 1 37 ? -5.143  3.078   -2.921  1.00 26.38 ? 37  VAL B C   1 
ATOM   858  O  O   . VAL B 1 37 ? -6.305  2.744   -3.148  1.00 26.38 ? 37  VAL B O   1 
ATOM   859  C  CB  . VAL B 1 37 ? -3.725  4.099   -4.706  1.00 24.48 ? 37  VAL B CB  1 
ATOM   860  C  CG1 . VAL B 1 37 ? -4.467  3.165   -5.650  1.00 24.89 ? 37  VAL B CG1 1 
ATOM   861  C  CG2 . VAL B 1 37 ? -3.399  5.401   -5.429  1.00 26.38 ? 37  VAL B CG2 1 
ATOM   862  N  N   . VAL B 1 38 ? -4.303  2.328   -2.219  1.00 27.24 ? 38  VAL B N   1 
ATOM   863  C  CA  . VAL B 1 38 ? -4.715  1.053   -1.659  1.00 29.23 ? 38  VAL B CA  1 
ATOM   864  C  C   . VAL B 1 38 ? -5.870  1.275   -0.689  1.00 28.71 ? 38  VAL B C   1 
ATOM   865  O  O   . VAL B 1 38 ? -6.865  0.558   -0.729  1.00 29.50 ? 38  VAL B O   1 
ATOM   866  C  CB  . VAL B 1 38 ? -3.524  0.362   -0.936  1.00 29.15 ? 38  VAL B CB  1 
ATOM   867  C  CG1 . VAL B 1 38 ? -4.027  -0.787  -0.068  1.00 28.47 ? 38  VAL B CG1 1 
ATOM   868  C  CG2 . VAL B 1 38 ? -2.532  -0.176  -1.970  1.00 25.72 ? 38  VAL B CG2 1 
ATOM   869  N  N   . SER B 1 39 ? -5.734  2.282   0.166   1.00 29.98 ? 39  SER B N   1 
ATOM   870  C  CA  . SER B 1 39 ? -6.761  2.608   1.154   1.00 29.84 ? 39  SER B CA  1 
ATOM   871  C  C   . SER B 1 39 ? -8.130  2.848   0.505   1.00 30.86 ? 39  SER B C   1 
ATOM   872  O  O   . SER B 1 39 ? -9.157  2.375   1.004   1.00 30.25 ? 39  SER B O   1 
ATOM   873  C  CB  . SER B 1 39 ? -6.339  3.839   1.946   1.00 29.08 ? 39  SER B CB  1 
ATOM   874  O  OG  . SER B 1 39 ? -7.319  4.193   2.906   1.00 34.66 ? 39  SER B OG  1 
ATOM   875  N  N   . THR B 1 40 ? -8.137  3.580   -0.604  1.00 31.04 ? 40  THR B N   1 
ATOM   876  C  CA  . THR B 1 40 ? -9.369  3.870   -1.336  1.00 33.08 ? 40  THR B CA  1 
ATOM   877  C  C   . THR B 1 40 ? -9.950  2.612   -1.978  1.00 32.60 ? 40  THR B C   1 
ATOM   878  O  O   . THR B 1 40 ? -11.146 2.360   -1.889  1.00 32.73 ? 40  THR B O   1 
ATOM   879  C  CB  . THR B 1 40 ? -9.124  4.923   -2.441  1.00 31.48 ? 40  THR B CB  1 
ATOM   880  O  OG1 . THR B 1 40 ? -8.740  6.162   -1.836  1.00 32.99 ? 40  THR B OG1 1 
ATOM   881  C  CG2 . THR B 1 40 ? -10.389 5.146   -3.269  1.00 31.18 ? 40  THR B CG2 1 
ATOM   882  N  N   . LEU B 1 41 ? -9.092  1.826   -2.621  1.00 32.25 ? 41  LEU B N   1 
ATOM   883  C  CA  . LEU B 1 41 ? -9.514  0.599   -3.278  1.00 33.40 ? 41  LEU B CA  1 
ATOM   884  C  C   . LEU B 1 41 ? -10.092 -0.431  -2.311  1.00 35.83 ? 41  LEU B C   1 
ATOM   885  O  O   . LEU B 1 41 ? -11.094 -1.078  -2.610  1.00 34.70 ? 41  LEU B O   1 
ATOM   886  C  CB  . LEU B 1 41 ? -8.337  -0.037  -4.025  1.00 33.99 ? 41  LEU B CB  1 
ATOM   887  C  CG  . LEU B 1 41 ? -7.846  0.666   -5.287  1.00 29.33 ? 41  LEU B CG  1 
ATOM   888  C  CD1 . LEU B 1 41 ? -6.616  -0.048  -5.835  1.00 26.04 ? 41  LEU B CD1 1 
ATOM   889  C  CD2 . LEU B 1 41 ? -8.962  0.668   -6.321  1.00 32.03 ? 41  LEU B CD2 1 
ATOM   890  N  N   . VAL B 1 42 ? -9.453  -0.572  -1.154  1.00 36.99 ? 42  VAL B N   1 
ATOM   891  C  CA  . VAL B 1 42 ? -9.872  -1.543  -0.151  1.00 38.56 ? 42  VAL B CA  1 
ATOM   892  C  C   . VAL B 1 42 ? -11.133 -1.108  0.599   1.00 40.40 ? 42  VAL B C   1 
ATOM   893  O  O   . VAL B 1 42 ? -11.795 -1.924  1.235   1.00 40.80 ? 42  VAL B O   1 
ATOM   894  C  CB  . VAL B 1 42 ? -8.716  -1.799  0.855   1.00 38.37 ? 42  VAL B CB  1 
ATOM   895  C  CG1 . VAL B 1 42 ? -8.906  -0.969  2.116   1.00 35.64 ? 42  VAL B CG1 1 
ATOM   896  C  CG2 . VAL B 1 42 ? -8.614  -3.273  1.163   1.00 39.74 ? 42  VAL B CG2 1 
ATOM   897  N  N   . GLN B 1 43 ? -11.467 0.175   0.522   1.00 42.38 ? 43  GLN B N   1 
ATOM   898  C  CA  . GLN B 1 43 ? -12.657 0.676   1.198   1.00 45.44 ? 43  GLN B CA  1 
ATOM   899  C  C   . GLN B 1 43 ? -13.862 0.611   0.267   1.00 46.69 ? 43  GLN B C   1 
ATOM   900  O  O   . GLN B 1 43 ? -14.976 0.961   0.649   1.00 45.97 ? 43  GLN B O   1 
ATOM   901  C  CB  . GLN B 1 43 ? -12.442 2.117   1.672   1.00 46.85 ? 43  GLN B CB  1 
ATOM   902  C  CG  . GLN B 1 43 ? -11.457 2.233   2.825   1.00 52.36 ? 43  GLN B CG  1 
ATOM   903  C  CD  . GLN B 1 43 ? -11.249 3.659   3.280   1.00 55.18 ? 43  GLN B CD  1 
ATOM   904  O  OE1 . GLN B 1 43 ? -10.748 4.498   2.531   1.00 57.91 ? 43  GLN B OE1 1 
ATOM   905  N  NE2 . GLN B 1 43 ? -11.640 3.945   4.516   1.00 56.53 ? 43  GLN B NE2 1 
ATOM   906  N  N   . ASP B 1 44 ? -13.629 0.150   -0.956  1.00 48.57 ? 44  ASP B N   1 
ATOM   907  C  CA  . ASP B 1 44 ? -14.684 0.040   -1.952  1.00 50.53 ? 44  ASP B CA  1 
ATOM   908  C  C   . ASP B 1 44 ? -15.566 -1.177  -1.680  1.00 51.52 ? 44  ASP B C   1 
ATOM   909  O  O   . ASP B 1 44 ? -15.108 -2.316  -1.773  1.00 52.43 ? 44  ASP B O   1 
ATOM   910  C  CB  . ASP B 1 44 ? -14.062 -0.057  -3.349  1.00 50.09 ? 44  ASP B CB  1 
ATOM   911  C  CG  . ASP B 1 44 ? -15.088 0.056   -4.456  1.00 51.88 ? 44  ASP B CG  1 
ATOM   912  O  OD1 . ASP B 1 44 ? -14.682 0.059   -5.638  1.00 52.24 ? 44  ASP B OD1 1 
ATOM   913  O  OD2 . ASP B 1 44 ? -16.298 0.145   -4.151  1.00 53.45 ? 44  ASP B OD2 1 
ATOM   914  N  N   . GLN B 1 45 ? -16.829 -0.928  -1.340  1.00 52.86 ? 45  GLN B N   1 
ATOM   915  C  CA  . GLN B 1 45 ? -17.777 -2.004  -1.060  1.00 53.95 ? 45  GLN B CA  1 
ATOM   916  C  C   . GLN B 1 45 ? -18.715 -2.262  -2.234  1.00 52.92 ? 45  GLN B C   1 
ATOM   917  O  O   . GLN B 1 45 ? -19.726 -2.946  -2.082  1.00 54.73 ? 45  GLN B O   1 
ATOM   918  C  CB  . GLN B 1 45 ? -18.621 -1.680  0.180   1.00 56.13 ? 45  GLN B CB  1 
ATOM   919  C  CG  . GLN B 1 45 ? -17.975 -2.014  1.520   1.00 59.11 ? 45  GLN B CG  1 
ATOM   920  C  CD  . GLN B 1 45 ? -16.961 -0.979  1.967   1.00 61.38 ? 45  GLN B CD  1 
ATOM   921  O  OE1 . GLN B 1 45 ? -17.283 0.206   2.091   1.00 61.66 ? 45  GLN B OE1 1 
ATOM   922  N  NE2 . GLN B 1 45 ? -15.730 -1.420  2.221   1.00 60.27 ? 45  GLN B NE2 1 
ATOM   923  N  N   . LEU B 1 46 ? -18.382 -1.722  -3.402  1.00 50.03 ? 46  LEU B N   1 
ATOM   924  C  CA  . LEU B 1 46 ? -19.222 -1.900  -4.580  1.00 47.27 ? 46  LEU B CA  1 
ATOM   925  C  C   . LEU B 1 46 ? -18.569 -2.742  -5.668  1.00 44.96 ? 46  LEU B C   1 
ATOM   926  O  O   . LEU B 1 46 ? -19.250 -3.483  -6.373  1.00 44.16 ? 46  LEU B O   1 
ATOM   927  C  CB  . LEU B 1 46 ? -19.616 -0.535  -5.142  1.00 47.52 ? 46  LEU B CB  1 
ATOM   928  C  CG  . LEU B 1 46 ? -20.440 0.306   -4.165  1.00 47.63 ? 46  LEU B CG  1 
ATOM   929  C  CD1 . LEU B 1 46 ? -20.452 1.749   -4.606  1.00 47.57 ? 46  LEU B CD1 1 
ATOM   930  C  CD2 . LEU B 1 46 ? -21.849 -0.258  -4.076  1.00 48.16 ? 46  LEU B CD2 1 
ATOM   931  N  N   . THR B 1 47 ? -17.251 -2.629  -5.801  1.00 43.62 ? 47  THR B N   1 
ATOM   932  C  CA  . THR B 1 47 ? -16.508 -3.390  -6.804  1.00 42.19 ? 47  THR B CA  1 
ATOM   933  C  C   . THR B 1 47 ? -16.240 -4.813  -6.304  1.00 42.58 ? 47  THR B C   1 
ATOM   934  O  O   . THR B 1 47 ? -16.113 -5.038  -5.100  1.00 43.67 ? 47  THR B O   1 
ATOM   935  C  CB  . THR B 1 47 ? -15.156 -2.726  -7.119  1.00 41.53 ? 47  THR B CB  1 
ATOM   936  O  OG1 . THR B 1 47 ? -15.363 -1.351  -7.465  1.00 40.05 ? 47  THR B OG1 1 
ATOM   937  C  CG2 . THR B 1 47 ? -14.479 -3.436  -8.281  1.00 40.54 ? 47  THR B CG2 1 
ATOM   938  N  N   . LYS B 1 48 ? -16.145 -5.763  -7.232  1.00 42.46 ? 48  LYS B N   1 
ATOM   939  C  CA  . LYS B 1 48 ? -15.898 -7.161  -6.885  1.00 41.96 ? 48  LYS B CA  1 
ATOM   940  C  C   . LYS B 1 48 ? -14.501 -7.342  -6.287  1.00 41.21 ? 48  LYS B C   1 
ATOM   941  O  O   . LYS B 1 48 ? -13.536 -6.725  -6.745  1.00 39.02 ? 48  LYS B O   1 
ATOM   942  C  CB  . LYS B 1 48 ? -16.045 -8.045  -8.127  1.00 44.07 ? 48  LYS B CB  1 
ATOM   943  C  CG  . LYS B 1 48 ? -17.325 -7.814  -8.938  1.00 49.15 ? 48  LYS B CG  1 
ATOM   944  C  CD  . LYS B 1 48 ? -18.511 -8.703  -8.523  1.00 52.22 ? 48  LYS B CD  1 
ATOM   945  C  CE  . LYS B 1 48 ? -19.142 -8.307  -7.187  1.00 52.93 ? 48  LYS B CE  1 
ATOM   946  N  NZ  . LYS B 1 48 ? -18.316 -8.688  -6.002  1.00 54.50 ? 48  LYS B NZ  1 
ATOM   947  N  N   . ASN B 1 49 ? -14.393 -8.193  -5.268  1.00 40.51 ? 49  ASN B N   1 
ATOM   948  C  CA  . ASN B 1 49 ? -13.106 -8.436  -4.610  1.00 40.00 ? 49  ASN B CA  1 
ATOM   949  C  C   . ASN B 1 49 ? -12.006 -8.758  -5.612  1.00 38.52 ? 49  ASN B C   1 
ATOM   950  O  O   . ASN B 1 49 ? -10.892 -8.249  -5.507  1.00 37.60 ? 49  ASN B O   1 
ATOM   951  C  CB  . ASN B 1 49 ? -13.211 -9.588  -3.607  1.00 41.47 ? 49  ASN B CB  1 
ATOM   952  C  CG  . ASN B 1 49 ? -14.150 -9.282  -2.461  1.00 43.19 ? 49  ASN B CG  1 
ATOM   953  O  OD1 . ASN B 1 49 ? -14.301 -8.129  -2.052  1.00 46.59 ? 49  ASN B OD1 1 
ATOM   954  N  ND2 . ASN B 1 49 ? -14.768 -10.318 -1.916  1.00 43.02 ? 49  ASN B ND2 1 
ATOM   955  N  N   . ALA B 1 50 ? -12.326 -9.613  -6.579  1.00 37.75 ? 50  ALA B N   1 
ATOM   956  C  CA  . ALA B 1 50 ? -11.361 -10.013 -7.596  1.00 34.98 ? 50  ALA B CA  1 
ATOM   957  C  C   . ALA B 1 50 ? -10.878 -8.809  -8.401  1.00 34.29 ? 50  ALA B C   1 
ATOM   958  O  O   . ALA B 1 50 ? -9.709  -8.732  -8.781  1.00 31.26 ? 50  ALA B O   1 
ATOM   959  C  CB  . ALA B 1 50 ? -11.982 -11.040 -8.519  1.00 34.27 ? 50  ALA B CB  1 
ATOM   960  N  N   . VAL B 1 51 ? -11.778 -7.864  -8.659  1.00 32.21 ? 51  VAL B N   1 
ATOM   961  C  CA  . VAL B 1 51 ? -11.404 -6.688  -9.424  1.00 32.15 ? 51  VAL B CA  1 
ATOM   962  C  C   . VAL B 1 51 ? -10.522 -5.766  -8.587  1.00 33.17 ? 51  VAL B C   1 
ATOM   963  O  O   . VAL B 1 51 ? -9.472  -5.308  -9.048  1.00 32.96 ? 51  VAL B O   1 
ATOM   964  C  CB  . VAL B 1 51 ? -12.655 -5.926  -9.914  1.00 32.97 ? 51  VAL B CB  1 
ATOM   965  C  CG1 . VAL B 1 51 ? -12.244 -4.650  -10.637 1.00 32.94 ? 51  VAL B CG1 1 
ATOM   966  C  CG2 . VAL B 1 51 ? -13.474 -6.821  -10.848 1.00 32.34 ? 51  VAL B CG2 1 
ATOM   967  N  N   . VAL B 1 52 ? -10.955 -5.501  -7.357  1.00 32.02 ? 52  VAL B N   1 
ATOM   968  C  CA  . VAL B 1 52 ? -10.224 -4.646  -6.431  1.00 31.96 ? 52  VAL B CA  1 
ATOM   969  C  C   . VAL B 1 52 ? -8.817  -5.181  -6.189  1.00 32.00 ? 52  VAL B C   1 
ATOM   970  O  O   . VAL B 1 52 ? -7.850  -4.425  -6.177  1.00 30.63 ? 52  VAL B O   1 
ATOM   971  C  CB  . VAL B 1 52 ? -10.962 -4.554  -5.087  1.00 31.06 ? 52  VAL B CB  1 
ATOM   972  C  CG1 . VAL B 1 52 ? -10.108 -3.836  -4.061  1.00 33.87 ? 52  VAL B CG1 1 
ATOM   973  C  CG2 . VAL B 1 52 ? -12.277 -3.836  -5.279  1.00 33.13 ? 52  VAL B CG2 1 
ATOM   974  N  N   . LEU B 1 53 ? -8.713  -6.490  -6.009  1.00 33.07 ? 53  LEU B N   1 
ATOM   975  C  CA  . LEU B 1 53 ? -7.427  -7.114  -5.767  1.00 34.78 ? 53  LEU B CA  1 
ATOM   976  C  C   . LEU B 1 53 ? -6.521  -6.989  -6.994  1.00 34.21 ? 53  LEU B C   1 
ATOM   977  O  O   . LEU B 1 53 ? -5.322  -6.739  -6.870  1.00 34.07 ? 53  LEU B O   1 
ATOM   978  C  CB  . LEU B 1 53 ? -7.645  -8.583  -5.379  1.00 37.78 ? 53  LEU B CB  1 
ATOM   979  C  CG  . LEU B 1 53 ? -6.446  -9.388  -4.865  1.00 41.45 ? 53  LEU B CG  1 
ATOM   980  C  CD1 . LEU B 1 53 ? -5.511  -9.695  -6.023  1.00 45.50 ? 53  LEU B CD1 1 
ATOM   981  C  CD2 . LEU B 1 53 ? -5.726  -8.623  -3.764  1.00 40.67 ? 53  LEU B CD2 1 
ATOM   982  N  N   . LYS B 1 54 ? -7.104  -7.144  -8.178  1.00 34.80 ? 54  LYS B N   1 
ATOM   983  C  CA  . LYS B 1 54 ? -6.347  -7.055  -9.424  1.00 33.27 ? 54  LYS B CA  1 
ATOM   984  C  C   . LYS B 1 54 ? -5.815  -5.633  -9.617  1.00 33.16 ? 54  LYS B C   1 
ATOM   985  O  O   . LYS B 1 54 ? -4.715  -5.434  -10.148 1.00 31.48 ? 54  LYS B O   1 
ATOM   986  C  CB  . LYS B 1 54 ? -7.239  -7.431  -10.606 1.00 38.07 ? 54  LYS B CB  1 
ATOM   987  C  CG  . LYS B 1 54 ? -6.504  -7.620  -11.922 1.00 43.20 ? 54  LYS B CG  1 
ATOM   988  C  CD  . LYS B 1 54 ? -5.806  -8.970  -11.994 1.00 46.28 ? 54  LYS B CD  1 
ATOM   989  C  CE  . LYS B 1 54 ? -5.203  -9.191  -13.378 1.00 49.09 ? 54  LYS B CE  1 
ATOM   990  N  NZ  . LYS B 1 54 ? -4.762  -10.599 -13.575 1.00 49.25 ? 54  LYS B NZ  1 
ATOM   991  N  N   . ARG B 1 55 ? -6.592  -4.641  -9.179  1.00 30.22 ? 55  ARG B N   1 
ATOM   992  C  CA  . ARG B 1 55 ? -6.168  -3.256  -9.311  1.00 29.02 ? 55  ARG B CA  1 
ATOM   993  C  C   . ARG B 1 55 ? -4.978  -2.981  -8.403  1.00 29.13 ? 55  ARG B C   1 
ATOM   994  O  O   . ARG B 1 55 ? -4.052  -2.257  -8.782  1.00 27.10 ? 55  ARG B O   1 
ATOM   995  C  CB  . ARG B 1 55 ? -7.324  -2.320  -8.989  1.00 31.18 ? 55  ARG B CB  1 
ATOM   996  C  CG  . ARG B 1 55 ? -8.432  -2.380  -10.034 1.00 31.63 ? 55  ARG B CG  1 
ATOM   997  C  CD  . ARG B 1 55 ? -9.538  -1.424  -9.677  1.00 33.94 ? 55  ARG B CD  1 
ATOM   998  N  NE  . ARG B 1 55 ? -10.644 -1.445  -10.630 1.00 34.61 ? 55  ARG B NE  1 
ATOM   999  C  CZ  . ARG B 1 55 ? -11.760 -0.749  -10.457 1.00 32.84 ? 55  ARG B CZ  1 
ATOM   1000 N  NH1 . ARG B 1 55 ? -12.733 -0.811  -11.351 1.00 34.74 ? 55  ARG B NH1 1 
ATOM   1001 N  NH2 . ARG B 1 55 ? -11.897 0.001   -9.368  1.00 33.40 ? 55  ARG B NH2 1 
ATOM   1002 N  N   . ILE B 1 56 ? -4.997  -3.572  -7.207  1.00 27.16 ? 56  ILE B N   1 
ATOM   1003 C  CA  . ILE B 1 56 ? -3.898  -3.407  -6.272  1.00 26.86 ? 56  ILE B CA  1 
ATOM   1004 C  C   . ILE B 1 56 ? -2.676  -4.090  -6.867  1.00 27.23 ? 56  ILE B C   1 
ATOM   1005 O  O   . ILE B 1 56 ? -1.561  -3.585  -6.760  1.00 26.62 ? 56  ILE B O   1 
ATOM   1006 C  CB  . ILE B 1 56 ? -4.233  -4.027  -4.896  1.00 27.35 ? 56  ILE B CB  1 
ATOM   1007 C  CG1 . ILE B 1 56 ? -5.388  -3.242  -4.255  1.00 27.01 ? 56  ILE B CG1 1 
ATOM   1008 C  CG2 . ILE B 1 56 ? -2.998  -3.999  -3.987  1.00 24.01 ? 56  ILE B CG2 1 
ATOM   1009 C  CD1 . ILE B 1 56 ? -5.896  -3.821  -2.951  1.00 29.04 ? 56  ILE B CD1 1 
ATOM   1010 N  N   . GLN B 1 57 ? -2.889  -5.235  -7.507  1.00 28.19 ? 57  GLN B N   1 
ATOM   1011 C  CA  . GLN B 1 57 ? -1.786  -5.955  -8.125  1.00 28.63 ? 57  GLN B CA  1 
ATOM   1012 C  C   . GLN B 1 57 ? -1.177  -5.106  -9.234  1.00 27.12 ? 57  GLN B C   1 
ATOM   1013 O  O   . GLN B 1 57 ? 0.031   -5.121  -9.431  1.00 28.71 ? 57  GLN B O   1 
ATOM   1014 C  CB  . GLN B 1 57 ? -2.267  -7.296  -8.684  1.00 30.54 ? 57  GLN B CB  1 
ATOM   1015 C  CG  . GLN B 1 57 ? -2.530  -8.325  -7.605  1.00 33.00 ? 57  GLN B CG  1 
ATOM   1016 C  CD  . GLN B 1 57 ? -2.952  -9.661  -8.156  1.00 37.08 ? 57  GLN B CD  1 
ATOM   1017 O  OE1 . GLN B 1 57 ? -2.861  -10.683 -7.471  1.00 40.25 ? 57  GLN B OE1 1 
ATOM   1018 N  NE2 . GLN B 1 57 ? -3.419  -9.669  -9.397  1.00 36.79 ? 57  GLN B NE2 1 
ATOM   1019 N  N   . HIS B 1 58 ? -2.024  -4.364  -9.946  1.00 26.07 ? 58  HIS B N   1 
ATOM   1020 C  CA  . HIS B 1 58 ? -1.574  -3.490  -11.032 1.00 26.28 ? 58  HIS B CA  1 
ATOM   1021 C  C   . HIS B 1 58 ? -0.714  -2.362  -10.474 1.00 27.11 ? 58  HIS B C   1 
ATOM   1022 O  O   . HIS B 1 58 ? 0.353   -2.047  -11.012 1.00 26.55 ? 58  HIS B O   1 
ATOM   1023 C  CB  . HIS B 1 58 ? -2.774  -2.890  -11.776 1.00 25.86 ? 58  HIS B CB  1 
ATOM   1024 C  CG  . HIS B 1 58 ? -3.515  -3.872  -12.626 1.00 26.83 ? 58  HIS B CG  1 
ATOM   1025 N  ND1 . HIS B 1 58 ? -4.772  -3.621  -13.128 1.00 28.90 ? 58  HIS B ND1 1 
ATOM   1026 C  CD2 . HIS B 1 58 ? -3.168  -5.102  -13.080 1.00 28.01 ? 58  HIS B CD2 1 
ATOM   1027 C  CE1 . HIS B 1 58 ? -5.169  -4.649  -13.856 1.00 27.75 ? 58  HIS B CE1 1 
ATOM   1028 N  NE2 . HIS B 1 58 ? -4.213  -5.561  -13.844 1.00 28.94 ? 58  HIS B NE2 1 
ATOM   1029 N  N   . LEU B 1 59 ? -1.196  -1.741  -9.402  1.00 26.35 ? 59  LEU B N   1 
ATOM   1030 C  CA  . LEU B 1 59 ? -0.474  -0.656  -8.750  1.00 26.43 ? 59  LEU B CA  1 
ATOM   1031 C  C   . LEU B 1 59 ? 0.867   -1.159  -8.230  1.00 26.87 ? 59  LEU B C   1 
ATOM   1032 O  O   . LEU B 1 59 ? 1.883   -0.464  -8.310  1.00 27.78 ? 59  LEU B O   1 
ATOM   1033 C  CB  . LEU B 1 59 ? -1.287  -0.106  -7.574  1.00 25.60 ? 59  LEU B CB  1 
ATOM   1034 C  CG  . LEU B 1 59 ? -0.479  0.722   -6.573  1.00 25.23 ? 59  LEU B CG  1 
ATOM   1035 C  CD1 . LEU B 1 59 ? -0.154  2.072   -7.195  1.00 25.57 ? 59  LEU B CD1 1 
ATOM   1036 C  CD2 . LEU B 1 59 ? -1.265  0.907   -5.279  1.00 22.12 ? 59  LEU B CD2 1 
ATOM   1037 N  N   . ASP B 1 60 ? 0.860   -2.371  -7.690  1.00 28.24 ? 60  ASP B N   1 
ATOM   1038 C  CA  . ASP B 1 60 ? 2.069   -2.954  -7.140  1.00 29.47 ? 60  ASP B CA  1 
ATOM   1039 C  C   . ASP B 1 60 ? 3.123   -3.166  -8.214  1.00 29.98 ? 60  ASP B C   1 
ATOM   1040 O  O   . ASP B 1 60 ? 4.302   -2.906  -7.991  1.00 30.40 ? 60  ASP B O   1 
ATOM   1041 C  CB  . ASP B 1 60 ? 1.758   -4.284  -6.461  1.00 30.91 ? 60  ASP B CB  1 
ATOM   1042 C  CG  . ASP B 1 60 ? 2.871   -4.731  -5.535  1.00 32.47 ? 60  ASP B CG  1 
ATOM   1043 O  OD1 . ASP B 1 60 ? 3.344   -5.880  -5.666  1.00 34.91 ? 60  ASP B OD1 1 
ATOM   1044 O  OD2 . ASP B 1 60 ? 3.269   -3.926  -4.668  1.00 33.84 ? 60  ASP B OD2 1 
ATOM   1045 N  N   . GLU B 1 61 ? 2.692   -3.645  -9.375  1.00 30.71 ? 61  GLU B N   1 
ATOM   1046 C  CA  . GLU B 1 61 ? 3.597   -3.893  -10.485 1.00 32.35 ? 61  GLU B CA  1 
ATOM   1047 C  C   . GLU B 1 61 ? 4.104   -2.566  -11.034 1.00 31.51 ? 61  GLU B C   1 
ATOM   1048 O  O   . GLU B 1 61 ? 5.267   -2.447  -11.413 1.00 31.81 ? 61  GLU B O   1 
ATOM   1049 C  CB  . GLU B 1 61 ? 2.875   -4.685  -11.586 1.00 34.45 ? 61  GLU B CB  1 
ATOM   1050 C  CG  . GLU B 1 61 ? 3.767   -5.136  -12.727 1.00 37.92 ? 61  GLU B CG  1 
ATOM   1051 C  CD  . GLU B 1 61 ? 3.001   -5.891  -13.803 1.00 42.07 ? 61  GLU B CD  1 
ATOM   1052 O  OE1 . GLU B 1 61 ? 2.240   -6.823  -13.453 1.00 42.38 ? 61  GLU B OE1 1 
ATOM   1053 O  OE2 . GLU B 1 61 ? 3.164   -5.555  -14.997 1.00 43.43 ? 61  GLU B OE2 1 
ATOM   1054 N  N   . ALA B 1 62 ? 3.224   -1.569  -11.074 1.00 31.70 ? 62  ALA B N   1 
ATOM   1055 C  CA  . ALA B 1 62 ? 3.596   -0.246  -11.562 1.00 29.89 ? 62  ALA B CA  1 
ATOM   1056 C  C   . ALA B 1 62 ? 4.665   0.314   -10.635 1.00 30.55 ? 62  ALA B C   1 
ATOM   1057 O  O   . ALA B 1 62 ? 5.642   0.914   -11.087 1.00 30.96 ? 62  ALA B O   1 
ATOM   1058 C  CB  . ALA B 1 62 ? 2.387   0.676   -11.576 1.00 28.50 ? 62  ALA B CB  1 
ATOM   1059 N  N   . TYR B 1 63 ? 4.484   0.105   -9.334  1.00 30.02 ? 63  TYR B N   1 
ATOM   1060 C  CA  . TYR B 1 63 ? 5.447   0.587   -8.353  1.00 30.52 ? 63  TYR B CA  1 
ATOM   1061 C  C   . TYR B 1 63 ? 6.811   -0.073  -8.552  1.00 30.88 ? 63  TYR B C   1 
ATOM   1062 O  O   . TYR B 1 63 ? 7.844   0.599   -8.510  1.00 30.98 ? 63  TYR B O   1 
ATOM   1063 C  CB  . TYR B 1 63 ? 4.954   0.298   -6.938  1.00 29.64 ? 63  TYR B CB  1 
ATOM   1064 C  CG  . TYR B 1 63 ? 5.919   0.702   -5.833  1.00 28.74 ? 63  TYR B CG  1 
ATOM   1065 C  CD1 . TYR B 1 63 ? 5.712   1.862   -5.092  1.00 29.35 ? 63  TYR B CD1 1 
ATOM   1066 C  CD2 . TYR B 1 63 ? 6.999   -0.103  -5.496  1.00 28.14 ? 63  TYR B CD2 1 
ATOM   1067 C  CE1 . TYR B 1 63 ? 6.544   2.205   -4.037  1.00 28.79 ? 63  TYR B CE1 1 
ATOM   1068 C  CE2 . TYR B 1 63 ? 7.845   0.229   -4.443  1.00 30.93 ? 63  TYR B CE2 1 
ATOM   1069 C  CZ  . TYR B 1 63 ? 7.606   1.383   -3.713  1.00 30.30 ? 63  TYR B CZ  1 
ATOM   1070 O  OH  . TYR B 1 63 ? 8.402   1.690   -2.637  1.00 31.77 ? 63  TYR B OH  1 
ATOM   1071 N  N   . ASN B 1 64 ? 6.818   -1.387  -8.758  1.00 29.82 ? 64  ASN B N   1 
ATOM   1072 C  CA  . ASN B 1 64 ? 8.082   -2.091  -8.942  1.00 31.12 ? 64  ASN B CA  1 
ATOM   1073 C  C   . ASN B 1 64 ? 8.818   -1.623  -10.192 1.00 32.11 ? 64  ASN B C   1 
ATOM   1074 O  O   . ASN B 1 64 ? 10.036  -1.463  -10.174 1.00 31.45 ? 64  ASN B O   1 
ATOM   1075 C  CB  . ASN B 1 64 ? 7.864   -3.606  -9.001  1.00 32.65 ? 64  ASN B CB  1 
ATOM   1076 C  CG  . ASN B 1 64 ? 7.391   -4.182  -7.679  1.00 34.22 ? 64  ASN B CG  1 
ATOM   1077 O  OD1 . ASN B 1 64 ? 7.767   -3.700  -6.610  1.00 34.41 ? 64  ASN B OD1 1 
ATOM   1078 N  ND2 . ASN B 1 64 ? 6.583   -5.235  -7.743  1.00 36.81 ? 64  ASN B ND2 1 
ATOM   1079 N  N   . LYS B 1 65 ? 8.071   -1.400  -11.273 1.00 34.71 ? 65  LYS B N   1 
ATOM   1080 C  CA  . LYS B 1 65 ? 8.648   -0.949  -12.539 1.00 35.43 ? 65  LYS B CA  1 
ATOM   1081 C  C   . LYS B 1 65 ? 9.231   0.449   -12.420 1.00 35.57 ? 65  LYS B C   1 
ATOM   1082 O  O   . LYS B 1 65 ? 10.375  0.691   -12.804 1.00 36.32 ? 65  LYS B O   1 
ATOM   1083 C  CB  . LYS B 1 65 ? 7.586   -0.962  -13.640 1.00 36.34 ? 65  LYS B CB  1 
ATOM   1084 C  CG  . LYS B 1 65 ? 7.209   -2.355  -14.117 1.00 38.04 ? 65  LYS B CG  1 
ATOM   1085 C  CD  . LYS B 1 65 ? 6.131   -2.303  -15.191 1.00 37.32 ? 65  LYS B CD  1 
ATOM   1086 C  CE  . LYS B 1 65 ? 5.922   -3.674  -15.828 1.00 41.27 ? 65  LYS B CE  1 
ATOM   1087 N  NZ  . LYS B 1 65 ? 7.125   -4.114  -16.602 1.00 42.29 ? 65  LYS B NZ  1 
ATOM   1088 N  N   . VAL B 1 66 ? 8.437   1.370   -11.887 1.00 35.21 ? 66  VAL B N   1 
ATOM   1089 C  CA  . VAL B 1 66 ? 8.879   2.740   -11.714 1.00 35.07 ? 66  VAL B CA  1 
ATOM   1090 C  C   . VAL B 1 66 ? 10.108  2.786   -10.807 1.00 36.84 ? 66  VAL B C   1 
ATOM   1091 O  O   . VAL B 1 66 ? 11.051  3.529   -11.078 1.00 35.92 ? 66  VAL B O   1 
ATOM   1092 C  CB  . VAL B 1 66 ? 7.741   3.605   -11.123 1.00 34.82 ? 66  VAL B CB  1 
ATOM   1093 C  CG1 . VAL B 1 66 ? 8.252   4.991   -10.767 1.00 35.30 ? 66  VAL B CG1 1 
ATOM   1094 C  CG2 . VAL B 1 66 ? 6.603   3.707   -12.132 1.00 35.75 ? 66  VAL B CG2 1 
ATOM   1095 N  N   . LYS B 1 67 ? 10.116  1.982   -9.747  1.00 37.23 ? 67  LYS B N   1 
ATOM   1096 C  CA  . LYS B 1 67 ? 11.260  1.976   -8.835  1.00 42.08 ? 67  LYS B CA  1 
ATOM   1097 C  C   . LYS B 1 67 ? 12.574  1.594   -9.528  1.00 44.03 ? 67  LYS B C   1 
ATOM   1098 O  O   . LYS B 1 67 ? 13.618  2.185   -9.244  1.00 44.02 ? 67  LYS B O   1 
ATOM   1099 C  CB  . LYS B 1 67 ? 11.021  1.033   -7.656  1.00 42.46 ? 67  LYS B CB  1 
ATOM   1100 C  CG  . LYS B 1 67 ? 12.068  1.179   -6.560  1.00 44.61 ? 67  LYS B CG  1 
ATOM   1101 C  CD  . LYS B 1 67 ? 11.936  0.111   -5.491  1.00 45.26 ? 67  LYS B CD  1 
ATOM   1102 C  CE  . LYS B 1 67 ? 13.044  0.242   -4.452  1.00 45.97 ? 67  LYS B CE  1 
ATOM   1103 N  NZ  . LYS B 1 67 ? 13.029  -0.892  -3.489  1.00 45.81 ? 67  LYS B NZ  1 
ATOM   1104 N  N   . ARG B 1 68 ? 12.526  0.615   -10.430 1.00 47.05 ? 68  ARG B N   1 
ATOM   1105 C  CA  . ARG B 1 68 ? 13.728  0.189   -11.149 1.00 50.11 ? 68  ARG B CA  1 
ATOM   1106 C  C   . ARG B 1 68 ? 14.300  1.310   -12.002 1.00 52.01 ? 68  ARG B C   1 
ATOM   1107 O  O   . ARG B 1 68 ? 15.515  1.494   -12.063 1.00 53.30 ? 68  ARG B O   1 
ATOM   1108 C  CB  . ARG B 1 68 ? 13.437  -1.005  -12.058 1.00 50.57 ? 68  ARG B CB  1 
ATOM   1109 C  CG  . ARG B 1 68 ? 13.026  -2.260  -11.345 1.00 51.82 ? 68  ARG B CG  1 
ATOM   1110 C  CD  . ARG B 1 68 ? 13.224  -3.469  -12.239 1.00 51.66 ? 68  ARG B CD  1 
ATOM   1111 N  NE  . ARG B 1 68 ? 12.543  -4.632  -11.688 1.00 52.66 ? 68  ARG B NE  1 
ATOM   1112 C  CZ  . ARG B 1 68 ? 11.284  -4.957  -11.960 1.00 53.43 ? 68  ARG B CZ  1 
ATOM   1113 N  NH1 . ARG B 1 68 ? 10.568  -4.211  -12.789 1.00 52.76 ? 68  ARG B NH1 1 
ATOM   1114 N  NH2 . ARG B 1 68 ? 10.736  -6.021  -11.390 1.00 55.37 ? 68  ARG B NH2 1 
ATOM   1115 N  N   . GLY B 1 69 ? 13.422  2.043   -12.677 1.00 53.23 ? 69  GLY B N   1 
ATOM   1116 C  CA  . GLY B 1 69 ? 13.876  3.138   -13.512 1.00 55.82 ? 69  GLY B CA  1 
ATOM   1117 C  C   . GLY B 1 69 ? 14.234  4.370   -12.701 1.00 57.69 ? 69  GLY B C   1 
ATOM   1118 O  O   . GLY B 1 69 ? 14.043  4.348   -11.465 1.00 58.66 ? 69  GLY B O   1 
HETATM 1119 S  S   . SO4 C 2 .  ? -10.797 -17.493 -4.998  0.50 36.75 ? 101 SO4 A S   1 
HETATM 1120 O  O1  . SO4 C 2 .  ? -9.915  -17.956 -3.921  0.50 33.78 ? 101 SO4 A O1  1 
HETATM 1121 O  O2  . SO4 C 2 .  ? -11.407 -18.653 -5.681  0.50 35.05 ? 101 SO4 A O2  1 
HETATM 1122 O  O3  . SO4 C 2 .  ? -10.005 -16.697 -5.976  0.50 35.30 ? 101 SO4 A O3  1 
HETATM 1123 O  O4  . SO4 C 2 .  ? -11.868 -16.656 -4.443  0.50 34.53 ? 101 SO4 A O4  1 
HETATM 1124 S  S   . SO4 D 2 .  ? 7.638   -6.724  -11.457 1.00 70.53 ? 102 SO4 B S   1 
HETATM 1125 O  O1  . SO4 D 2 .  ? 8.010   -5.469  -12.139 1.00 70.42 ? 102 SO4 B O1  1 
HETATM 1126 O  O2  . SO4 D 2 .  ? 8.422   -6.867  -10.212 1.00 69.07 ? 102 SO4 B O2  1 
HETATM 1127 O  O3  . SO4 D 2 .  ? 7.925   -7.867  -12.349 1.00 70.42 ? 102 SO4 B O3  1 
HETATM 1128 O  O4  . SO4 D 2 .  ? 6.200   -6.700  -11.128 1.00 70.36 ? 102 SO4 B O4  1 
HETATM 1129 O  O   . HOH E 3 .  ? 6.051   7.983   2.495   1.00 22.90 ? 102 HOH A O   1 
HETATM 1130 O  O   . HOH E 3 .  ? 8.052   13.338  11.730  1.00 30.26 ? 103 HOH A O   1 
HETATM 1131 O  O   . HOH E 3 .  ? -10.000 3.679   9.116   1.00 41.58 ? 104 HOH A O   1 
HETATM 1132 O  O   . HOH E 3 .  ? 16.735  10.127  7.304   1.00 29.66 ? 105 HOH A O   1 
HETATM 1133 O  O   . HOH E 3 .  ? -1.000  -16.589 4.269   1.00 37.73 ? 106 HOH A O   1 
HETATM 1134 O  O   . HOH E 3 .  ? 10.215  6.018   12.899  1.00 31.57 ? 107 HOH A O   1 
HETATM 1135 O  O   . HOH E 3 .  ? 8.279   -0.094  1.255   1.00 33.50 ? 108 HOH A O   1 
HETATM 1136 O  O   . HOH E 3 .  ? -6.536  -14.089 7.709   1.00 41.44 ? 109 HOH A O   1 
HETATM 1137 O  O   . HOH E 3 .  ? -1.675  -4.076  19.100  1.00 29.37 ? 110 HOH A O   1 
HETATM 1138 O  O   . HOH E 3 .  ? 6.123   11.330  11.080  1.00 34.32 ? 111 HOH A O   1 
HETATM 1139 O  O   . HOH E 3 .  ? 4.858   -7.866  9.675   1.00 35.12 ? 112 HOH A O   1 
HETATM 1140 O  O   . HOH E 3 .  ? 12.791  -0.479  18.985  1.00 54.46 ? 113 HOH A O   1 
HETATM 1141 O  O   . HOH E 3 .  ? -13.616 -9.381  2.072   1.00 42.34 ? 114 HOH A O   1 
HETATM 1142 O  O   . HOH E 3 .  ? -9.083  -7.245  13.202  1.00 41.84 ? 115 HOH A O   1 
HETATM 1143 O  O   . HOH E 3 .  ? 13.161  5.057   14.883  1.00 33.55 ? 116 HOH A O   1 
HETATM 1144 O  O   . HOH E 3 .  ? -12.927 -13.103 -6.332  1.00 55.66 ? 117 HOH A O   1 
HETATM 1145 O  O   . HOH E 3 .  ? 8.876   -7.311  4.073   1.00 42.32 ? 118 HOH A O   1 
HETATM 1146 O  O   . HOH E 3 .  ? -1.274  12.683  10.776  1.00 45.30 ? 119 HOH A O   1 
HETATM 1147 O  O   . HOH E 3 .  ? 6.461   -7.970  4.126   1.00 48.96 ? 120 HOH A O   1 
HETATM 1148 O  O   . HOH E 3 .  ? -5.749  8.654   10.517  1.00 49.24 ? 121 HOH A O   1 
HETATM 1149 O  O   . HOH E 3 .  ? -8.216  -12.026 10.837  1.00 66.32 ? 122 HOH A O   1 
HETATM 1150 O  O   . HOH E 3 .  ? -12.661 -10.222 10.448  1.00 49.56 ? 123 HOH A O   1 
HETATM 1151 O  O   . HOH E 3 .  ? -9.452  -10.664 12.546  1.00 51.90 ? 124 HOH A O   1 
HETATM 1152 O  O   . HOH E 3 .  ? 2.576   -13.994 0.363   1.00 40.83 ? 125 HOH A O   1 
HETATM 1153 O  O   . HOH E 3 .  ? 1.237   -14.639 2.947   1.00 61.99 ? 126 HOH A O   1 
HETATM 1154 O  O   . HOH E 3 .  ? 3.183   -9.693  8.596   1.00 63.61 ? 127 HOH A O   1 
HETATM 1155 O  O   . HOH E 3 .  ? 1.140   -8.900  -7.523  1.00 42.48 ? 128 HOH A O   1 
HETATM 1156 O  O   . HOH E 3 .  ? 10.120  7.672   14.963  1.00 52.83 ? 129 HOH A O   1 
HETATM 1157 O  O   . HOH E 3 .  ? -10.646 -1.295  12.266  1.00 47.62 ? 130 HOH A O   1 
HETATM 1158 O  O   . HOH E 3 .  ? 3.922   -1.968  20.560  1.00 57.14 ? 131 HOH A O   1 
HETATM 1159 O  O   . HOH E 3 .  ? -3.211  3.233   18.337  1.00 47.81 ? 132 HOH A O   1 
HETATM 1160 O  O   . HOH E 3 .  ? 6.505   -0.799  20.252  1.00 46.98 ? 133 HOH A O   1 
HETATM 1161 O  O   . HOH E 3 .  ? 5.312   11.791  15.123  1.00 53.28 ? 134 HOH A O   1 
HETATM 1162 O  O   . HOH E 3 .  ? -8.731  5.521   16.655  1.00 55.61 ? 135 HOH A O   1 
HETATM 1163 O  O   . HOH E 3 .  ? -9.228  -4.870  16.960  1.00 62.16 ? 136 HOH A O   1 
HETATM 1164 O  O   . HOH E 3 .  ? -4.275  -16.843 11.814  1.00 57.13 ? 137 HOH A O   1 
HETATM 1165 O  O   . HOH E 3 .  ? 16.815  2.088   8.527   1.00 51.36 ? 138 HOH A O   1 
HETATM 1166 O  O   . HOH E 3 .  ? -6.798  8.495   5.824   1.00 45.45 ? 139 HOH A O   1 
HETATM 1167 O  O   . HOH F 3 .  ? 7.871   6.108   2.893   1.00 23.15 ? 103 HOH B O   1 
HETATM 1168 O  O   . HOH F 3 .  ? 10.132  1.780   0.828   1.00 41.22 ? 104 HOH B O   1 
HETATM 1169 O  O   . HOH F 3 .  ? -2.581  -3.718  -16.562 1.00 33.01 ? 105 HOH B O   1 
HETATM 1170 O  O   . HOH F 3 .  ? 9.759   13.124  -5.574  1.00 36.41 ? 106 HOH B O   1 
HETATM 1171 O  O   . HOH F 3 .  ? 14.109  8.100   -3.186  1.00 44.30 ? 107 HOH B O   1 
HETATM 1172 O  O   . HOH F 3 .  ? 5.829   -3.203  -4.534  1.00 39.95 ? 108 HOH B O   1 
HETATM 1173 O  O   . HOH F 3 .  ? 7.359   20.027  -6.659  1.00 42.34 ? 109 HOH B O   1 
HETATM 1174 O  O   . HOH F 3 .  ? 4.079   21.302  -5.614  1.00 56.62 ? 110 HOH B O   1 
HETATM 1175 O  O   . HOH F 3 .  ? 10.990  0.585   -2.169  1.00 42.14 ? 111 HOH B O   1 
HETATM 1176 O  O   . HOH F 3 .  ? -10.908 -0.903  -15.397 1.00 35.44 ? 112 HOH B O   1 
HETATM 1177 O  O   . HOH F 3 .  ? 9.045   15.630  2.255   1.00 33.71 ? 113 HOH B O   1 
HETATM 1178 O  O   . HOH F 3 .  ? -16.770 -4.973  -10.232 1.00 38.83 ? 114 HOH B O   1 
HETATM 1179 O  O   . HOH F 3 .  ? -7.108  7.150   0.524   1.00 45.64 ? 115 HOH B O   1 
HETATM 1180 O  O   . HOH F 3 .  ? -13.978 -5.353  -3.216  1.00 37.44 ? 116 HOH B O   1 
HETATM 1181 O  O   . HOH F 3 .  ? 14.301  11.643  -4.568  1.00 38.69 ? 117 HOH B O   1 
HETATM 1182 O  O   . HOH F 3 .  ? -10.051 -2.518  -13.104 1.00 42.13 ? 118 HOH B O   1 
HETATM 1183 O  O   . HOH F 3 .  ? 9.821   -2.797  -5.794  1.00 49.05 ? 119 HOH B O   1 
HETATM 1184 O  O   . HOH F 3 .  ? -5.489  8.645   -16.472 1.00 47.55 ? 120 HOH B O   1 
HETATM 1185 O  O   . HOH F 3 .  ? -8.243  7.419   -19.052 1.00 47.92 ? 121 HOH B O   1 
HETATM 1186 O  O   . HOH F 3 .  ? -9.551  0.608   -21.940 1.00 42.37 ? 122 HOH B O   1 
HETATM 1187 O  O   . HOH F 3 .  ? -7.758  4.478   -24.517 1.00 50.78 ? 123 HOH B O   1 
HETATM 1188 O  O   . HOH F 3 .  ? -3.879  -0.903  -20.769 1.00 47.76 ? 124 HOH B O   1 
HETATM 1189 O  O   . HOH F 3 .  ? 2.224   4.628   -18.422 1.00 40.58 ? 125 HOH B O   1 
HETATM 1190 O  O   . HOH F 3 .  ? 4.185   6.758   -18.209 1.00 41.45 ? 126 HOH B O   1 
HETATM 1191 O  O   . HOH F 3 .  ? 5.926   11.989  -16.127 1.00 54.98 ? 127 HOH B O   1 
HETATM 1192 O  O   . HOH F 3 .  ? 7.287   19.931  -11.271 1.00 54.68 ? 128 HOH B O   1 
HETATM 1193 O  O   . HOH F 3 .  ? 9.390   10.810  -12.680 1.00 46.49 ? 129 HOH B O   1 
HETATM 1194 O  O   . HOH F 3 .  ? -7.573  -2.338  -14.597 1.00 51.06 ? 130 HOH B O   1 
HETATM 1195 O  O   . HOH F 3 .  ? 3.464   2.580   -19.028 1.00 39.64 ? 131 HOH B O   1 
HETATM 1196 O  O   . HOH F 3 .  ? 7.120   10.155  -17.738 1.00 57.56 ? 132 HOH B O   1 
HETATM 1197 O  O   . HOH F 3 .  ? 12.138  13.943  -6.505  1.00 44.15 ? 133 HOH B O   1 
HETATM 1198 O  O   . HOH F 3 .  ? 15.671  6.645   -10.065 1.00 58.74 ? 134 HOH B O   1 
HETATM 1199 O  O   . HOH F 3 .  ? 10.973  9.046   -11.099 1.00 65.04 ? 135 HOH B O   1 
HETATM 1200 O  O   . HOH F 3 .  ? 16.178  3.644   -10.278 1.00 48.58 ? 136 HOH B O   1 
HETATM 1201 O  O   . HOH F 3 .  ? 10.514  -3.738  -15.894 1.00 50.40 ? 137 HOH B O   1 
HETATM 1202 O  O   . HOH F 3 .  ? 14.497  -5.212  -9.515  1.00 55.30 ? 138 HOH B O   1 
HETATM 1203 O  O   . HOH F 3 .  ? 14.206  -3.433  -5.615  1.00 47.05 ? 139 HOH B O   1 
# 
